data_2GF4
# 
_entry.id   2GF4 
# 
_audit_conform.dict_name       mmcif_pdbx.dic 
_audit_conform.dict_version    5.399 
_audit_conform.dict_location   http://mmcif.pdb.org/dictionaries/ascii/mmcif_pdbx.dic 
# 
loop_
_database_2.database_id 
_database_2.database_code 
_database_2.pdbx_database_accession 
_database_2.pdbx_DOI 
PDB   2GF4         pdb_00002gf4 10.2210/pdb2gf4/pdb 
RCSB  RCSB037039   ?            ?                   
WWPDB D_1000037039 ?            ?                   
# 
loop_
_pdbx_audit_revision_history.ordinal 
_pdbx_audit_revision_history.data_content_type 
_pdbx_audit_revision_history.major_revision 
_pdbx_audit_revision_history.minor_revision 
_pdbx_audit_revision_history.revision_date 
1 'Structure model' 1 0 2006-04-18 
2 'Structure model' 1 1 2008-05-01 
3 'Structure model' 1 2 2011-07-13 
4 'Structure model' 1 3 2017-10-18 
5 'Structure model' 1 4 2024-11-20 
# 
_pdbx_audit_revision_details.ordinal             1 
_pdbx_audit_revision_details.revision_ordinal    1 
_pdbx_audit_revision_details.data_content_type   'Structure model' 
_pdbx_audit_revision_details.provider            repository 
_pdbx_audit_revision_details.type                'Initial release' 
_pdbx_audit_revision_details.description         ? 
_pdbx_audit_revision_details.details             ? 
# 
loop_
_pdbx_audit_revision_group.ordinal 
_pdbx_audit_revision_group.revision_ordinal 
_pdbx_audit_revision_group.data_content_type 
_pdbx_audit_revision_group.group 
1 2 'Structure model' 'Version format compliance' 
2 3 'Structure model' 'Derived calculations'      
3 3 'Structure model' 'Source and taxonomy'       
4 3 'Structure model' 'Version format compliance' 
5 4 'Structure model' 'Refinement description'    
6 5 'Structure model' 'Data collection'           
7 5 'Structure model' 'Database references'       
8 5 'Structure model' 'Derived calculations'      
9 5 'Structure model' 'Structure summary'         
# 
loop_
_pdbx_audit_revision_category.ordinal 
_pdbx_audit_revision_category.revision_ordinal 
_pdbx_audit_revision_category.data_content_type 
_pdbx_audit_revision_category.category 
1  4 'Structure model' software                  
2  5 'Structure model' chem_comp_atom            
3  5 'Structure model' chem_comp_bond            
4  5 'Structure model' database_2                
5  5 'Structure model' pdbx_entry_details        
6  5 'Structure model' pdbx_modification_feature 
7  5 'Structure model' pdbx_struct_conn_angle    
8  5 'Structure model' struct_conn               
9  5 'Structure model' struct_ref_seq_dif        
10 5 'Structure model' struct_site               
# 
loop_
_pdbx_audit_revision_item.ordinal 
_pdbx_audit_revision_item.revision_ordinal 
_pdbx_audit_revision_item.data_content_type 
_pdbx_audit_revision_item.item 
1  4 'Structure model' '_software.classification'                    
2  4 'Structure model' '_software.contact_author'                    
3  4 'Structure model' '_software.contact_author_email'              
4  4 'Structure model' '_software.date'                              
5  4 'Structure model' '_software.language'                          
6  4 'Structure model' '_software.location'                          
7  4 'Structure model' '_software.name'                              
8  4 'Structure model' '_software.type'                              
9  4 'Structure model' '_software.version'                           
10 5 'Structure model' '_database_2.pdbx_DOI'                        
11 5 'Structure model' '_database_2.pdbx_database_accession'         
12 5 'Structure model' '_pdbx_struct_conn_angle.ptnr1_auth_asym_id'  
13 5 'Structure model' '_pdbx_struct_conn_angle.ptnr1_auth_comp_id'  
14 5 'Structure model' '_pdbx_struct_conn_angle.ptnr1_auth_seq_id'   
15 5 'Structure model' '_pdbx_struct_conn_angle.ptnr1_label_asym_id' 
16 5 'Structure model' '_pdbx_struct_conn_angle.ptnr1_label_atom_id' 
17 5 'Structure model' '_pdbx_struct_conn_angle.ptnr1_label_comp_id' 
18 5 'Structure model' '_pdbx_struct_conn_angle.ptnr1_label_seq_id'  
19 5 'Structure model' '_pdbx_struct_conn_angle.ptnr1_symmetry'      
20 5 'Structure model' '_pdbx_struct_conn_angle.ptnr3_auth_asym_id'  
21 5 'Structure model' '_pdbx_struct_conn_angle.ptnr3_auth_comp_id'  
22 5 'Structure model' '_pdbx_struct_conn_angle.ptnr3_auth_seq_id'   
23 5 'Structure model' '_pdbx_struct_conn_angle.ptnr3_label_asym_id' 
24 5 'Structure model' '_pdbx_struct_conn_angle.ptnr3_label_atom_id' 
25 5 'Structure model' '_pdbx_struct_conn_angle.ptnr3_label_comp_id' 
26 5 'Structure model' '_pdbx_struct_conn_angle.ptnr3_label_seq_id'  
27 5 'Structure model' '_pdbx_struct_conn_angle.ptnr3_symmetry'      
28 5 'Structure model' '_pdbx_struct_conn_angle.value'               
29 5 'Structure model' '_struct_conn.conn_type_id'                   
30 5 'Structure model' '_struct_conn.id'                             
31 5 'Structure model' '_struct_conn.pdbx_dist_value'                
32 5 'Structure model' '_struct_conn.pdbx_leaving_atom_flag'         
33 5 'Structure model' '_struct_conn.ptnr1_auth_asym_id'             
34 5 'Structure model' '_struct_conn.ptnr1_auth_comp_id'             
35 5 'Structure model' '_struct_conn.ptnr1_auth_seq_id'              
36 5 'Structure model' '_struct_conn.ptnr1_label_asym_id'            
37 5 'Structure model' '_struct_conn.ptnr1_label_atom_id'            
38 5 'Structure model' '_struct_conn.ptnr1_label_comp_id'            
39 5 'Structure model' '_struct_conn.ptnr1_label_seq_id'             
40 5 'Structure model' '_struct_conn.ptnr1_symmetry'                 
41 5 'Structure model' '_struct_conn.ptnr2_auth_asym_id'             
42 5 'Structure model' '_struct_conn.ptnr2_auth_comp_id'             
43 5 'Structure model' '_struct_conn.ptnr2_auth_seq_id'              
44 5 'Structure model' '_struct_conn.ptnr2_label_asym_id'            
45 5 'Structure model' '_struct_conn.ptnr2_label_atom_id'            
46 5 'Structure model' '_struct_conn.ptnr2_label_comp_id'            
47 5 'Structure model' '_struct_conn.ptnr2_label_seq_id'             
48 5 'Structure model' '_struct_conn.ptnr2_symmetry'                 
49 5 'Structure model' '_struct_ref_seq_dif.details'                 
50 5 'Structure model' '_struct_site.pdbx_auth_asym_id'              
51 5 'Structure model' '_struct_site.pdbx_auth_comp_id'              
52 5 'Structure model' '_struct_site.pdbx_auth_seq_id'               
# 
_pdbx_database_status.entry_id                        2GF4 
_pdbx_database_status.deposit_site                    RCSB 
_pdbx_database_status.process_site                    RCSB 
_pdbx_database_status.recvd_initial_deposition_date   2006-03-21 
_pdbx_database_status.status_code                     REL 
_pdbx_database_status.status_code_sf                  REL 
_pdbx_database_status.status_code_mr                  ? 
_pdbx_database_status.SG_entry                        Y 
_pdbx_database_status.pdb_format_compatible           Y 
_pdbx_database_status.status_code_cs                  ? 
_pdbx_database_status.methods_development_category    ? 
_pdbx_database_status.status_code_nmr_data            ? 
# 
_pdbx_database_related.db_name        TargetDB 
_pdbx_database_related.db_id          HsR14 
_pdbx_database_related.details        . 
_pdbx_database_related.content_type   unspecified 
# 
loop_
_audit_author.name 
_audit_author.pdbx_ordinal 
'Benach, J.'                                      1  
'Zhou, W.'                                        2  
'Jayaraman, S.'                                   3  
'Forouhar, F.F.'                                  4  
'Janjua, H.'                                      5  
'Xiao, R.'                                        6  
'Ma, L.-C.'                                       7  
'Cunningham, K.'                                  8  
'Wang, D.'                                        9  
'Acton, T.B.'                                     10 
'Montelione, G.T.'                                11 
'Tong, L.'                                        12 
'Hunt, J.F.'                                      13 
'Northeast Structural Genomics Consortium (NESG)' 14 
# 
_citation.id                        primary 
_citation.title                     
'Crystal structure of Vng1086c from Halobacterium salinarium (Halobacterium halobium). Northeast Structural Genomics Target HsR14' 
_citation.journal_abbrev            'To be Published' 
_citation.journal_volume            ? 
_citation.page_first                ? 
_citation.page_last                 ? 
_citation.year                      ? 
_citation.journal_id_ASTM           ? 
_citation.country                   ? 
_citation.journal_id_ISSN           ? 
_citation.journal_id_CSD            0353 
_citation.book_publisher            ? 
_citation.pdbx_database_id_PubMed   ? 
_citation.pdbx_database_id_DOI      ? 
# 
loop_
_citation_author.citation_id 
_citation_author.name 
_citation_author.ordinal 
_citation_author.identifier_ORCID 
primary 'Benach, J.'       1  ? 
primary 'Zhou, W.'         2  ? 
primary 'Jayaraman, S.'    3  ? 
primary 'Forouhar, F.F.'   4  ? 
primary 'Janjua, H.'       5  ? 
primary 'Xiao, R.'         6  ? 
primary 'Ma, L.-C.'        7  ? 
primary 'Cunningham, K.'   8  ? 
primary 'Wang, D.'         9  ? 
primary 'Acton, T.B.'      10 ? 
primary 'Montelione, G.T.' 11 ? 
primary 'Tong, L.'         12 ? 
primary 'Hunt, J.F.'       13 ? 
# 
loop_
_entity.id 
_entity.type 
_entity.src_method 
_entity.pdbx_description 
_entity.formula_weight 
_entity.pdbx_number_of_molecules 
_entity.pdbx_ec 
_entity.pdbx_mutation 
_entity.pdbx_fragment 
_entity.details 
1 polymer     man 'Protein Vng1086c' 11655.225 2   ? ? ? ? 
2 non-polymer syn 'CALCIUM ION'      40.078    2   ? ? ? ? 
3 non-polymer syn 'ACETATE ION'      59.044    2   ? ? ? ? 
4 water       nat water              18.015    150 ? ? ? ? 
# 
_entity_poly.entity_id                      1 
_entity_poly.type                           'polypeptide(L)' 
_entity_poly.nstd_linkage                   no 
_entity_poly.nstd_monomer                   yes 
_entity_poly.pdbx_seq_one_letter_code       
;(MSE)HKDELLELHEQ(MSE)VNIKDQFLGFDHVDETAFAAYEELDVEPSHVHKSKSEHKHAVFLLGNALAAA(MSE)SE
DEFSSAGRISKR(MSE)EELADDASNQLLEHHHHHH
;
_entity_poly.pdbx_seq_one_letter_code_can   
;MHKDELLELHEQMVNIKDQFLGFDHVDETAFAAYEELDVEPSHVHKSKSEHKHAVFLLGNALAAAMSEDEFSSAGRISKR
MEELADDASNQLLEHHHHHH
;
_entity_poly.pdbx_strand_id                 A,B 
_entity_poly.pdbx_target_identifier         HsR14 
# 
loop_
_pdbx_entity_nonpoly.entity_id 
_pdbx_entity_nonpoly.name 
_pdbx_entity_nonpoly.comp_id 
2 'CALCIUM ION' CA  
3 'ACETATE ION' ACT 
4 water         HOH 
# 
loop_
_entity_poly_seq.entity_id 
_entity_poly_seq.num 
_entity_poly_seq.mon_id 
_entity_poly_seq.hetero 
1 1   MSE n 
1 2   HIS n 
1 3   LYS n 
1 4   ASP n 
1 5   GLU n 
1 6   LEU n 
1 7   LEU n 
1 8   GLU n 
1 9   LEU n 
1 10  HIS n 
1 11  GLU n 
1 12  GLN n 
1 13  MSE n 
1 14  VAL n 
1 15  ASN n 
1 16  ILE n 
1 17  LYS n 
1 18  ASP n 
1 19  GLN n 
1 20  PHE n 
1 21  LEU n 
1 22  GLY n 
1 23  PHE n 
1 24  ASP n 
1 25  HIS n 
1 26  VAL n 
1 27  ASP n 
1 28  GLU n 
1 29  THR n 
1 30  ALA n 
1 31  PHE n 
1 32  ALA n 
1 33  ALA n 
1 34  TYR n 
1 35  GLU n 
1 36  GLU n 
1 37  LEU n 
1 38  ASP n 
1 39  VAL n 
1 40  GLU n 
1 41  PRO n 
1 42  SER n 
1 43  HIS n 
1 44  VAL n 
1 45  HIS n 
1 46  LYS n 
1 47  SER n 
1 48  LYS n 
1 49  SER n 
1 50  GLU n 
1 51  HIS n 
1 52  LYS n 
1 53  HIS n 
1 54  ALA n 
1 55  VAL n 
1 56  PHE n 
1 57  LEU n 
1 58  LEU n 
1 59  GLY n 
1 60  ASN n 
1 61  ALA n 
1 62  LEU n 
1 63  ALA n 
1 64  ALA n 
1 65  ALA n 
1 66  MSE n 
1 67  SER n 
1 68  GLU n 
1 69  ASP n 
1 70  GLU n 
1 71  PHE n 
1 72  SER n 
1 73  SER n 
1 74  ALA n 
1 75  GLY n 
1 76  ARG n 
1 77  ILE n 
1 78  SER n 
1 79  LYS n 
1 80  ARG n 
1 81  MSE n 
1 82  GLU n 
1 83  GLU n 
1 84  LEU n 
1 85  ALA n 
1 86  ASP n 
1 87  ASP n 
1 88  ALA n 
1 89  SER n 
1 90  ASN n 
1 91  GLN n 
1 92  LEU n 
1 93  LEU n 
1 94  GLU n 
1 95  HIS n 
1 96  HIS n 
1 97  HIS n 
1 98  HIS n 
1 99  HIS n 
1 100 HIS n 
# 
_entity_src_gen.entity_id                          1 
_entity_src_gen.pdbx_src_id                        1 
_entity_src_gen.pdbx_alt_source_flag               sample 
_entity_src_gen.pdbx_seq_type                      ? 
_entity_src_gen.pdbx_beg_seq_num                   ? 
_entity_src_gen.pdbx_end_seq_num                   ? 
_entity_src_gen.gene_src_common_name               ? 
_entity_src_gen.gene_src_genus                     Halobacterium 
_entity_src_gen.pdbx_gene_src_gene                 VNG1086C 
_entity_src_gen.gene_src_species                   'Halobacterium salinarum' 
_entity_src_gen.gene_src_strain                    NRC-1 
_entity_src_gen.gene_src_tissue                    ? 
_entity_src_gen.gene_src_tissue_fraction           ? 
_entity_src_gen.gene_src_details                   ? 
_entity_src_gen.pdbx_gene_src_fragment             ? 
_entity_src_gen.pdbx_gene_src_scientific_name      'Halobacterium sp.' 
_entity_src_gen.pdbx_gene_src_ncbi_taxonomy_id     64091 
_entity_src_gen.pdbx_gene_src_variant              ? 
_entity_src_gen.pdbx_gene_src_cell_line            ? 
_entity_src_gen.pdbx_gene_src_atcc                 ? 
_entity_src_gen.pdbx_gene_src_organ                ? 
_entity_src_gen.pdbx_gene_src_organelle            ? 
_entity_src_gen.pdbx_gene_src_cell                 ? 
_entity_src_gen.pdbx_gene_src_cellular_location    ? 
_entity_src_gen.host_org_common_name               ? 
_entity_src_gen.pdbx_host_org_scientific_name      'Escherichia coli' 
_entity_src_gen.pdbx_host_org_ncbi_taxonomy_id     562 
_entity_src_gen.host_org_genus                     Escherichia 
_entity_src_gen.pdbx_host_org_gene                 ? 
_entity_src_gen.pdbx_host_org_organ                ? 
_entity_src_gen.host_org_species                   ? 
_entity_src_gen.pdbx_host_org_tissue               ? 
_entity_src_gen.pdbx_host_org_tissue_fraction      ? 
_entity_src_gen.pdbx_host_org_strain               XL10 
_entity_src_gen.pdbx_host_org_variant              ? 
_entity_src_gen.pdbx_host_org_cell_line            ? 
_entity_src_gen.pdbx_host_org_atcc                 ? 
_entity_src_gen.pdbx_host_org_culture_collection   ? 
_entity_src_gen.pdbx_host_org_cell                 ? 
_entity_src_gen.pdbx_host_org_organelle            ? 
_entity_src_gen.pdbx_host_org_cellular_location    ? 
_entity_src_gen.pdbx_host_org_vector_type          Plasmid 
_entity_src_gen.pdbx_host_org_vector               ? 
_entity_src_gen.host_org_details                   ? 
_entity_src_gen.expression_system_id               ? 
_entity_src_gen.plasmid_name                       pET21 
_entity_src_gen.plasmid_details                    ? 
_entity_src_gen.pdbx_description                   ? 
# 
loop_
_chem_comp.id 
_chem_comp.type 
_chem_comp.mon_nstd_flag 
_chem_comp.name 
_chem_comp.pdbx_synonyms 
_chem_comp.formula 
_chem_comp.formula_weight 
ACT non-polymer         . 'ACETATE ION'    ? 'C2 H3 O2 -1'    59.044  
ALA 'L-peptide linking' y ALANINE          ? 'C3 H7 N O2'     89.093  
ARG 'L-peptide linking' y ARGININE         ? 'C6 H15 N4 O2 1' 175.209 
ASN 'L-peptide linking' y ASPARAGINE       ? 'C4 H8 N2 O3'    132.118 
ASP 'L-peptide linking' y 'ASPARTIC ACID'  ? 'C4 H7 N O4'     133.103 
CA  non-polymer         . 'CALCIUM ION'    ? 'Ca 2'           40.078  
GLN 'L-peptide linking' y GLUTAMINE        ? 'C5 H10 N2 O3'   146.144 
GLU 'L-peptide linking' y 'GLUTAMIC ACID'  ? 'C5 H9 N O4'     147.129 
GLY 'peptide linking'   y GLYCINE          ? 'C2 H5 N O2'     75.067  
HIS 'L-peptide linking' y HISTIDINE        ? 'C6 H10 N3 O2 1' 156.162 
HOH non-polymer         . WATER            ? 'H2 O'           18.015  
ILE 'L-peptide linking' y ISOLEUCINE       ? 'C6 H13 N O2'    131.173 
LEU 'L-peptide linking' y LEUCINE          ? 'C6 H13 N O2'    131.173 
LYS 'L-peptide linking' y LYSINE           ? 'C6 H15 N2 O2 1' 147.195 
MET 'L-peptide linking' y METHIONINE       ? 'C5 H11 N O2 S'  149.211 
MSE 'L-peptide linking' n SELENOMETHIONINE ? 'C5 H11 N O2 Se' 196.106 
PHE 'L-peptide linking' y PHENYLALANINE    ? 'C9 H11 N O2'    165.189 
PRO 'L-peptide linking' y PROLINE          ? 'C5 H9 N O2'     115.130 
SER 'L-peptide linking' y SERINE           ? 'C3 H7 N O3'     105.093 
THR 'L-peptide linking' y THREONINE        ? 'C4 H9 N O3'     119.119 
TYR 'L-peptide linking' y TYROSINE         ? 'C9 H11 N O3'    181.189 
VAL 'L-peptide linking' y VALINE           ? 'C5 H11 N O2'    117.146 
# 
loop_
_pdbx_poly_seq_scheme.asym_id 
_pdbx_poly_seq_scheme.entity_id 
_pdbx_poly_seq_scheme.seq_id 
_pdbx_poly_seq_scheme.mon_id 
_pdbx_poly_seq_scheme.ndb_seq_num 
_pdbx_poly_seq_scheme.pdb_seq_num 
_pdbx_poly_seq_scheme.auth_seq_num 
_pdbx_poly_seq_scheme.pdb_mon_id 
_pdbx_poly_seq_scheme.auth_mon_id 
_pdbx_poly_seq_scheme.pdb_strand_id 
_pdbx_poly_seq_scheme.pdb_ins_code 
_pdbx_poly_seq_scheme.hetero 
A 1 1   MSE 1   1   1  MSE MSE A . n 
A 1 2   HIS 2   2   2  HIS HIS A . n 
A 1 3   LYS 3   3   3  LYS LYS A . n 
A 1 4   ASP 4   4   4  ASP ASP A . n 
A 1 5   GLU 5   5   5  GLU GLU A . n 
A 1 6   LEU 6   6   6  LEU LEU A . n 
A 1 7   LEU 7   7   7  LEU LEU A . n 
A 1 8   GLU 8   8   8  GLU GLU A . n 
A 1 9   LEU 9   9   9  LEU LEU A . n 
A 1 10  HIS 10  10  10 HIS HIS A . n 
A 1 11  GLU 11  11  11 GLU GLU A . n 
A 1 12  GLN 12  12  12 GLN GLN A . n 
A 1 13  MSE 13  13  13 MSE MSE A . n 
A 1 14  VAL 14  14  14 VAL VAL A . n 
A 1 15  ASN 15  15  15 ASN ASN A . n 
A 1 16  ILE 16  16  16 ILE ILE A . n 
A 1 17  LYS 17  17  17 LYS LYS A . n 
A 1 18  ASP 18  18  18 ASP ASP A . n 
A 1 19  GLN 19  19  19 GLN GLN A . n 
A 1 20  PHE 20  20  20 PHE PHE A . n 
A 1 21  LEU 21  21  21 LEU LEU A . n 
A 1 22  GLY 22  22  22 GLY GLY A . n 
A 1 23  PHE 23  23  23 PHE PHE A . n 
A 1 24  ASP 24  24  24 ASP ASP A . n 
A 1 25  HIS 25  25  25 HIS HIS A . n 
A 1 26  VAL 26  26  26 VAL VAL A . n 
A 1 27  ASP 27  27  27 ASP ASP A . n 
A 1 28  GLU 28  28  28 GLU GLU A . n 
A 1 29  THR 29  29  29 THR THR A . n 
A 1 30  ALA 30  30  30 ALA ALA A . n 
A 1 31  PHE 31  31  31 PHE PHE A . n 
A 1 32  ALA 32  32  32 ALA ALA A . n 
A 1 33  ALA 33  33  33 ALA ALA A . n 
A 1 34  TYR 34  34  34 TYR TYR A . n 
A 1 35  GLU 35  35  35 GLU GLU A . n 
A 1 36  GLU 36  36  36 GLU GLU A . n 
A 1 37  LEU 37  37  37 LEU LEU A . n 
A 1 38  ASP 38  38  38 ASP ASP A . n 
A 1 39  VAL 39  39  39 VAL VAL A . n 
A 1 40  GLU 40  40  40 GLU GLU A . n 
A 1 41  PRO 41  41  41 PRO PRO A . n 
A 1 42  SER 42  42  42 SER SER A . n 
A 1 43  HIS 43  43  43 HIS HIS A . n 
A 1 44  VAL 44  44  44 VAL VAL A . n 
A 1 45  HIS 45  45  45 HIS HIS A . n 
A 1 46  LYS 46  46  46 LYS LYS A . n 
A 1 47  SER 47  47  47 SER SER A . n 
A 1 48  LYS 48  48  48 LYS LYS A . n 
A 1 49  SER 49  49  49 SER SER A . n 
A 1 50  GLU 50  50  50 GLU GLU A . n 
A 1 51  HIS 51  51  51 HIS HIS A . n 
A 1 52  LYS 52  52  52 LYS LYS A . n 
A 1 53  HIS 53  53  53 HIS HIS A . n 
A 1 54  ALA 54  54  54 ALA ALA A . n 
A 1 55  VAL 55  55  55 VAL VAL A . n 
A 1 56  PHE 56  56  56 PHE PHE A . n 
A 1 57  LEU 57  57  57 LEU LEU A . n 
A 1 58  LEU 58  58  58 LEU LEU A . n 
A 1 59  GLY 59  59  59 GLY GLY A . n 
A 1 60  ASN 60  60  60 ASN ASN A . n 
A 1 61  ALA 61  61  61 ALA ALA A . n 
A 1 62  LEU 62  62  62 LEU LEU A . n 
A 1 63  ALA 63  63  63 ALA ALA A . n 
A 1 64  ALA 64  64  64 ALA ALA A . n 
A 1 65  ALA 65  65  65 ALA ALA A . n 
A 1 66  MSE 66  66  66 MSE MSE A . n 
A 1 67  SER 67  67  67 SER SER A . n 
A 1 68  GLU 68  68  68 GLU GLU A . n 
A 1 69  ASP 69  69  69 ASP ASP A . n 
A 1 70  GLU 70  70  70 GLU GLU A . n 
A 1 71  PHE 71  71  71 PHE PHE A . n 
A 1 72  SER 72  72  72 SER SER A . n 
A 1 73  SER 73  73  73 SER SER A . n 
A 1 74  ALA 74  74  74 ALA ALA A . n 
A 1 75  GLY 75  75  75 GLY GLY A . n 
A 1 76  ARG 76  76  76 ARG ARG A . n 
A 1 77  ILE 77  77  77 ILE ILE A . n 
A 1 78  SER 78  78  78 SER SER A . n 
A 1 79  LYS 79  79  79 LYS LYS A . n 
A 1 80  ARG 80  80  80 ARG ARG A . n 
A 1 81  MSE 81  81  81 MSE MSE A . n 
A 1 82  GLU 82  82  82 GLU GLU A . n 
A 1 83  GLU 83  83  83 GLU GLU A . n 
A 1 84  LEU 84  84  84 LEU LEU A . n 
A 1 85  ALA 85  85  85 ALA ALA A . n 
A 1 86  ASP 86  86  86 ASP ASP A . n 
A 1 87  ASP 87  87  87 ASP ASP A . n 
A 1 88  ALA 88  88  88 ALA ALA A . n 
A 1 89  SER 89  89  89 SER SER A . n 
A 1 90  ASN 90  90  ?  ?   ?   A . n 
A 1 91  GLN 91  91  ?  ?   ?   A . n 
A 1 92  LEU 92  92  ?  ?   ?   A . n 
A 1 93  LEU 93  93  ?  ?   ?   A . n 
A 1 94  GLU 94  94  ?  ?   ?   A . n 
A 1 95  HIS 95  95  ?  ?   ?   A . n 
A 1 96  HIS 96  96  ?  ?   ?   A . n 
A 1 97  HIS 97  97  ?  ?   ?   A . n 
A 1 98  HIS 98  98  ?  ?   ?   A . n 
A 1 99  HIS 99  99  ?  ?   ?   A . n 
A 1 100 HIS 100 100 ?  ?   ?   A . n 
B 1 1   MSE 1   1   1  MSE MSE B . n 
B 1 2   HIS 2   2   2  HIS HIS B . n 
B 1 3   LYS 3   3   3  LYS LYS B . n 
B 1 4   ASP 4   4   4  ASP ASP B . n 
B 1 5   GLU 5   5   5  GLU GLU B . n 
B 1 6   LEU 6   6   6  LEU LEU B . n 
B 1 7   LEU 7   7   7  LEU LEU B . n 
B 1 8   GLU 8   8   8  GLU GLU B . n 
B 1 9   LEU 9   9   9  LEU LEU B . n 
B 1 10  HIS 10  10  10 HIS HIS B . n 
B 1 11  GLU 11  11  11 GLU GLU B . n 
B 1 12  GLN 12  12  12 GLN GLN B . n 
B 1 13  MSE 13  13  13 MSE MSE B . n 
B 1 14  VAL 14  14  14 VAL VAL B . n 
B 1 15  ASN 15  15  15 ASN ASN B . n 
B 1 16  ILE 16  16  16 ILE ILE B . n 
B 1 17  LYS 17  17  17 LYS LYS B . n 
B 1 18  ASP 18  18  18 ASP ASP B . n 
B 1 19  GLN 19  19  19 GLN GLN B . n 
B 1 20  PHE 20  20  20 PHE PHE B . n 
B 1 21  LEU 21  21  21 LEU LEU B . n 
B 1 22  GLY 22  22  22 GLY GLY B . n 
B 1 23  PHE 23  23  23 PHE PHE B . n 
B 1 24  ASP 24  24  24 ASP ASP B . n 
B 1 25  HIS 25  25  25 HIS HIS B . n 
B 1 26  VAL 26  26  26 VAL VAL B . n 
B 1 27  ASP 27  27  27 ASP ASP B . n 
B 1 28  GLU 28  28  28 GLU GLU B . n 
B 1 29  THR 29  29  29 THR THR B . n 
B 1 30  ALA 30  30  30 ALA ALA B . n 
B 1 31  PHE 31  31  31 PHE PHE B . n 
B 1 32  ALA 32  32  32 ALA ALA B . n 
B 1 33  ALA 33  33  33 ALA ALA B . n 
B 1 34  TYR 34  34  34 TYR TYR B . n 
B 1 35  GLU 35  35  35 GLU GLU B . n 
B 1 36  GLU 36  36  36 GLU GLU B . n 
B 1 37  LEU 37  37  37 LEU LEU B . n 
B 1 38  ASP 38  38  38 ASP ASP B . n 
B 1 39  VAL 39  39  39 VAL VAL B . n 
B 1 40  GLU 40  40  40 GLU GLU B . n 
B 1 41  PRO 41  41  41 PRO PRO B . n 
B 1 42  SER 42  42  42 SER SER B . n 
B 1 43  HIS 43  43  43 HIS HIS B . n 
B 1 44  VAL 44  44  44 VAL VAL B . n 
B 1 45  HIS 45  45  45 HIS HIS B . n 
B 1 46  LYS 46  46  46 LYS LYS B . n 
B 1 47  SER 47  47  47 SER SER B . n 
B 1 48  LYS 48  48  48 LYS LYS B . n 
B 1 49  SER 49  49  49 SER SER B . n 
B 1 50  GLU 50  50  50 GLU GLU B . n 
B 1 51  HIS 51  51  51 HIS HIS B . n 
B 1 52  LYS 52  52  52 LYS LYS B . n 
B 1 53  HIS 53  53  53 HIS HIS B . n 
B 1 54  ALA 54  54  54 ALA ALA B . n 
B 1 55  VAL 55  55  55 VAL VAL B . n 
B 1 56  PHE 56  56  56 PHE PHE B . n 
B 1 57  LEU 57  57  57 LEU LEU B . n 
B 1 58  LEU 58  58  58 LEU LEU B . n 
B 1 59  GLY 59  59  59 GLY GLY B . n 
B 1 60  ASN 60  60  60 ASN ASN B . n 
B 1 61  ALA 61  61  61 ALA ALA B . n 
B 1 62  LEU 62  62  62 LEU LEU B . n 
B 1 63  ALA 63  63  63 ALA ALA B . n 
B 1 64  ALA 64  64  64 ALA ALA B . n 
B 1 65  ALA 65  65  65 ALA ALA B . n 
B 1 66  MSE 66  66  66 MSE MSE B . n 
B 1 67  SER 67  67  67 SER SER B . n 
B 1 68  GLU 68  68  68 GLU GLU B . n 
B 1 69  ASP 69  69  69 ASP ASP B . n 
B 1 70  GLU 70  70  70 GLU GLU B . n 
B 1 71  PHE 71  71  71 PHE PHE B . n 
B 1 72  SER 72  72  72 SER SER B . n 
B 1 73  SER 73  73  73 SER SER B . n 
B 1 74  ALA 74  74  74 ALA ALA B . n 
B 1 75  GLY 75  75  75 GLY GLY B . n 
B 1 76  ARG 76  76  ?  ?   ?   B . n 
B 1 77  ILE 77  77  ?  ?   ?   B . n 
B 1 78  SER 78  78  ?  ?   ?   B . n 
B 1 79  LYS 79  79  ?  ?   ?   B . n 
B 1 80  ARG 80  80  ?  ?   ?   B . n 
B 1 81  MSE 81  81  ?  ?   ?   B . n 
B 1 82  GLU 82  82  ?  ?   ?   B . n 
B 1 83  GLU 83  83  ?  ?   ?   B . n 
B 1 84  LEU 84  84  ?  ?   ?   B . n 
B 1 85  ALA 85  85  ?  ?   ?   B . n 
B 1 86  ASP 86  86  ?  ?   ?   B . n 
B 1 87  ASP 87  87  ?  ?   ?   B . n 
B 1 88  ALA 88  88  ?  ?   ?   B . n 
B 1 89  SER 89  89  ?  ?   ?   B . n 
B 1 90  ASN 90  90  ?  ?   ?   B . n 
B 1 91  GLN 91  91  ?  ?   ?   B . n 
B 1 92  LEU 92  92  ?  ?   ?   B . n 
B 1 93  LEU 93  93  ?  ?   ?   B . n 
B 1 94  GLU 94  94  ?  ?   ?   B . n 
B 1 95  HIS 95  95  ?  ?   ?   B . n 
B 1 96  HIS 96  96  ?  ?   ?   B . n 
B 1 97  HIS 97  97  ?  ?   ?   B . n 
B 1 98  HIS 98  98  ?  ?   ?   B . n 
B 1 99  HIS 99  99  ?  ?   ?   B . n 
B 1 100 HIS 100 100 ?  ?   ?   B . n 
# 
loop_
_pdbx_nonpoly_scheme.asym_id 
_pdbx_nonpoly_scheme.entity_id 
_pdbx_nonpoly_scheme.mon_id 
_pdbx_nonpoly_scheme.ndb_seq_num 
_pdbx_nonpoly_scheme.pdb_seq_num 
_pdbx_nonpoly_scheme.auth_seq_num 
_pdbx_nonpoly_scheme.pdb_mon_id 
_pdbx_nonpoly_scheme.auth_mon_id 
_pdbx_nonpoly_scheme.pdb_strand_id 
_pdbx_nonpoly_scheme.pdb_ins_code 
C 2 CA  1  202 202 CA  CA  A . 
D 2 CA  1  201 201 CA  CA  B . 
E 3 ACT 1  801 801 ACT ACT B . 
F 3 ACT 1  802 802 ACT ACT B . 
G 4 HOH 1  203 3   HOH HOH A . 
G 4 HOH 2  204 4   HOH HOH A . 
G 4 HOH 3  205 6   HOH HOH A . 
G 4 HOH 4  206 10  HOH HOH A . 
G 4 HOH 5  207 11  HOH HOH A . 
G 4 HOH 6  208 17  HOH HOH A . 
G 4 HOH 7  209 19  HOH HOH A . 
G 4 HOH 8  210 20  HOH HOH A . 
G 4 HOH 9  211 21  HOH HOH A . 
G 4 HOH 10 212 24  HOH HOH A . 
G 4 HOH 11 213 25  HOH HOH A . 
G 4 HOH 12 214 28  HOH HOH A . 
G 4 HOH 13 215 30  HOH HOH A . 
G 4 HOH 14 216 32  HOH HOH A . 
G 4 HOH 15 217 33  HOH HOH A . 
G 4 HOH 16 218 34  HOH HOH A . 
G 4 HOH 17 219 36  HOH HOH A . 
G 4 HOH 18 220 37  HOH HOH A . 
G 4 HOH 19 221 39  HOH HOH A . 
G 4 HOH 20 222 40  HOH HOH A . 
G 4 HOH 21 223 42  HOH HOH A . 
G 4 HOH 22 224 44  HOH HOH A . 
G 4 HOH 23 225 46  HOH HOH A . 
G 4 HOH 24 226 49  HOH HOH A . 
G 4 HOH 25 227 50  HOH HOH A . 
G 4 HOH 26 228 51  HOH HOH A . 
G 4 HOH 27 229 53  HOH HOH A . 
G 4 HOH 28 230 54  HOH HOH A . 
G 4 HOH 29 231 55  HOH HOH A . 
G 4 HOH 30 232 60  HOH HOH A . 
G 4 HOH 31 233 63  HOH HOH A . 
G 4 HOH 32 234 64  HOH HOH A . 
G 4 HOH 33 235 65  HOH HOH A . 
G 4 HOH 34 236 66  HOH HOH A . 
G 4 HOH 35 237 69  HOH HOH A . 
G 4 HOH 36 238 70  HOH HOH A . 
G 4 HOH 37 239 73  HOH HOH A . 
G 4 HOH 38 240 74  HOH HOH A . 
G 4 HOH 39 241 75  HOH HOH A . 
G 4 HOH 40 242 77  HOH HOH A . 
G 4 HOH 41 243 80  HOH HOH A . 
G 4 HOH 42 244 81  HOH HOH A . 
G 4 HOH 43 245 83  HOH HOH A . 
G 4 HOH 44 246 84  HOH HOH A . 
G 4 HOH 45 247 85  HOH HOH A . 
G 4 HOH 46 248 89  HOH HOH A . 
G 4 HOH 47 249 93  HOH HOH A . 
G 4 HOH 48 250 94  HOH HOH A . 
G 4 HOH 49 251 95  HOH HOH A . 
G 4 HOH 50 252 96  HOH HOH A . 
G 4 HOH 51 253 99  HOH HOH A . 
G 4 HOH 52 254 101 HOH HOH A . 
G 4 HOH 53 255 106 HOH HOH A . 
G 4 HOH 54 256 109 HOH HOH A . 
G 4 HOH 55 257 111 HOH HOH A . 
G 4 HOH 56 258 112 HOH HOH A . 
G 4 HOH 57 259 114 HOH HOH A . 
G 4 HOH 58 260 115 HOH HOH A . 
G 4 HOH 59 261 116 HOH HOH A . 
G 4 HOH 60 262 117 HOH HOH A . 
G 4 HOH 61 263 119 HOH HOH A . 
G 4 HOH 62 264 120 HOH HOH A . 
G 4 HOH 63 265 121 HOH HOH A . 
G 4 HOH 64 266 125 HOH HOH A . 
G 4 HOH 65 267 126 HOH HOH A . 
G 4 HOH 66 268 128 HOH HOH A . 
G 4 HOH 67 269 131 HOH HOH A . 
G 4 HOH 68 270 134 HOH HOH A . 
G 4 HOH 69 271 136 HOH HOH A . 
G 4 HOH 70 272 137 HOH HOH A . 
G 4 HOH 71 273 139 HOH HOH A . 
G 4 HOH 72 274 140 HOH HOH A . 
G 4 HOH 73 275 144 HOH HOH A . 
G 4 HOH 74 276 145 HOH HOH A . 
G 4 HOH 75 277 146 HOH HOH A . 
G 4 HOH 76 278 148 HOH HOH A . 
G 4 HOH 77 279 150 HOH HOH A . 
G 4 HOH 78 280 152 HOH HOH A . 
G 4 HOH 79 281 154 HOH HOH A . 
G 4 HOH 80 282 155 HOH HOH A . 
H 4 HOH 1  803 1   HOH HOH B . 
H 4 HOH 2  804 2   HOH HOH B . 
H 4 HOH 3  805 5   HOH HOH B . 
H 4 HOH 4  806 7   HOH HOH B . 
H 4 HOH 5  807 8   HOH HOH B . 
H 4 HOH 6  808 9   HOH HOH B . 
H 4 HOH 7  809 12  HOH HOH B . 
H 4 HOH 8  810 13  HOH HOH B . 
H 4 HOH 9  811 14  HOH HOH B . 
H 4 HOH 10 812 15  HOH HOH B . 
H 4 HOH 11 813 16  HOH HOH B . 
H 4 HOH 12 814 18  HOH HOH B . 
H 4 HOH 13 815 22  HOH HOH B . 
H 4 HOH 14 816 23  HOH HOH B . 
H 4 HOH 15 817 26  HOH HOH B . 
H 4 HOH 16 818 27  HOH HOH B . 
H 4 HOH 17 819 29  HOH HOH B . 
H 4 HOH 18 820 31  HOH HOH B . 
H 4 HOH 19 821 35  HOH HOH B . 
H 4 HOH 20 822 38  HOH HOH B . 
H 4 HOH 21 823 41  HOH HOH B . 
H 4 HOH 22 824 43  HOH HOH B . 
H 4 HOH 23 825 45  HOH HOH B . 
H 4 HOH 24 826 47  HOH HOH B . 
H 4 HOH 25 827 52  HOH HOH B . 
H 4 HOH 26 828 56  HOH HOH B . 
H 4 HOH 27 829 57  HOH HOH B . 
H 4 HOH 28 830 58  HOH HOH B . 
H 4 HOH 29 831 59  HOH HOH B . 
H 4 HOH 30 832 61  HOH HOH B . 
H 4 HOH 31 833 62  HOH HOH B . 
H 4 HOH 32 834 67  HOH HOH B . 
H 4 HOH 33 835 68  HOH HOH B . 
H 4 HOH 34 836 71  HOH HOH B . 
H 4 HOH 35 837 72  HOH HOH B . 
H 4 HOH 36 838 76  HOH HOH B . 
H 4 HOH 37 839 79  HOH HOH B . 
H 4 HOH 38 840 82  HOH HOH B . 
H 4 HOH 39 841 88  HOH HOH B . 
H 4 HOH 40 842 90  HOH HOH B . 
H 4 HOH 41 843 91  HOH HOH B . 
H 4 HOH 42 844 92  HOH HOH B . 
H 4 HOH 43 845 97  HOH HOH B . 
H 4 HOH 44 846 98  HOH HOH B . 
H 4 HOH 45 847 100 HOH HOH B . 
H 4 HOH 46 848 102 HOH HOH B . 
H 4 HOH 47 849 107 HOH HOH B . 
H 4 HOH 48 850 108 HOH HOH B . 
H 4 HOH 49 851 110 HOH HOH B . 
H 4 HOH 50 852 113 HOH HOH B . 
H 4 HOH 51 853 118 HOH HOH B . 
H 4 HOH 52 854 122 HOH HOH B . 
H 4 HOH 53 855 123 HOH HOH B . 
H 4 HOH 54 856 124 HOH HOH B . 
H 4 HOH 55 857 127 HOH HOH B . 
H 4 HOH 56 858 129 HOH HOH B . 
H 4 HOH 57 859 130 HOH HOH B . 
H 4 HOH 58 860 132 HOH HOH B . 
H 4 HOH 59 861 133 HOH HOH B . 
H 4 HOH 60 862 138 HOH HOH B . 
H 4 HOH 61 863 141 HOH HOH B . 
H 4 HOH 62 864 142 HOH HOH B . 
H 4 HOH 63 865 143 HOH HOH B . 
H 4 HOH 64 866 147 HOH HOH B . 
H 4 HOH 65 867 149 HOH HOH B . 
H 4 HOH 66 868 151 HOH HOH B . 
H 4 HOH 67 869 153 HOH HOH B . 
H 4 HOH 68 870 156 HOH HOH B . 
H 4 HOH 69 871 157 HOH HOH B . 
H 4 HOH 70 872 158 HOH HOH B . 
# 
loop_
_software.name 
_software.version 
_software.date 
_software.type 
_software.contact_author 
_software.contact_author_email 
_software.classification 
_software.location 
_software.language 
_software.citation_id 
_software.pdbx_ordinal 
DENZO       .     ?              package 'Zbyszek Otwinowski' zbyszek@mix.swmed.edu    'data reduction'  
http://www.lnls.br/infra/linhasluz/denzo-hkl.htm ?          ? 1 
SCALEPACK   .     ?              package 'Zbyszek Otwinowski' zbyszek@mix.swmed.edu    'data scaling'    
http://www.lnls.br/infra/linhasluz/denzo-hkl.htm ?          ? 2 
SOLVE       2.08  14-Sept-2004   ?       'Tom Terwilliger'    terwilliger@LANL.gov     phasing           
http://www.solve.lanl.gov/                       ?          ? 3 
RESOLVE     .     ?              ?       'Terwilliger, T. C'  terwilliger@LANL.gov     phasing           
http://www.solve.lanl.gov/                       ?          ? 4 
CNS         .     ?              package 'Axel T. Brunger'    axel.brunger@yale.edu    refinement        
http://cns.csb.yale.edu/v1.1/                    Fortran_77 ? 5 
PDB_EXTRACT 1.701 'Nov. 1, 2005' package PDB                  sw-help@rcsb.rutgers.edu 'data extraction' 
http://pdb.rutgers.edu/software/                 C++        ? 6 
ADSC        .     ?              ?       ?                    ?                        'data collection' ? ?          ? 7 
SHELXS      .     ?              ?       ?                    ?                        phasing           ? ?          ? 8 
# 
_cell.entry_id           2GF4 
_cell.length_a           57.669 
_cell.length_b           64.914 
_cell.length_c           123.945 
_cell.angle_alpha        90.00 
_cell.angle_beta         90.00 
_cell.angle_gamma        90.00 
_cell.Z_PDB              16 
_cell.pdbx_unique_axis   ? 
_cell.length_a_esd       ? 
_cell.length_b_esd       ? 
_cell.length_c_esd       ? 
_cell.angle_alpha_esd    ? 
_cell.angle_beta_esd     ? 
_cell.angle_gamma_esd    ? 
# 
_symmetry.entry_id                         2GF4 
_symmetry.space_group_name_H-M             'C 2 2 21' 
_symmetry.pdbx_full_space_group_name_H-M   ? 
_symmetry.cell_setting                     ? 
_symmetry.Int_Tables_number                20 
_symmetry.space_group_name_Hall            ? 
# 
_exptl.entry_id          2GF4 
_exptl.method            'X-RAY DIFFRACTION' 
_exptl.crystals_number   1 
# 
_exptl_crystal.id                    1 
_exptl_crystal.density_meas          ? 
_exptl_crystal.density_Matthews      2.48 
_exptl_crystal.density_percent_sol   50.39 
_exptl_crystal.description           ? 
_exptl_crystal.F_000                 ? 
_exptl_crystal.preparation           ? 
# 
_exptl_crystal_grow.crystal_id      1 
_exptl_crystal_grow.method          'Under oil' 
_exptl_crystal_grow.temp            293 
_exptl_crystal_grow.temp_details    ? 
_exptl_crystal_grow.pH              5.0 
_exptl_crystal_grow.pdbx_details    
;0.55M Calcium acetate 0.1 M Sodium acetate; 1ul+1ul used 25% ethylene glycol as cryoprotectant (1.5ul mother liquor + 0.5ul 100% EG), pH 5.0, Under oil, temperature 293K
;
_exptl_crystal_grow.pdbx_pH_range   . 
# 
_diffrn.id                     1 
_diffrn.ambient_temp           100 
_diffrn.ambient_temp_details   ? 
_diffrn.crystal_id             1 
# 
_diffrn_detector.diffrn_id              1 
_diffrn_detector.detector               CCD 
_diffrn_detector.type                   'ADSC QUANTUM 4' 
_diffrn_detector.pdbx_collection_date   2006-02-28 
_diffrn_detector.details                ? 
# 
_diffrn_radiation.diffrn_id                        1 
_diffrn_radiation.wavelength_id                    1 
_diffrn_radiation.pdbx_monochromatic_or_laue_m_l   M 
_diffrn_radiation.monochromator                    'Si 111 CHANNEL' 
_diffrn_radiation.pdbx_diffrn_protocol             'SINGLE WAVELENGTH' 
_diffrn_radiation.pdbx_scattering_type             x-ray 
# 
_diffrn_radiation_wavelength.id           1 
_diffrn_radiation_wavelength.wavelength   0.97877 
_diffrn_radiation_wavelength.wt           1.0 
# 
_diffrn_source.diffrn_id                   1 
_diffrn_source.source                      SYNCHROTRON 
_diffrn_source.type                        'NSLS BEAMLINE X4A' 
_diffrn_source.pdbx_synchrotron_site       NSLS 
_diffrn_source.pdbx_synchrotron_beamline   X4A 
_diffrn_source.pdbx_wavelength             ? 
_diffrn_source.pdbx_wavelength_list        0.97877 
# 
_reflns.entry_id                     2GF4 
_reflns.observed_criterion_sigma_I   -3 
_reflns.observed_criterion_sigma_F   0 
_reflns.d_resolution_low             20.000 
_reflns.d_resolution_high            2.000 
_reflns.number_obs                   29978 
_reflns.number_all                   ? 
_reflns.percent_possible_obs         99.700 
_reflns.pdbx_Rmerge_I_obs            0.098 
_reflns.pdbx_Rsym_value              ? 
_reflns.pdbx_netI_over_sigmaI        9.200 
_reflns.B_iso_Wilson_estimate        ? 
_reflns.pdbx_redundancy              5.300 
_reflns.R_free_details               ? 
_reflns.limit_h_max                  ? 
_reflns.limit_h_min                  ? 
_reflns.limit_k_max                  ? 
_reflns.limit_k_min                  ? 
_reflns.limit_l_max                  ? 
_reflns.limit_l_min                  ? 
_reflns.observed_criterion_F_max     ? 
_reflns.observed_criterion_F_min     ? 
_reflns.pdbx_chi_squared             ? 
_reflns.pdbx_scaling_rejects         ? 
_reflns.pdbx_ordinal                 1 
_reflns.pdbx_diffrn_id               1 
# 
_reflns_shell.d_res_high             2.00 
_reflns_shell.d_res_low              2.07 
_reflns_shell.number_measured_obs    ? 
_reflns_shell.number_measured_all    ? 
_reflns_shell.number_unique_obs      2992 
_reflns_shell.Rmerge_I_obs           0.451 
_reflns_shell.meanI_over_sigI_obs    ? 
_reflns_shell.pdbx_Rsym_value        ? 
_reflns_shell.pdbx_chi_squared       1.027 
_reflns_shell.pdbx_redundancy        4.30 
_reflns_shell.percent_possible_obs   98.80 
_reflns_shell.number_unique_all      ? 
_reflns_shell.percent_possible_all   100 
_reflns_shell.pdbx_ordinal           1 
_reflns_shell.pdbx_diffrn_id         1 
# 
_refine.entry_id                                 2GF4 
_refine.ls_number_reflns_obs                     22937 
_refine.ls_number_reflns_all                     22937 
_refine.pdbx_ls_sigma_I                          ? 
_refine.pdbx_ls_sigma_F                          ? 
_refine.pdbx_data_cutoff_high_absF               ? 
_refine.pdbx_data_cutoff_low_absF                ? 
_refine.pdbx_data_cutoff_high_rms_absF           ? 
_refine.ls_d_res_low                             20.00 
_refine.ls_d_res_high                            2.07 
_refine.ls_percent_reflns_obs                    83.9 
_refine.ls_R_factor_obs                          0.226 
_refine.ls_R_factor_all                          ? 
_refine.ls_R_factor_R_work                       0.226 
_refine.ls_R_factor_R_free                       0.237 
_refine.ls_R_factor_R_free_error                 ? 
_refine.ls_R_factor_R_free_error_details         ? 
_refine.ls_percent_reflns_R_free                 8.100 
_refine.ls_number_reflns_R_free                  2213 
_refine.ls_number_parameters                     ? 
_refine.ls_number_restraints                     ? 
_refine.occupancy_min                            ? 
_refine.occupancy_max                            ? 
_refine.correlation_coeff_Fo_to_Fc               ? 
_refine.correlation_coeff_Fo_to_Fc_free          ? 
_refine.B_iso_mean                               35.00 
_refine.aniso_B[1][1]                            2.97000 
_refine.aniso_B[2][2]                            -10.85600 
_refine.aniso_B[3][3]                            7.88600 
_refine.aniso_B[1][2]                            0.00000 
_refine.aniso_B[1][3]                            0.00000 
_refine.aniso_B[2][3]                            0.00000 
_refine.solvent_model_details                    ? 
_refine.solvent_model_param_ksol                 ? 
_refine.solvent_model_param_bsol                 54.36 
_refine.pdbx_solvent_vdw_probe_radii             ? 
_refine.pdbx_solvent_ion_probe_radii             ? 
_refine.pdbx_solvent_shrinkage_radii             ? 
_refine.pdbx_ls_cross_valid_method               THROUGHOUT 
_refine.details                                  ? 
_refine.pdbx_starting_model                      ? 
_refine.pdbx_method_to_determine_struct          SAD 
_refine.pdbx_isotropic_thermal_model             Overall 
_refine.pdbx_stereochemistry_target_values       'Engh & Huber' 
_refine.pdbx_stereochem_target_val_spec_case     ? 
_refine.pdbx_R_Free_selection_details            RANDOM 
_refine.pdbx_overall_ESU_R                       ? 
_refine.pdbx_overall_ESU_R_Free                  ? 
_refine.overall_SU_ML                            ? 
_refine.overall_SU_B                             ? 
_refine.ls_redundancy_reflns_obs                 ? 
_refine.B_iso_min                                ? 
_refine.B_iso_max                                ? 
_refine.overall_SU_R_Cruickshank_DPI             ? 
_refine.overall_SU_R_free                        ? 
_refine.ls_wR_factor_R_free                      ? 
_refine.ls_wR_factor_R_work                      ? 
_refine.overall_FOM_free_R_set                   ? 
_refine.overall_FOM_work_R_set                   ? 
_refine.pdbx_refine_id                           'X-RAY DIFFRACTION' 
_refine.pdbx_diffrn_id                           1 
_refine.pdbx_TLS_residual_ADP_flag               ? 
_refine.pdbx_overall_phase_error                 ? 
_refine.pdbx_overall_SU_R_free_Cruickshank_DPI   ? 
_refine.pdbx_overall_SU_R_Blow_DPI               ? 
_refine.pdbx_overall_SU_R_free_Blow_DPI          ? 
# 
_refine_hist.pdbx_refine_id                   'X-RAY DIFFRACTION' 
_refine_hist.cycle_id                         LAST 
_refine_hist.pdbx_number_atoms_protein        1295 
_refine_hist.pdbx_number_atoms_nucleic_acid   0 
_refine_hist.pdbx_number_atoms_ligand         10 
_refine_hist.number_atoms_solvent             150 
_refine_hist.number_atoms_total               1455 
_refine_hist.d_res_high                       2.07 
_refine_hist.d_res_low                        20.00 
# 
loop_
_refine_ls_shell.d_res_high 
_refine_ls_shell.d_res_low 
_refine_ls_shell.pdbx_total_number_of_bins_used 
_refine_ls_shell.percent_reflns_obs 
_refine_ls_shell.number_reflns_R_work 
_refine_ls_shell.R_factor_all 
_refine_ls_shell.R_factor_R_work 
_refine_ls_shell.R_factor_R_free 
_refine_ls_shell.percent_reflns_R_free 
_refine_ls_shell.number_reflns_R_free 
_refine_ls_shell.R_factor_R_free_error 
_refine_ls_shell.number_reflns_all 
_refine_ls_shell.number_reflns_obs 
_refine_ls_shell.redundancy_reflns_obs 
_refine_ls_shell.pdbx_refine_id 
2.070 2.090  44 . 326 . 0.286 0.371 . 43 . . 369 . 'X-RAY DIFFRACTION' 
2.090 2.100  44 . 314 . 0.226 0.225 . 32 . . 346 . 'X-RAY DIFFRACTION' 
2.100 2.120  44 . 383 . 0.25  0.208 . 50 . . 433 . 'X-RAY DIFFRACTION' 
2.120 2.140  44 . 360 . 0.276 0.326 . 35 . . 395 . 'X-RAY DIFFRACTION' 
2.140 2.150  44 . 369 . 0.282 0.285 . 35 . . 404 . 'X-RAY DIFFRACTION' 
2.150 2.170  44 . 374 . 0.261 0.275 . 48 . . 422 . 'X-RAY DIFFRACTION' 
2.170 2.190  44 . 348 . 0.253 0.198 . 48 . . 396 . 'X-RAY DIFFRACTION' 
2.190 2.210  44 . 393 . 0.251 0.297 . 44 . . 437 . 'X-RAY DIFFRACTION' 
2.210 2.230  44 . 371 . 0.288 0.252 . 37 . . 408 . 'X-RAY DIFFRACTION' 
2.230 2.260  44 . 430 . 0.254 0.245 . 54 . . 484 . 'X-RAY DIFFRACTION' 
2.260 2.280  44 . 413 . 0.247 0.265 . 42 . . 455 . 'X-RAY DIFFRACTION' 
2.280 2.300  44 . 427 . 0.222 0.211 . 55 . . 482 . 'X-RAY DIFFRACTION' 
2.300 2.330  44 . 446 . 0.231 0.392 . 26 . . 472 . 'X-RAY DIFFRACTION' 
2.330 2.350  44 . 424 . 0.239 0.202 . 38 . . 462 . 'X-RAY DIFFRACTION' 
2.350 2.380  44 . 472 . 0.207 0.223 . 43 . . 515 . 'X-RAY DIFFRACTION' 
2.380 2.410  44 . 462 . 0.226 0.3   . 46 . . 508 . 'X-RAY DIFFRACTION' 
2.410 2.440  44 . 419 . 0.241 0.296 . 49 . . 468 . 'X-RAY DIFFRACTION' 
2.440 2.470  44 . 443 . 0.25  0.178 . 39 . . 482 . 'X-RAY DIFFRACTION' 
2.470 2.500  44 . 499 . 0.277 0.311 . 41 . . 540 . 'X-RAY DIFFRACTION' 
2.500 2.530  44 . 480 . 0.22  0.291 . 54 . . 534 . 'X-RAY DIFFRACTION' 
2.530 2.570  44 . 487 . 0.232 0.27  . 44 . . 531 . 'X-RAY DIFFRACTION' 
2.570 2.610  44 . 462 . 0.243 0.343 . 45 . . 507 . 'X-RAY DIFFRACTION' 
2.610 2.650  44 . 464 . 0.262 0.216 . 55 . . 519 . 'X-RAY DIFFRACTION' 
2.650 2.690  44 . 522 . 0.238 0.237 . 62 . . 584 . 'X-RAY DIFFRACTION' 
2.690 2.740  44 . 475 . 0.254 0.259 . 66 . . 541 . 'X-RAY DIFFRACTION' 
2.740 2.790  44 . 485 . 0.231 0.223 . 51 . . 536 . 'X-RAY DIFFRACTION' 
2.790 2.840  44 . 473 . 0.217 0.217 . 80 . . 553 . 'X-RAY DIFFRACTION' 
2.840 2.900  44 . 540 . 0.231 0.231 . 56 . . 596 . 'X-RAY DIFFRACTION' 
2.900 2.960  44 . 498 . 0.251 0.245 . 40 . . 538 . 'X-RAY DIFFRACTION' 
2.960 3.030  44 . 498 . 0.22  0.237 . 86 . . 584 . 'X-RAY DIFFRACTION' 
3.030 3.110  44 . 545 . 0.213 0.262 . 63 . . 608 . 'X-RAY DIFFRACTION' 
3.110 3.190  44 . 526 . 0.218 0.304 . 44 . . 570 . 'X-RAY DIFFRACTION' 
3.190 3.280  44 . 563 . 0.192 0.265 . 43 . . 606 . 'X-RAY DIFFRACTION' 
3.280 3.390  44 . 571 . 0.221 0.248 . 35 . . 606 . 'X-RAY DIFFRACTION' 
3.390 3.510  44 . 526 . 0.219 0.192 . 60 . . 586 . 'X-RAY DIFFRACTION' 
3.510 3.650  44 . 566 . 0.214 0.233 . 60 . . 626 . 'X-RAY DIFFRACTION' 
3.650 3.810  44 . 540 . 0.2   0.252 . 55 . . 595 . 'X-RAY DIFFRACTION' 
3.810 4.010  44 . 560 . 0.207 0.236 . 54 . . 614 . 'X-RAY DIFFRACTION' 
4.010 4.260  44 . 554 . 0.183 0.146 . 53 . . 607 . 'X-RAY DIFFRACTION' 
4.260 4.590  44 . 546 . 0.209 0.234 . 62 . . 608 . 'X-RAY DIFFRACTION' 
4.590 5.040  44 . 545 . 0.206 0.234 . 48 . . 593 . 'X-RAY DIFFRACTION' 
5.040 5.760  44 . 549 . 0.235 0.217 . 49 . . 598 . 'X-RAY DIFFRACTION' 
5.760 7.200  44 . 549 . 0.247 0.193 . 75 . . 624 . 'X-RAY DIFFRACTION' 
7.200 20.000 44 . 527 . 0.257 0.243 . 68 . . 595 . 'X-RAY DIFFRACTION' 
# 
loop_
_pdbx_xplor_file.serial_no 
_pdbx_xplor_file.param_file 
_pdbx_xplor_file.topol_file 
_pdbx_xplor_file.pdbx_refine_id 
1 PROTEIN_REP.PAR   ? 'X-RAY DIFFRACTION' 
2 WATER_REP.PARAM   ? 'X-RAY DIFFRACTION' 
3 ION.PARAM         ? 'X-RAY DIFFRACTION' 
4 ACT_XPLOR_PAR.TXT ? 'X-RAY DIFFRACTION' 
# 
_struct.entry_id                  2GF4 
_struct.title                     
'Crystal structure of Vng1086c from Halobacterium salinarium (Halobacterium halobium). Northeast Structural Genomics Target HsR14' 
_struct.pdbx_model_details        ? 
_struct.pdbx_CASP_flag            ? 
_struct.pdbx_model_type_details   ? 
# 
_struct_keywords.entry_id        2GF4 
_struct_keywords.pdbx_keywords   'STRUCTURAL GENOMICS, UNKNOWN FUNCTION' 
_struct_keywords.text            
'Hsr14, Structural Genomics, PSI, Protein Structure Initiative, Northeast Structural Genomics Consortium, NESG, UNKNOWN FUNCTION' 
# 
loop_
_struct_asym.id 
_struct_asym.pdbx_blank_PDB_chainid_flag 
_struct_asym.pdbx_modified 
_struct_asym.entity_id 
_struct_asym.details 
A N N 1 ? 
B N N 1 ? 
C N N 2 ? 
D N N 2 ? 
E N N 3 ? 
F N N 3 ? 
G N N 4 ? 
H N N 4 ? 
# 
_struct_ref.id                         1 
_struct_ref.db_name                    UNP 
_struct_ref.db_code                    Q9HQM9_HALSA 
_struct_ref.pdbx_db_accession          Q9HQM9 
_struct_ref.entity_id                  1 
_struct_ref.pdbx_align_begin           1 
_struct_ref.pdbx_db_isoform            ? 
_struct_ref.pdbx_seq_one_letter_code   ? 
# 
loop_
_struct_ref_seq.align_id 
_struct_ref_seq.ref_id 
_struct_ref_seq.pdbx_PDB_id_code 
_struct_ref_seq.pdbx_strand_id 
_struct_ref_seq.seq_align_beg 
_struct_ref_seq.pdbx_seq_align_beg_ins_code 
_struct_ref_seq.seq_align_end 
_struct_ref_seq.pdbx_seq_align_end_ins_code 
_struct_ref_seq.pdbx_db_accession 
_struct_ref_seq.db_align_beg 
_struct_ref_seq.pdbx_db_align_beg_ins_code 
_struct_ref_seq.db_align_end 
_struct_ref_seq.pdbx_db_align_end_ins_code 
_struct_ref_seq.pdbx_auth_seq_align_beg 
_struct_ref_seq.pdbx_auth_seq_align_end 
1 1 2GF4 A 1 ? 92 ? Q9HQM9 1 ? 92 ? 1 92 
2 1 2GF4 B 1 ? 92 ? Q9HQM9 1 ? 92 ? 1 92 
# 
loop_
_struct_ref_seq_dif.align_id 
_struct_ref_seq_dif.pdbx_pdb_id_code 
_struct_ref_seq_dif.mon_id 
_struct_ref_seq_dif.pdbx_pdb_strand_id 
_struct_ref_seq_dif.seq_num 
_struct_ref_seq_dif.pdbx_pdb_ins_code 
_struct_ref_seq_dif.pdbx_seq_db_name 
_struct_ref_seq_dif.pdbx_seq_db_accession_code 
_struct_ref_seq_dif.db_mon_id 
_struct_ref_seq_dif.pdbx_seq_db_seq_num 
_struct_ref_seq_dif.details 
_struct_ref_seq_dif.pdbx_auth_seq_num 
_struct_ref_seq_dif.pdbx_ordinal 
1 2GF4 MSE A 1   ? UNP Q9HQM9 MET 1  'modified residue' 1   1  
1 2GF4 MSE A 13  ? UNP Q9HQM9 MET 13 'modified residue' 13  2  
1 2GF4 MSE A 66  ? UNP Q9HQM9 MET 66 'modified residue' 66  3  
1 2GF4 MSE A 81  ? UNP Q9HQM9 MET 81 'modified residue' 81  4  
1 2GF4 LEU A 93  ? UNP Q9HQM9 ?   ?  'cloning artifact' 93  5  
1 2GF4 GLU A 94  ? UNP Q9HQM9 ?   ?  'cloning artifact' 94  6  
1 2GF4 HIS A 95  ? UNP Q9HQM9 ?   ?  'expression tag'   95  7  
1 2GF4 HIS A 96  ? UNP Q9HQM9 ?   ?  'expression tag'   96  8  
1 2GF4 HIS A 97  ? UNP Q9HQM9 ?   ?  'expression tag'   97  9  
1 2GF4 HIS A 98  ? UNP Q9HQM9 ?   ?  'expression tag'   98  10 
1 2GF4 HIS A 99  ? UNP Q9HQM9 ?   ?  'expression tag'   99  11 
1 2GF4 HIS A 100 ? UNP Q9HQM9 ?   ?  'expression tag'   100 12 
2 2GF4 MSE B 1   ? UNP Q9HQM9 MET 1  'modified residue' 1   13 
2 2GF4 MSE B 13  ? UNP Q9HQM9 MET 13 'modified residue' 13  14 
2 2GF4 MSE B 66  ? UNP Q9HQM9 MET 66 'modified residue' 66  15 
2 2GF4 MSE B 81  ? UNP Q9HQM9 MET 81 'modified residue' 81  16 
2 2GF4 LEU B 93  ? UNP Q9HQM9 ?   ?  'cloning artifact' 93  17 
2 2GF4 GLU B 94  ? UNP Q9HQM9 ?   ?  'cloning artifact' 94  18 
2 2GF4 HIS B 95  ? UNP Q9HQM9 ?   ?  'expression tag'   95  19 
2 2GF4 HIS B 96  ? UNP Q9HQM9 ?   ?  'expression tag'   96  20 
2 2GF4 HIS B 97  ? UNP Q9HQM9 ?   ?  'expression tag'   97  21 
2 2GF4 HIS B 98  ? UNP Q9HQM9 ?   ?  'expression tag'   98  22 
2 2GF4 HIS B 99  ? UNP Q9HQM9 ?   ?  'expression tag'   99  23 
2 2GF4 HIS B 100 ? UNP Q9HQM9 ?   ?  'expression tag'   100 24 
# 
_pdbx_struct_assembly.id                   1 
_pdbx_struct_assembly.details              author_and_software_defined_assembly 
_pdbx_struct_assembly.method_details       PISA,PQS 
_pdbx_struct_assembly.oligomeric_details   tetrameric 
_pdbx_struct_assembly.oligomeric_count     4 
# 
loop_
_pdbx_struct_assembly_prop.biol_id 
_pdbx_struct_assembly_prop.type 
_pdbx_struct_assembly_prop.value 
_pdbx_struct_assembly_prop.details 
1 'ABSA (A^2)' 8670  ? 
1 MORE         -93   ? 
1 'SSA (A^2)'  15790 ? 
# 
_pdbx_struct_assembly_gen.assembly_id       1 
_pdbx_struct_assembly_gen.oper_expression   1,2 
_pdbx_struct_assembly_gen.asym_id_list      A,B,C,D,E,F,G,H 
# 
loop_
_pdbx_struct_oper_list.id 
_pdbx_struct_oper_list.type 
_pdbx_struct_oper_list.name 
_pdbx_struct_oper_list.symmetry_operation 
_pdbx_struct_oper_list.matrix[1][1] 
_pdbx_struct_oper_list.matrix[1][2] 
_pdbx_struct_oper_list.matrix[1][3] 
_pdbx_struct_oper_list.vector[1] 
_pdbx_struct_oper_list.matrix[2][1] 
_pdbx_struct_oper_list.matrix[2][2] 
_pdbx_struct_oper_list.matrix[2][3] 
_pdbx_struct_oper_list.vector[2] 
_pdbx_struct_oper_list.matrix[3][1] 
_pdbx_struct_oper_list.matrix[3][2] 
_pdbx_struct_oper_list.matrix[3][3] 
_pdbx_struct_oper_list.vector[3] 
1 'identity operation'         1_555 x,y,z       1.0000000000 0.0000000000 0.0000000000  0.0000000000  0.0000000000 1.0000000000  0.0000000000  0.0000000000 0.0000000000  0.0000000000  1.0000000000  0.0000000000   
2 'crystal symmetry operation' 4_566 x,-y+1,-z+1 0.8091163119 0.1423232368 -0.5701533918 -3.8489095532 0.1423232368 -0.9888034265 -0.0448539852 1.4865916890 -0.5701533918 -0.0448539852 -0.8203128854 -11.8416352724 
# 
_struct_biol.id                    1 
_struct_biol.details               
;The second part of the biological assembly is generated 
by the two fold axis:  x, -y, -z
;
_struct_biol.pdbx_parent_biol_id   ? 
# 
loop_
_struct_conf.conf_type_id 
_struct_conf.id 
_struct_conf.pdbx_PDB_helix_id 
_struct_conf.beg_label_comp_id 
_struct_conf.beg_label_asym_id 
_struct_conf.beg_label_seq_id 
_struct_conf.pdbx_beg_PDB_ins_code 
_struct_conf.end_label_comp_id 
_struct_conf.end_label_asym_id 
_struct_conf.end_label_seq_id 
_struct_conf.pdbx_end_PDB_ins_code 
_struct_conf.beg_auth_comp_id 
_struct_conf.beg_auth_asym_id 
_struct_conf.beg_auth_seq_id 
_struct_conf.end_auth_comp_id 
_struct_conf.end_auth_asym_id 
_struct_conf.end_auth_seq_id 
_struct_conf.pdbx_PDB_helix_class 
_struct_conf.details 
_struct_conf.pdbx_PDB_helix_length 
HELX_P HELX_P1 1 HIS A 2  ? GLY A 22 ? HIS A 2  GLY A 22 1 ? 21 
HELX_P HELX_P2 2 PHE A 31 ? ASP A 38 ? PHE A 31 ASP A 38 1 ? 8  
HELX_P HELX_P3 3 SER A 47 ? SER A 72 ? SER A 47 SER A 72 1 ? 26 
HELX_P HELX_P4 4 SER A 73 ? ALA A 88 ? SER A 73 ALA A 88 1 ? 16 
HELX_P HELX_P5 5 HIS B 2  ? GLY B 22 ? HIS B 2  GLY B 22 1 ? 21 
HELX_P HELX_P6 6 PHE B 31 ? ASP B 38 ? PHE B 31 ASP B 38 1 ? 8  
HELX_P HELX_P7 7 SER B 47 ? ALA B 74 ? SER B 47 ALA B 74 1 ? 28 
# 
_struct_conf_type.id          HELX_P 
_struct_conf_type.criteria    ? 
_struct_conf_type.reference   ? 
# 
loop_
_struct_conn.id 
_struct_conn.conn_type_id 
_struct_conn.pdbx_leaving_atom_flag 
_struct_conn.pdbx_PDB_id 
_struct_conn.ptnr1_label_asym_id 
_struct_conn.ptnr1_label_comp_id 
_struct_conn.ptnr1_label_seq_id 
_struct_conn.ptnr1_label_atom_id 
_struct_conn.pdbx_ptnr1_label_alt_id 
_struct_conn.pdbx_ptnr1_PDB_ins_code 
_struct_conn.pdbx_ptnr1_standard_comp_id 
_struct_conn.ptnr1_symmetry 
_struct_conn.ptnr2_label_asym_id 
_struct_conn.ptnr2_label_comp_id 
_struct_conn.ptnr2_label_seq_id 
_struct_conn.ptnr2_label_atom_id 
_struct_conn.pdbx_ptnr2_label_alt_id 
_struct_conn.pdbx_ptnr2_PDB_ins_code 
_struct_conn.ptnr1_auth_asym_id 
_struct_conn.ptnr1_auth_comp_id 
_struct_conn.ptnr1_auth_seq_id 
_struct_conn.ptnr2_auth_asym_id 
_struct_conn.ptnr2_auth_comp_id 
_struct_conn.ptnr2_auth_seq_id 
_struct_conn.ptnr2_symmetry 
_struct_conn.pdbx_ptnr3_label_atom_id 
_struct_conn.pdbx_ptnr3_label_seq_id 
_struct_conn.pdbx_ptnr3_label_comp_id 
_struct_conn.pdbx_ptnr3_label_asym_id 
_struct_conn.pdbx_ptnr3_label_alt_id 
_struct_conn.pdbx_ptnr3_PDB_ins_code 
_struct_conn.details 
_struct_conn.pdbx_dist_value 
_struct_conn.pdbx_value_order 
_struct_conn.pdbx_role 
covale1  covale both ? A MSE 1  C   ? ? ? 1_555 A HIS 2  N   ? ? A MSE 1   A HIS 2   1_555 ? ? ? ? ? ? ? 1.328 ? ? 
covale2  covale both ? A GLN 12 C   ? ? ? 1_555 A MSE 13 N   ? ? A GLN 12  A MSE 13  1_555 ? ? ? ? ? ? ? 1.333 ? ? 
covale3  covale both ? A MSE 13 C   ? ? ? 1_555 A VAL 14 N   ? ? A MSE 13  A VAL 14  1_555 ? ? ? ? ? ? ? 1.332 ? ? 
covale4  covale both ? A ALA 65 C   ? ? ? 1_555 A MSE 66 N   ? ? A ALA 65  A MSE 66  1_555 ? ? ? ? ? ? ? 1.332 ? ? 
covale5  covale both ? A MSE 66 C   ? ? ? 1_555 A SER 67 N   ? ? A MSE 66  A SER 67  1_555 ? ? ? ? ? ? ? 1.320 ? ? 
covale6  covale both ? A ARG 80 C   ? ? ? 1_555 A MSE 81 N   ? ? A ARG 80  A MSE 81  1_555 ? ? ? ? ? ? ? 1.331 ? ? 
covale7  covale both ? A MSE 81 C   ? ? ? 1_555 A GLU 82 N   ? ? A MSE 81  A GLU 82  1_555 ? ? ? ? ? ? ? 1.329 ? ? 
covale8  covale both ? B MSE 1  C   ? ? ? 1_555 B HIS 2  N   ? ? B MSE 1   B HIS 2   1_555 ? ? ? ? ? ? ? 1.326 ? ? 
covale9  covale both ? B GLN 12 C   ? ? ? 1_555 B MSE 13 N   ? ? B GLN 12  B MSE 13  1_555 ? ? ? ? ? ? ? 1.330 ? ? 
covale10 covale both ? B MSE 13 C   ? ? ? 1_555 B VAL 14 N   ? ? B MSE 13  B VAL 14  1_555 ? ? ? ? ? ? ? 1.339 ? ? 
covale11 covale both ? B ALA 65 C   ? ? ? 1_555 B MSE 66 N   ? ? B ALA 65  B MSE 66  1_555 ? ? ? ? ? ? ? 1.333 ? ? 
covale12 covale both ? B MSE 66 C   ? ? ? 1_555 B SER 67 N   ? ? B MSE 66  B SER 67  1_555 ? ? ? ? ? ? ? 1.332 ? ? 
metalc1  metalc ?    ? A ASP 38 OD1 ? ? ? 1_555 C CA  .  CA  ? ? A ASP 38  A CA  202 1_555 ? ? ? ? ? ? ? 2.454 ? ? 
metalc2  metalc ?    ? A GLU 40 OE2 ? ? ? 1_555 C CA  .  CA  ? ? A GLU 40  A CA  202 1_555 ? ? ? ? ? ? ? 2.320 ? ? 
metalc3  metalc ?    ? A GLU 40 OE1 ? ? ? 8_456 D CA  .  CA  ? ? A GLU 40  B CA  201 1_555 ? ? ? ? ? ? ? 2.569 ? ? 
metalc4  metalc ?    ? A GLU 40 OE2 ? ? ? 8_456 D CA  .  CA  ? ? A GLU 40  B CA  201 1_555 ? ? ? ? ? ? ? 2.677 ? ? 
metalc5  metalc ?    ? C CA  .  CA  ? ? ? 1_555 G HOH .  O   ? ? A CA  202 A HOH 204 1_555 ? ? ? ? ? ? ? 2.520 ? ? 
metalc6  metalc ?    ? C CA  .  CA  ? ? ? 1_555 G HOH .  O   ? ? A CA  202 A HOH 205 1_555 ? ? ? ? ? ? ? 2.529 ? ? 
metalc7  metalc ?    ? C CA  .  CA  ? ? ? 1_555 G HOH .  O   ? ? A CA  202 A HOH 224 1_555 ? ? ? ? ? ? ? 2.638 ? ? 
metalc8  metalc ?    ? C CA  .  CA  ? ? ? 1_555 B GLU 40 OE2 ? ? A CA  202 B GLU 40  8_556 ? ? ? ? ? ? ? 2.647 ? ? 
metalc9  metalc ?    ? C CA  .  CA  ? ? ? 1_555 B GLU 40 OE1 ? ? A CA  202 B GLU 40  8_556 ? ? ? ? ? ? ? 2.621 ? ? 
metalc10 metalc ?    ? B ASP 38 OD1 ? ? ? 1_555 D CA  .  CA  ? ? B ASP 38  B CA  201 1_555 ? ? ? ? ? ? ? 2.395 ? ? 
metalc11 metalc ?    ? B GLU 40 OE2 ? ? ? 1_555 D CA  .  CA  ? ? B GLU 40  B CA  201 1_555 ? ? ? ? ? ? ? 2.364 ? ? 
metalc12 metalc ?    ? D CA  .  CA  ? ? ? 1_555 H HOH .  O   ? ? B CA  201 B HOH 804 1_555 ? ? ? ? ? ? ? 2.627 ? ? 
metalc13 metalc ?    ? D CA  .  CA  ? ? ? 1_555 H HOH .  O   ? ? B CA  201 B HOH 808 1_555 ? ? ? ? ? ? ? 2.579 ? ? 
metalc14 metalc ?    ? D CA  .  CA  ? ? ? 1_555 H HOH .  O   ? ? B CA  201 B HOH 824 1_555 ? ? ? ? ? ? ? 2.647 ? ? 
# 
loop_
_struct_conn_type.id 
_struct_conn_type.criteria 
_struct_conn_type.reference 
covale ? ? 
metalc ? ? 
# 
loop_
_pdbx_struct_conn_angle.id 
_pdbx_struct_conn_angle.ptnr1_label_atom_id 
_pdbx_struct_conn_angle.ptnr1_label_alt_id 
_pdbx_struct_conn_angle.ptnr1_label_asym_id 
_pdbx_struct_conn_angle.ptnr1_label_comp_id 
_pdbx_struct_conn_angle.ptnr1_label_seq_id 
_pdbx_struct_conn_angle.ptnr1_auth_atom_id 
_pdbx_struct_conn_angle.ptnr1_auth_asym_id 
_pdbx_struct_conn_angle.ptnr1_auth_comp_id 
_pdbx_struct_conn_angle.ptnr1_auth_seq_id 
_pdbx_struct_conn_angle.ptnr1_PDB_ins_code 
_pdbx_struct_conn_angle.ptnr1_symmetry 
_pdbx_struct_conn_angle.ptnr2_label_atom_id 
_pdbx_struct_conn_angle.ptnr2_label_alt_id 
_pdbx_struct_conn_angle.ptnr2_label_asym_id 
_pdbx_struct_conn_angle.ptnr2_label_comp_id 
_pdbx_struct_conn_angle.ptnr2_label_seq_id 
_pdbx_struct_conn_angle.ptnr2_auth_atom_id 
_pdbx_struct_conn_angle.ptnr2_auth_asym_id 
_pdbx_struct_conn_angle.ptnr2_auth_comp_id 
_pdbx_struct_conn_angle.ptnr2_auth_seq_id 
_pdbx_struct_conn_angle.ptnr2_PDB_ins_code 
_pdbx_struct_conn_angle.ptnr2_symmetry 
_pdbx_struct_conn_angle.ptnr3_label_atom_id 
_pdbx_struct_conn_angle.ptnr3_label_alt_id 
_pdbx_struct_conn_angle.ptnr3_label_asym_id 
_pdbx_struct_conn_angle.ptnr3_label_comp_id 
_pdbx_struct_conn_angle.ptnr3_label_seq_id 
_pdbx_struct_conn_angle.ptnr3_auth_atom_id 
_pdbx_struct_conn_angle.ptnr3_auth_asym_id 
_pdbx_struct_conn_angle.ptnr3_auth_comp_id 
_pdbx_struct_conn_angle.ptnr3_auth_seq_id 
_pdbx_struct_conn_angle.ptnr3_PDB_ins_code 
_pdbx_struct_conn_angle.ptnr3_symmetry 
_pdbx_struct_conn_angle.value 
_pdbx_struct_conn_angle.value_esd 
1  OD1 ? A ASP 38 ? A ASP 38  ? 1_555 CA ? C CA . ? A CA 202 ? 1_555 OE2 ? A GLU 40 ? A GLU 40  ? 1_555 80.5  ? 
2  OD1 ? A ASP 38 ? A ASP 38  ? 1_555 CA ? C CA . ? A CA 202 ? 1_555 O   ? G HOH .  ? A HOH 204 ? 1_555 88.6  ? 
3  OE2 ? A GLU 40 ? A GLU 40  ? 1_555 CA ? C CA . ? A CA 202 ? 1_555 O   ? G HOH .  ? A HOH 204 ? 1_555 160.2 ? 
4  OD1 ? A ASP 38 ? A ASP 38  ? 1_555 CA ? C CA . ? A CA 202 ? 1_555 O   ? G HOH .  ? A HOH 205 ? 1_555 102.1 ? 
5  OE2 ? A GLU 40 ? A GLU 40  ? 1_555 CA ? C CA . ? A CA 202 ? 1_555 O   ? G HOH .  ? A HOH 205 ? 1_555 80.6  ? 
6  O   ? G HOH .  ? A HOH 204 ? 1_555 CA ? C CA . ? A CA 202 ? 1_555 O   ? G HOH .  ? A HOH 205 ? 1_555 85.6  ? 
7  OD1 ? A ASP 38 ? A ASP 38  ? 1_555 CA ? C CA . ? A CA 202 ? 1_555 O   ? G HOH .  ? A HOH 224 ? 1_555 174.7 ? 
8  OE2 ? A GLU 40 ? A GLU 40  ? 1_555 CA ? C CA . ? A CA 202 ? 1_555 O   ? G HOH .  ? A HOH 224 ? 1_555 100.0 ? 
9  O   ? G HOH .  ? A HOH 204 ? 1_555 CA ? C CA . ? A CA 202 ? 1_555 O   ? G HOH .  ? A HOH 224 ? 1_555 92.3  ? 
10 O   ? G HOH .  ? A HOH 205 ? 1_555 CA ? C CA . ? A CA 202 ? 1_555 O   ? G HOH .  ? A HOH 224 ? 1_555 83.2  ? 
11 OD1 ? A ASP 38 ? A ASP 38  ? 1_555 CA ? C CA . ? A CA 202 ? 1_555 OE2 ? B GLU 40 ? B GLU 40  ? 8_556 93.4  ? 
12 OE2 ? A GLU 40 ? A GLU 40  ? 1_555 CA ? C CA . ? A CA 202 ? 1_555 OE2 ? B GLU 40 ? B GLU 40  ? 8_556 72.6  ? 
13 O   ? G HOH .  ? A HOH 204 ? 1_555 CA ? C CA . ? A CA 202 ? 1_555 OE2 ? B GLU 40 ? B GLU 40  ? 8_556 124.9 ? 
14 O   ? G HOH .  ? A HOH 205 ? 1_555 CA ? C CA . ? A CA 202 ? 1_555 OE2 ? B GLU 40 ? B GLU 40  ? 8_556 146.3 ? 
15 O   ? G HOH .  ? A HOH 224 ? 1_555 CA ? C CA . ? A CA 202 ? 1_555 OE2 ? B GLU 40 ? B GLU 40  ? 8_556 81.7  ? 
16 OD1 ? A ASP 38 ? A ASP 38  ? 1_555 CA ? C CA . ? A CA 202 ? 1_555 OE1 ? B GLU 40 ? B GLU 40  ? 8_556 88.8  ? 
17 OE2 ? A GLU 40 ? A GLU 40  ? 1_555 CA ? C CA . ? A CA 202 ? 1_555 OE1 ? B GLU 40 ? B GLU 40  ? 8_556 119.5 ? 
18 O   ? G HOH .  ? A HOH 204 ? 1_555 CA ? C CA . ? A CA 202 ? 1_555 OE1 ? B GLU 40 ? B GLU 40  ? 8_556 76.4  ? 
19 O   ? G HOH .  ? A HOH 205 ? 1_555 CA ? C CA . ? A CA 202 ? 1_555 OE1 ? B GLU 40 ? B GLU 40  ? 8_556 158.8 ? 
20 O   ? G HOH .  ? A HOH 224 ? 1_555 CA ? C CA . ? A CA 202 ? 1_555 OE1 ? B GLU 40 ? B GLU 40  ? 8_556 86.3  ? 
21 OE2 ? B GLU 40 ? B GLU 40  ? 8_556 CA ? C CA . ? A CA 202 ? 1_555 OE1 ? B GLU 40 ? B GLU 40  ? 8_556 48.7  ? 
22 OE1 ? A GLU 40 ? A GLU 40  ? 8_456 CA ? D CA . ? B CA 201 ? 1_555 OE2 ? A GLU 40 ? A GLU 40  ? 8_456 48.8  ? 
23 OE1 ? A GLU 40 ? A GLU 40  ? 8_456 CA ? D CA . ? B CA 201 ? 1_555 OD1 ? B ASP 38 ? B ASP 38  ? 1_555 89.1  ? 
24 OE2 ? A GLU 40 ? A GLU 40  ? 8_456 CA ? D CA . ? B CA 201 ? 1_555 OD1 ? B ASP 38 ? B ASP 38  ? 1_555 93.4  ? 
25 OE1 ? A GLU 40 ? A GLU 40  ? 8_456 CA ? D CA . ? B CA 201 ? 1_555 OE2 ? B GLU 40 ? B GLU 40  ? 1_555 118.8 ? 
26 OE2 ? A GLU 40 ? A GLU 40  ? 8_456 CA ? D CA . ? B CA 201 ? 1_555 OE2 ? B GLU 40 ? B GLU 40  ? 1_555 71.4  ? 
27 OD1 ? B ASP 38 ? B ASP 38  ? 1_555 CA ? D CA . ? B CA 201 ? 1_555 OE2 ? B GLU 40 ? B GLU 40  ? 1_555 81.7  ? 
28 OE1 ? A GLU 40 ? A GLU 40  ? 8_456 CA ? D CA . ? B CA 201 ? 1_555 O   ? H HOH .  ? B HOH 804 ? 1_555 75.0  ? 
29 OE2 ? A GLU 40 ? A GLU 40  ? 8_456 CA ? D CA . ? B CA 201 ? 1_555 O   ? H HOH .  ? B HOH 804 ? 1_555 123.6 ? 
30 OD1 ? B ASP 38 ? B ASP 38  ? 1_555 CA ? D CA . ? B CA 201 ? 1_555 O   ? H HOH .  ? B HOH 804 ? 1_555 89.1  ? 
31 OE2 ? B GLU 40 ? B GLU 40  ? 1_555 CA ? D CA . ? B CA 201 ? 1_555 O   ? H HOH .  ? B HOH 804 ? 1_555 163.1 ? 
32 OE1 ? A GLU 40 ? A GLU 40  ? 8_456 CA ? D CA . ? B CA 201 ? 1_555 O   ? H HOH .  ? B HOH 808 ? 1_555 159.4 ? 
33 OE2 ? A GLU 40 ? A GLU 40  ? 8_456 CA ? D CA . ? B CA 201 ? 1_555 O   ? H HOH .  ? B HOH 808 ? 1_555 146.5 ? 
34 OD1 ? B ASP 38 ? B ASP 38  ? 1_555 CA ? D CA . ? B CA 201 ? 1_555 O   ? H HOH .  ? B HOH 808 ? 1_555 100.9 ? 
35 OE2 ? B GLU 40 ? B GLU 40  ? 1_555 CA ? D CA . ? B CA 201 ? 1_555 O   ? H HOH .  ? B HOH 808 ? 1_555 80.7  ? 
36 O   ? H HOH .  ? B HOH 804 ? 1_555 CA ? D CA . ? B CA 201 ? 1_555 O   ? H HOH .  ? B HOH 808 ? 1_555 87.1  ? 
37 OE1 ? A GLU 40 ? A GLU 40  ? 8_456 CA ? D CA . ? B CA 201 ? 1_555 O   ? H HOH .  ? B HOH 824 ? 1_555 86.5  ? 
38 OE2 ? A GLU 40 ? A GLU 40  ? 8_456 CA ? D CA . ? B CA 201 ? 1_555 O   ? H HOH .  ? B HOH 824 ? 1_555 82.5  ? 
39 OD1 ? B ASP 38 ? B ASP 38  ? 1_555 CA ? D CA . ? B CA 201 ? 1_555 O   ? H HOH .  ? B HOH 824 ? 1_555 175.3 ? 
40 OE2 ? B GLU 40 ? B GLU 40  ? 1_555 CA ? D CA . ? B CA 201 ? 1_555 O   ? H HOH .  ? B HOH 824 ? 1_555 99.0  ? 
41 O   ? H HOH .  ? B HOH 804 ? 1_555 CA ? D CA . ? B CA 201 ? 1_555 O   ? H HOH .  ? B HOH 824 ? 1_555 91.3  ? 
42 O   ? H HOH .  ? B HOH 808 ? 1_555 CA ? D CA . ? B CA 201 ? 1_555 O   ? H HOH .  ? B HOH 824 ? 1_555 83.7  ? 
# 
loop_
_pdbx_modification_feature.ordinal 
_pdbx_modification_feature.label_comp_id 
_pdbx_modification_feature.label_asym_id 
_pdbx_modification_feature.label_seq_id 
_pdbx_modification_feature.label_alt_id 
_pdbx_modification_feature.modified_residue_label_comp_id 
_pdbx_modification_feature.modified_residue_label_asym_id 
_pdbx_modification_feature.modified_residue_label_seq_id 
_pdbx_modification_feature.modified_residue_label_alt_id 
_pdbx_modification_feature.auth_comp_id 
_pdbx_modification_feature.auth_asym_id 
_pdbx_modification_feature.auth_seq_id 
_pdbx_modification_feature.PDB_ins_code 
_pdbx_modification_feature.symmetry 
_pdbx_modification_feature.modified_residue_auth_comp_id 
_pdbx_modification_feature.modified_residue_auth_asym_id 
_pdbx_modification_feature.modified_residue_auth_seq_id 
_pdbx_modification_feature.modified_residue_PDB_ins_code 
_pdbx_modification_feature.modified_residue_symmetry 
_pdbx_modification_feature.comp_id_linking_atom 
_pdbx_modification_feature.modified_residue_id_linking_atom 
_pdbx_modification_feature.modified_residue_id 
_pdbx_modification_feature.ref_pcm_id 
_pdbx_modification_feature.ref_comp_id 
_pdbx_modification_feature.type 
_pdbx_modification_feature.category 
1 MSE A 1  ? . . . . MSE A 1  ? 1_555 . . . . . . . MET 1 MSE Selenomethionine 'Named protein modification' 
2 MSE A 13 ? . . . . MSE A 13 ? 1_555 . . . . . . . MET 1 MSE Selenomethionine 'Named protein modification' 
3 MSE A 66 ? . . . . MSE A 66 ? 1_555 . . . . . . . MET 1 MSE Selenomethionine 'Named protein modification' 
4 MSE A 81 ? . . . . MSE A 81 ? 1_555 . . . . . . . MET 1 MSE Selenomethionine 'Named protein modification' 
5 MSE B 1  ? . . . . MSE B 1  ? 1_555 . . . . . . . MET 1 MSE Selenomethionine 'Named protein modification' 
6 MSE B 13 ? . . . . MSE B 13 ? 1_555 . . . . . . . MET 1 MSE Selenomethionine 'Named protein modification' 
7 MSE B 66 ? . . . . MSE B 66 ? 1_555 . . . . . . . MET 1 MSE Selenomethionine 'Named protein modification' 
# 
loop_
_struct_site.id 
_struct_site.pdbx_evidence_code 
_struct_site.pdbx_auth_asym_id 
_struct_site.pdbx_auth_comp_id 
_struct_site.pdbx_auth_seq_id 
_struct_site.pdbx_auth_ins_code 
_struct_site.pdbx_num_residues 
_struct_site.details 
AC1 Software B CA  201 ? 6 'BINDING SITE FOR RESIDUE CA B 201'  
AC2 Software A CA  202 ? 6 'BINDING SITE FOR RESIDUE CA A 202'  
AC3 Software B ACT 802 ? 1 'BINDING SITE FOR RESIDUE ACT B 802' 
# 
loop_
_struct_site_gen.id 
_struct_site_gen.site_id 
_struct_site_gen.pdbx_num_res 
_struct_site_gen.label_comp_id 
_struct_site_gen.label_asym_id 
_struct_site_gen.label_seq_id 
_struct_site_gen.pdbx_auth_ins_code 
_struct_site_gen.auth_comp_id 
_struct_site_gen.auth_asym_id 
_struct_site_gen.auth_seq_id 
_struct_site_gen.label_atom_id 
_struct_site_gen.label_alt_id 
_struct_site_gen.symmetry 
_struct_site_gen.details 
1  AC1 6 GLU A 40 ? GLU A 40  . ? 8_456 ? 
2  AC1 6 ASP B 38 ? ASP B 38  . ? 1_555 ? 
3  AC1 6 GLU B 40 ? GLU B 40  . ? 1_555 ? 
4  AC1 6 HOH H .  ? HOH B 804 . ? 1_555 ? 
5  AC1 6 HOH H .  ? HOH B 808 . ? 1_555 ? 
6  AC1 6 HOH H .  ? HOH B 824 . ? 1_555 ? 
7  AC2 6 ASP A 38 ? ASP A 38  . ? 1_555 ? 
8  AC2 6 GLU A 40 ? GLU A 40  . ? 1_555 ? 
9  AC2 6 HOH G .  ? HOH A 204 . ? 1_555 ? 
10 AC2 6 HOH G .  ? HOH A 205 . ? 1_555 ? 
11 AC2 6 HOH G .  ? HOH A 224 . ? 1_555 ? 
12 AC2 6 GLU B 40 ? GLU B 40  . ? 8_556 ? 
13 AC3 1 GLN B 19 ? GLN B 19  . ? 1_555 ? 
# 
_pdbx_entry_details.entry_id                   2GF4 
_pdbx_entry_details.compound_details           ? 
_pdbx_entry_details.source_details             ? 
_pdbx_entry_details.nonpolymer_details         ? 
_pdbx_entry_details.sequence_details           ? 
_pdbx_entry_details.has_ligand_of_interest     ? 
_pdbx_entry_details.has_protein_modification   Y 
# 
loop_
_pdbx_validate_close_contact.id 
_pdbx_validate_close_contact.PDB_model_num 
_pdbx_validate_close_contact.auth_atom_id_1 
_pdbx_validate_close_contact.auth_asym_id_1 
_pdbx_validate_close_contact.auth_comp_id_1 
_pdbx_validate_close_contact.auth_seq_id_1 
_pdbx_validate_close_contact.PDB_ins_code_1 
_pdbx_validate_close_contact.label_alt_id_1 
_pdbx_validate_close_contact.auth_atom_id_2 
_pdbx_validate_close_contact.auth_asym_id_2 
_pdbx_validate_close_contact.auth_comp_id_2 
_pdbx_validate_close_contact.auth_seq_id_2 
_pdbx_validate_close_contact.PDB_ins_code_2 
_pdbx_validate_close_contact.label_alt_id_2 
_pdbx_validate_close_contact.dist 
1 1 NZ  A LYS 79 ? ? OE1 A GLU 83 ? ? 2.06 
2 1 CD1 A PHE 71 ? ? ND1 B HIS 53 ? ? 2.13 
# 
loop_
_pdbx_validate_symm_contact.id 
_pdbx_validate_symm_contact.PDB_model_num 
_pdbx_validate_symm_contact.auth_atom_id_1 
_pdbx_validate_symm_contact.auth_asym_id_1 
_pdbx_validate_symm_contact.auth_comp_id_1 
_pdbx_validate_symm_contact.auth_seq_id_1 
_pdbx_validate_symm_contact.PDB_ins_code_1 
_pdbx_validate_symm_contact.label_alt_id_1 
_pdbx_validate_symm_contact.site_symmetry_1 
_pdbx_validate_symm_contact.auth_atom_id_2 
_pdbx_validate_symm_contact.auth_asym_id_2 
_pdbx_validate_symm_contact.auth_comp_id_2 
_pdbx_validate_symm_contact.auth_seq_id_2 
_pdbx_validate_symm_contact.PDB_ins_code_2 
_pdbx_validate_symm_contact.label_alt_id_2 
_pdbx_validate_symm_contact.site_symmetry_2 
_pdbx_validate_symm_contact.dist 
1 1 O B HOH 827 ? ? 1_555 O B HOH 827 ? ? 4_566 1.90 
2 1 O A HOH 255 ? ? 1_555 O A HOH 255 ? ? 4_566 1.97 
# 
_pdbx_validate_rmsd_angle.id                         1 
_pdbx_validate_rmsd_angle.PDB_model_num              1 
_pdbx_validate_rmsd_angle.auth_atom_id_1             CG 
_pdbx_validate_rmsd_angle.auth_asym_id_1             A 
_pdbx_validate_rmsd_angle.auth_comp_id_1             MSE 
_pdbx_validate_rmsd_angle.auth_seq_id_1              81 
_pdbx_validate_rmsd_angle.PDB_ins_code_1             ? 
_pdbx_validate_rmsd_angle.label_alt_id_1             ? 
_pdbx_validate_rmsd_angle.auth_atom_id_2             SE 
_pdbx_validate_rmsd_angle.auth_asym_id_2             A 
_pdbx_validate_rmsd_angle.auth_comp_id_2             MSE 
_pdbx_validate_rmsd_angle.auth_seq_id_2              81 
_pdbx_validate_rmsd_angle.PDB_ins_code_2             ? 
_pdbx_validate_rmsd_angle.label_alt_id_2             ? 
_pdbx_validate_rmsd_angle.auth_atom_id_3             CE 
_pdbx_validate_rmsd_angle.auth_asym_id_3             A 
_pdbx_validate_rmsd_angle.auth_comp_id_3             MSE 
_pdbx_validate_rmsd_angle.auth_seq_id_3              81 
_pdbx_validate_rmsd_angle.PDB_ins_code_3             ? 
_pdbx_validate_rmsd_angle.label_alt_id_3             ? 
_pdbx_validate_rmsd_angle.angle_value                74.17 
_pdbx_validate_rmsd_angle.angle_target_value         98.90 
_pdbx_validate_rmsd_angle.angle_deviation            -24.73 
_pdbx_validate_rmsd_angle.angle_standard_deviation   2.20 
_pdbx_validate_rmsd_angle.linker_flag                N 
# 
_pdbx_SG_project.id                    1 
_pdbx_SG_project.project_name          'PSI, Protein Structure Initiative' 
_pdbx_SG_project.full_name_of_center   'Northeast Structural Genomics Consortium' 
_pdbx_SG_project.initial_of_center     NESG 
# 
loop_
_pdbx_struct_mod_residue.id 
_pdbx_struct_mod_residue.label_asym_id 
_pdbx_struct_mod_residue.label_comp_id 
_pdbx_struct_mod_residue.label_seq_id 
_pdbx_struct_mod_residue.auth_asym_id 
_pdbx_struct_mod_residue.auth_comp_id 
_pdbx_struct_mod_residue.auth_seq_id 
_pdbx_struct_mod_residue.PDB_ins_code 
_pdbx_struct_mod_residue.parent_comp_id 
_pdbx_struct_mod_residue.details 
1 A MSE 1  A MSE 1  ? MET SELENOMETHIONINE 
2 A MSE 13 A MSE 13 ? MET SELENOMETHIONINE 
3 A MSE 66 A MSE 66 ? MET SELENOMETHIONINE 
4 A MSE 81 A MSE 81 ? MET SELENOMETHIONINE 
5 B MSE 1  B MSE 1  ? MET SELENOMETHIONINE 
6 B MSE 13 B MSE 13 ? MET SELENOMETHIONINE 
7 B MSE 66 B MSE 66 ? MET SELENOMETHIONINE 
# 
_diffrn_reflns.diffrn_id                   1 
_diffrn_reflns.pdbx_d_res_high             2.000 
_diffrn_reflns.pdbx_d_res_low              20.000 
_diffrn_reflns.pdbx_number_obs             29978 
_diffrn_reflns.pdbx_Rmerge_I_obs           0.098 
_diffrn_reflns.pdbx_Rsym_value             ? 
_diffrn_reflns.pdbx_chi_squared            1.03 
_diffrn_reflns.av_sigmaI_over_netI         9.20 
_diffrn_reflns.pdbx_redundancy             5.30 
_diffrn_reflns.pdbx_percent_possible_obs   99.70 
_diffrn_reflns.number                      159459 
_diffrn_reflns.pdbx_observed_criterion     ? 
_diffrn_reflns.limit_h_max                 ? 
_diffrn_reflns.limit_h_min                 ? 
_diffrn_reflns.limit_k_max                 ? 
_diffrn_reflns.limit_k_min                 ? 
_diffrn_reflns.limit_l_max                 ? 
_diffrn_reflns.limit_l_min                 ? 
# 
loop_
_pdbx_diffrn_reflns_shell.diffrn_id 
_pdbx_diffrn_reflns_shell.d_res_high 
_pdbx_diffrn_reflns_shell.d_res_low 
_pdbx_diffrn_reflns_shell.number_obs 
_pdbx_diffrn_reflns_shell.rejects 
_pdbx_diffrn_reflns_shell.Rmerge_I_obs 
_pdbx_diffrn_reflns_shell.Rsym_value 
_pdbx_diffrn_reflns_shell.chi_squared 
_pdbx_diffrn_reflns_shell.redundancy 
_pdbx_diffrn_reflns_shell.percent_possible_obs 
1 2.00 2.07  2992 ? 0.451 ? 1.027 4.30 98.80  
1 4.30 20.00 2984 ? 0.073 ? 0.997 5.90 99.10  
1 3.42 4.30  2999 ? 0.073 ? 0.981 6.00 99.90  
1 2.99 3.42  3025 ? 0.085 ? 1.042 5.90 99.90  
1 2.71 2.99  2977 ? 0.114 ? 1.052 5.60 99.90  
1 2.52 2.71  3008 ? 0.136 ? 1.044 5.40 99.90  
1 2.37 2.52  2996 ? 0.177 ? 1.052 5.30 100.00 
1 2.25 2.37  3021 ? 0.222 ? 1.042 5.20 100.00 
1 2.15 2.25  2977 ? 0.304 ? 1.065 5.00 99.90  
1 2.07 2.15  2999 ? 0.392 ? 1.064 4.70 99.70  
# 
loop_
_pdbx_phasing_MAD_set_site.id 
_pdbx_phasing_MAD_set_site.atom_type_symbol 
_pdbx_phasing_MAD_set_site.occupancy 
_pdbx_phasing_MAD_set_site.fract_x 
_pdbx_phasing_MAD_set_site.fract_y 
_pdbx_phasing_MAD_set_site.fract_z 
_pdbx_phasing_MAD_set_site.b_iso 
1 Se 1.027 0.683 0.493 0.013 19.192 
2 Se 1.050 0.648 0.013 0.014 23.196 
3 Se 0.882 0.255 0.033 0.075 20.897 
4 Se 1.184 0.077 0.467 0.075 30.086 
5 Se 0.696 0.199 0.073 0.094 23.898 
6 Se 0.835 0.134 0.426 0.094 41.944 
# 
_pdbx_phasing_dm.entry_id          2GF4 
_pdbx_phasing_dm.fom_acentric      0.590 
_pdbx_phasing_dm.fom_centric       0.600 
_pdbx_phasing_dm.fom               0.590 
_pdbx_phasing_dm.reflns_acentric   11878 
_pdbx_phasing_dm.reflns_centric    1342 
_pdbx_phasing_dm.reflns            13220 
# 
loop_
_pdbx_phasing_dm_shell.d_res_high 
_pdbx_phasing_dm_shell.d_res_low 
_pdbx_phasing_dm_shell.delta_phi_final 
_pdbx_phasing_dm_shell.delta_phi_initial 
_pdbx_phasing_dm_shell.fom_acentric 
_pdbx_phasing_dm_shell.fom_centric 
_pdbx_phasing_dm_shell.fom 
_pdbx_phasing_dm_shell.reflns_acentric 
_pdbx_phasing_dm_shell.reflns_centric 
_pdbx_phasing_dm_shell.reflns 
5.900 19.994 ? ? 0.860 0.770 0.840 479  171 650  
3.700 5.900  ? ? 0.850 0.730 0.830 1645 298 1943 
3.000 3.700  ? ? 0.780 0.680 0.770 2115 267 2382 
2.600 3.000  ? ? 0.660 0.530 0.650 2081 211 2292 
2.200 2.600  ? ? 0.480 0.460 0.480 3550 278 3828 
2.100 2.200  ? ? 0.260 0.290 0.260 2008 117 2125 
# 
_phasing.method   SAD 
# 
loop_
_pdbx_unobs_or_zero_occ_residues.id 
_pdbx_unobs_or_zero_occ_residues.PDB_model_num 
_pdbx_unobs_or_zero_occ_residues.polymer_flag 
_pdbx_unobs_or_zero_occ_residues.occupancy_flag 
_pdbx_unobs_or_zero_occ_residues.auth_asym_id 
_pdbx_unobs_or_zero_occ_residues.auth_comp_id 
_pdbx_unobs_or_zero_occ_residues.auth_seq_id 
_pdbx_unobs_or_zero_occ_residues.PDB_ins_code 
_pdbx_unobs_or_zero_occ_residues.label_asym_id 
_pdbx_unobs_or_zero_occ_residues.label_comp_id 
_pdbx_unobs_or_zero_occ_residues.label_seq_id 
1  1 Y 1 A ASN 90  ? A ASN 90  
2  1 Y 1 A GLN 91  ? A GLN 91  
3  1 Y 1 A LEU 92  ? A LEU 92  
4  1 Y 1 A LEU 93  ? A LEU 93  
5  1 Y 1 A GLU 94  ? A GLU 94  
6  1 Y 1 A HIS 95  ? A HIS 95  
7  1 Y 1 A HIS 96  ? A HIS 96  
8  1 Y 1 A HIS 97  ? A HIS 97  
9  1 Y 1 A HIS 98  ? A HIS 98  
10 1 Y 1 A HIS 99  ? A HIS 99  
11 1 Y 1 A HIS 100 ? A HIS 100 
12 1 Y 1 B ARG 76  ? B ARG 76  
13 1 Y 1 B ILE 77  ? B ILE 77  
14 1 Y 1 B SER 78  ? B SER 78  
15 1 Y 1 B LYS 79  ? B LYS 79  
16 1 Y 1 B ARG 80  ? B ARG 80  
17 1 Y 1 B MSE 81  ? B MSE 81  
18 1 Y 1 B GLU 82  ? B GLU 82  
19 1 Y 1 B GLU 83  ? B GLU 83  
20 1 Y 1 B LEU 84  ? B LEU 84  
21 1 Y 1 B ALA 85  ? B ALA 85  
22 1 Y 1 B ASP 86  ? B ASP 86  
23 1 Y 1 B ASP 87  ? B ASP 87  
24 1 Y 1 B ALA 88  ? B ALA 88  
25 1 Y 1 B SER 89  ? B SER 89  
26 1 Y 1 B ASN 90  ? B ASN 90  
27 1 Y 1 B GLN 91  ? B GLN 91  
28 1 Y 1 B LEU 92  ? B LEU 92  
29 1 Y 1 B LEU 93  ? B LEU 93  
30 1 Y 1 B GLU 94  ? B GLU 94  
31 1 Y 1 B HIS 95  ? B HIS 95  
32 1 Y 1 B HIS 96  ? B HIS 96  
33 1 Y 1 B HIS 97  ? B HIS 97  
34 1 Y 1 B HIS 98  ? B HIS 98  
35 1 Y 1 B HIS 99  ? B HIS 99  
36 1 Y 1 B HIS 100 ? B HIS 100 
# 
loop_
_chem_comp_atom.comp_id 
_chem_comp_atom.atom_id 
_chem_comp_atom.type_symbol 
_chem_comp_atom.pdbx_aromatic_flag 
_chem_comp_atom.pdbx_stereo_config 
_chem_comp_atom.pdbx_ordinal 
ACT C    C  N N 1   
ACT O    O  N N 2   
ACT OXT  O  N N 3   
ACT CH3  C  N N 4   
ACT H1   H  N N 5   
ACT H2   H  N N 6   
ACT H3   H  N N 7   
ALA N    N  N N 8   
ALA CA   C  N S 9   
ALA C    C  N N 10  
ALA O    O  N N 11  
ALA CB   C  N N 12  
ALA OXT  O  N N 13  
ALA H    H  N N 14  
ALA H2   H  N N 15  
ALA HA   H  N N 16  
ALA HB1  H  N N 17  
ALA HB2  H  N N 18  
ALA HB3  H  N N 19  
ALA HXT  H  N N 20  
ARG N    N  N N 21  
ARG CA   C  N S 22  
ARG C    C  N N 23  
ARG O    O  N N 24  
ARG CB   C  N N 25  
ARG CG   C  N N 26  
ARG CD   C  N N 27  
ARG NE   N  N N 28  
ARG CZ   C  N N 29  
ARG NH1  N  N N 30  
ARG NH2  N  N N 31  
ARG OXT  O  N N 32  
ARG H    H  N N 33  
ARG H2   H  N N 34  
ARG HA   H  N N 35  
ARG HB2  H  N N 36  
ARG HB3  H  N N 37  
ARG HG2  H  N N 38  
ARG HG3  H  N N 39  
ARG HD2  H  N N 40  
ARG HD3  H  N N 41  
ARG HE   H  N N 42  
ARG HH11 H  N N 43  
ARG HH12 H  N N 44  
ARG HH21 H  N N 45  
ARG HH22 H  N N 46  
ARG HXT  H  N N 47  
ASN N    N  N N 48  
ASN CA   C  N S 49  
ASN C    C  N N 50  
ASN O    O  N N 51  
ASN CB   C  N N 52  
ASN CG   C  N N 53  
ASN OD1  O  N N 54  
ASN ND2  N  N N 55  
ASN OXT  O  N N 56  
ASN H    H  N N 57  
ASN H2   H  N N 58  
ASN HA   H  N N 59  
ASN HB2  H  N N 60  
ASN HB3  H  N N 61  
ASN HD21 H  N N 62  
ASN HD22 H  N N 63  
ASN HXT  H  N N 64  
ASP N    N  N N 65  
ASP CA   C  N S 66  
ASP C    C  N N 67  
ASP O    O  N N 68  
ASP CB   C  N N 69  
ASP CG   C  N N 70  
ASP OD1  O  N N 71  
ASP OD2  O  N N 72  
ASP OXT  O  N N 73  
ASP H    H  N N 74  
ASP H2   H  N N 75  
ASP HA   H  N N 76  
ASP HB2  H  N N 77  
ASP HB3  H  N N 78  
ASP HD2  H  N N 79  
ASP HXT  H  N N 80  
CA  CA   CA N N 81  
GLN N    N  N N 82  
GLN CA   C  N S 83  
GLN C    C  N N 84  
GLN O    O  N N 85  
GLN CB   C  N N 86  
GLN CG   C  N N 87  
GLN CD   C  N N 88  
GLN OE1  O  N N 89  
GLN NE2  N  N N 90  
GLN OXT  O  N N 91  
GLN H    H  N N 92  
GLN H2   H  N N 93  
GLN HA   H  N N 94  
GLN HB2  H  N N 95  
GLN HB3  H  N N 96  
GLN HG2  H  N N 97  
GLN HG3  H  N N 98  
GLN HE21 H  N N 99  
GLN HE22 H  N N 100 
GLN HXT  H  N N 101 
GLU N    N  N N 102 
GLU CA   C  N S 103 
GLU C    C  N N 104 
GLU O    O  N N 105 
GLU CB   C  N N 106 
GLU CG   C  N N 107 
GLU CD   C  N N 108 
GLU OE1  O  N N 109 
GLU OE2  O  N N 110 
GLU OXT  O  N N 111 
GLU H    H  N N 112 
GLU H2   H  N N 113 
GLU HA   H  N N 114 
GLU HB2  H  N N 115 
GLU HB3  H  N N 116 
GLU HG2  H  N N 117 
GLU HG3  H  N N 118 
GLU HE2  H  N N 119 
GLU HXT  H  N N 120 
GLY N    N  N N 121 
GLY CA   C  N N 122 
GLY C    C  N N 123 
GLY O    O  N N 124 
GLY OXT  O  N N 125 
GLY H    H  N N 126 
GLY H2   H  N N 127 
GLY HA2  H  N N 128 
GLY HA3  H  N N 129 
GLY HXT  H  N N 130 
HIS N    N  N N 131 
HIS CA   C  N S 132 
HIS C    C  N N 133 
HIS O    O  N N 134 
HIS CB   C  N N 135 
HIS CG   C  Y N 136 
HIS ND1  N  Y N 137 
HIS CD2  C  Y N 138 
HIS CE1  C  Y N 139 
HIS NE2  N  Y N 140 
HIS OXT  O  N N 141 
HIS H    H  N N 142 
HIS H2   H  N N 143 
HIS HA   H  N N 144 
HIS HB2  H  N N 145 
HIS HB3  H  N N 146 
HIS HD1  H  N N 147 
HIS HD2  H  N N 148 
HIS HE1  H  N N 149 
HIS HE2  H  N N 150 
HIS HXT  H  N N 151 
HOH O    O  N N 152 
HOH H1   H  N N 153 
HOH H2   H  N N 154 
ILE N    N  N N 155 
ILE CA   C  N S 156 
ILE C    C  N N 157 
ILE O    O  N N 158 
ILE CB   C  N S 159 
ILE CG1  C  N N 160 
ILE CG2  C  N N 161 
ILE CD1  C  N N 162 
ILE OXT  O  N N 163 
ILE H    H  N N 164 
ILE H2   H  N N 165 
ILE HA   H  N N 166 
ILE HB   H  N N 167 
ILE HG12 H  N N 168 
ILE HG13 H  N N 169 
ILE HG21 H  N N 170 
ILE HG22 H  N N 171 
ILE HG23 H  N N 172 
ILE HD11 H  N N 173 
ILE HD12 H  N N 174 
ILE HD13 H  N N 175 
ILE HXT  H  N N 176 
LEU N    N  N N 177 
LEU CA   C  N S 178 
LEU C    C  N N 179 
LEU O    O  N N 180 
LEU CB   C  N N 181 
LEU CG   C  N N 182 
LEU CD1  C  N N 183 
LEU CD2  C  N N 184 
LEU OXT  O  N N 185 
LEU H    H  N N 186 
LEU H2   H  N N 187 
LEU HA   H  N N 188 
LEU HB2  H  N N 189 
LEU HB3  H  N N 190 
LEU HG   H  N N 191 
LEU HD11 H  N N 192 
LEU HD12 H  N N 193 
LEU HD13 H  N N 194 
LEU HD21 H  N N 195 
LEU HD22 H  N N 196 
LEU HD23 H  N N 197 
LEU HXT  H  N N 198 
LYS N    N  N N 199 
LYS CA   C  N S 200 
LYS C    C  N N 201 
LYS O    O  N N 202 
LYS CB   C  N N 203 
LYS CG   C  N N 204 
LYS CD   C  N N 205 
LYS CE   C  N N 206 
LYS NZ   N  N N 207 
LYS OXT  O  N N 208 
LYS H    H  N N 209 
LYS H2   H  N N 210 
LYS HA   H  N N 211 
LYS HB2  H  N N 212 
LYS HB3  H  N N 213 
LYS HG2  H  N N 214 
LYS HG3  H  N N 215 
LYS HD2  H  N N 216 
LYS HD3  H  N N 217 
LYS HE2  H  N N 218 
LYS HE3  H  N N 219 
LYS HZ1  H  N N 220 
LYS HZ2  H  N N 221 
LYS HZ3  H  N N 222 
LYS HXT  H  N N 223 
MET N    N  N N 224 
MET CA   C  N S 225 
MET C    C  N N 226 
MET O    O  N N 227 
MET CB   C  N N 228 
MET CG   C  N N 229 
MET SD   S  N N 230 
MET CE   C  N N 231 
MET OXT  O  N N 232 
MET H    H  N N 233 
MET H2   H  N N 234 
MET HA   H  N N 235 
MET HB2  H  N N 236 
MET HB3  H  N N 237 
MET HG2  H  N N 238 
MET HG3  H  N N 239 
MET HE1  H  N N 240 
MET HE2  H  N N 241 
MET HE3  H  N N 242 
MET HXT  H  N N 243 
MSE N    N  N N 244 
MSE CA   C  N S 245 
MSE C    C  N N 246 
MSE O    O  N N 247 
MSE OXT  O  N N 248 
MSE CB   C  N N 249 
MSE CG   C  N N 250 
MSE SE   SE N N 251 
MSE CE   C  N N 252 
MSE H    H  N N 253 
MSE H2   H  N N 254 
MSE HA   H  N N 255 
MSE HXT  H  N N 256 
MSE HB2  H  N N 257 
MSE HB3  H  N N 258 
MSE HG2  H  N N 259 
MSE HG3  H  N N 260 
MSE HE1  H  N N 261 
MSE HE2  H  N N 262 
MSE HE3  H  N N 263 
PHE N    N  N N 264 
PHE CA   C  N S 265 
PHE C    C  N N 266 
PHE O    O  N N 267 
PHE CB   C  N N 268 
PHE CG   C  Y N 269 
PHE CD1  C  Y N 270 
PHE CD2  C  Y N 271 
PHE CE1  C  Y N 272 
PHE CE2  C  Y N 273 
PHE CZ   C  Y N 274 
PHE OXT  O  N N 275 
PHE H    H  N N 276 
PHE H2   H  N N 277 
PHE HA   H  N N 278 
PHE HB2  H  N N 279 
PHE HB3  H  N N 280 
PHE HD1  H  N N 281 
PHE HD2  H  N N 282 
PHE HE1  H  N N 283 
PHE HE2  H  N N 284 
PHE HZ   H  N N 285 
PHE HXT  H  N N 286 
PRO N    N  N N 287 
PRO CA   C  N S 288 
PRO C    C  N N 289 
PRO O    O  N N 290 
PRO CB   C  N N 291 
PRO CG   C  N N 292 
PRO CD   C  N N 293 
PRO OXT  O  N N 294 
PRO H    H  N N 295 
PRO HA   H  N N 296 
PRO HB2  H  N N 297 
PRO HB3  H  N N 298 
PRO HG2  H  N N 299 
PRO HG3  H  N N 300 
PRO HD2  H  N N 301 
PRO HD3  H  N N 302 
PRO HXT  H  N N 303 
SER N    N  N N 304 
SER CA   C  N S 305 
SER C    C  N N 306 
SER O    O  N N 307 
SER CB   C  N N 308 
SER OG   O  N N 309 
SER OXT  O  N N 310 
SER H    H  N N 311 
SER H2   H  N N 312 
SER HA   H  N N 313 
SER HB2  H  N N 314 
SER HB3  H  N N 315 
SER HG   H  N N 316 
SER HXT  H  N N 317 
THR N    N  N N 318 
THR CA   C  N S 319 
THR C    C  N N 320 
THR O    O  N N 321 
THR CB   C  N R 322 
THR OG1  O  N N 323 
THR CG2  C  N N 324 
THR OXT  O  N N 325 
THR H    H  N N 326 
THR H2   H  N N 327 
THR HA   H  N N 328 
THR HB   H  N N 329 
THR HG1  H  N N 330 
THR HG21 H  N N 331 
THR HG22 H  N N 332 
THR HG23 H  N N 333 
THR HXT  H  N N 334 
TYR N    N  N N 335 
TYR CA   C  N S 336 
TYR C    C  N N 337 
TYR O    O  N N 338 
TYR CB   C  N N 339 
TYR CG   C  Y N 340 
TYR CD1  C  Y N 341 
TYR CD2  C  Y N 342 
TYR CE1  C  Y N 343 
TYR CE2  C  Y N 344 
TYR CZ   C  Y N 345 
TYR OH   O  N N 346 
TYR OXT  O  N N 347 
TYR H    H  N N 348 
TYR H2   H  N N 349 
TYR HA   H  N N 350 
TYR HB2  H  N N 351 
TYR HB3  H  N N 352 
TYR HD1  H  N N 353 
TYR HD2  H  N N 354 
TYR HE1  H  N N 355 
TYR HE2  H  N N 356 
TYR HH   H  N N 357 
TYR HXT  H  N N 358 
VAL N    N  N N 359 
VAL CA   C  N S 360 
VAL C    C  N N 361 
VAL O    O  N N 362 
VAL CB   C  N N 363 
VAL CG1  C  N N 364 
VAL CG2  C  N N 365 
VAL OXT  O  N N 366 
VAL H    H  N N 367 
VAL H2   H  N N 368 
VAL HA   H  N N 369 
VAL HB   H  N N 370 
VAL HG11 H  N N 371 
VAL HG12 H  N N 372 
VAL HG13 H  N N 373 
VAL HG21 H  N N 374 
VAL HG22 H  N N 375 
VAL HG23 H  N N 376 
VAL HXT  H  N N 377 
# 
loop_
_chem_comp_bond.comp_id 
_chem_comp_bond.atom_id_1 
_chem_comp_bond.atom_id_2 
_chem_comp_bond.value_order 
_chem_comp_bond.pdbx_aromatic_flag 
_chem_comp_bond.pdbx_stereo_config 
_chem_comp_bond.pdbx_ordinal 
ACT C   O    doub N N 1   
ACT C   OXT  sing N N 2   
ACT C   CH3  sing N N 3   
ACT CH3 H1   sing N N 4   
ACT CH3 H2   sing N N 5   
ACT CH3 H3   sing N N 6   
ALA N   CA   sing N N 7   
ALA N   H    sing N N 8   
ALA N   H2   sing N N 9   
ALA CA  C    sing N N 10  
ALA CA  CB   sing N N 11  
ALA CA  HA   sing N N 12  
ALA C   O    doub N N 13  
ALA C   OXT  sing N N 14  
ALA CB  HB1  sing N N 15  
ALA CB  HB2  sing N N 16  
ALA CB  HB3  sing N N 17  
ALA OXT HXT  sing N N 18  
ARG N   CA   sing N N 19  
ARG N   H    sing N N 20  
ARG N   H2   sing N N 21  
ARG CA  C    sing N N 22  
ARG CA  CB   sing N N 23  
ARG CA  HA   sing N N 24  
ARG C   O    doub N N 25  
ARG C   OXT  sing N N 26  
ARG CB  CG   sing N N 27  
ARG CB  HB2  sing N N 28  
ARG CB  HB3  sing N N 29  
ARG CG  CD   sing N N 30  
ARG CG  HG2  sing N N 31  
ARG CG  HG3  sing N N 32  
ARG CD  NE   sing N N 33  
ARG CD  HD2  sing N N 34  
ARG CD  HD3  sing N N 35  
ARG NE  CZ   sing N N 36  
ARG NE  HE   sing N N 37  
ARG CZ  NH1  sing N N 38  
ARG CZ  NH2  doub N N 39  
ARG NH1 HH11 sing N N 40  
ARG NH1 HH12 sing N N 41  
ARG NH2 HH21 sing N N 42  
ARG NH2 HH22 sing N N 43  
ARG OXT HXT  sing N N 44  
ASN N   CA   sing N N 45  
ASN N   H    sing N N 46  
ASN N   H2   sing N N 47  
ASN CA  C    sing N N 48  
ASN CA  CB   sing N N 49  
ASN CA  HA   sing N N 50  
ASN C   O    doub N N 51  
ASN C   OXT  sing N N 52  
ASN CB  CG   sing N N 53  
ASN CB  HB2  sing N N 54  
ASN CB  HB3  sing N N 55  
ASN CG  OD1  doub N N 56  
ASN CG  ND2  sing N N 57  
ASN ND2 HD21 sing N N 58  
ASN ND2 HD22 sing N N 59  
ASN OXT HXT  sing N N 60  
ASP N   CA   sing N N 61  
ASP N   H    sing N N 62  
ASP N   H2   sing N N 63  
ASP CA  C    sing N N 64  
ASP CA  CB   sing N N 65  
ASP CA  HA   sing N N 66  
ASP C   O    doub N N 67  
ASP C   OXT  sing N N 68  
ASP CB  CG   sing N N 69  
ASP CB  HB2  sing N N 70  
ASP CB  HB3  sing N N 71  
ASP CG  OD1  doub N N 72  
ASP CG  OD2  sing N N 73  
ASP OD2 HD2  sing N N 74  
ASP OXT HXT  sing N N 75  
GLN N   CA   sing N N 76  
GLN N   H    sing N N 77  
GLN N   H2   sing N N 78  
GLN CA  C    sing N N 79  
GLN CA  CB   sing N N 80  
GLN CA  HA   sing N N 81  
GLN C   O    doub N N 82  
GLN C   OXT  sing N N 83  
GLN CB  CG   sing N N 84  
GLN CB  HB2  sing N N 85  
GLN CB  HB3  sing N N 86  
GLN CG  CD   sing N N 87  
GLN CG  HG2  sing N N 88  
GLN CG  HG3  sing N N 89  
GLN CD  OE1  doub N N 90  
GLN CD  NE2  sing N N 91  
GLN NE2 HE21 sing N N 92  
GLN NE2 HE22 sing N N 93  
GLN OXT HXT  sing N N 94  
GLU N   CA   sing N N 95  
GLU N   H    sing N N 96  
GLU N   H2   sing N N 97  
GLU CA  C    sing N N 98  
GLU CA  CB   sing N N 99  
GLU CA  HA   sing N N 100 
GLU C   O    doub N N 101 
GLU C   OXT  sing N N 102 
GLU CB  CG   sing N N 103 
GLU CB  HB2  sing N N 104 
GLU CB  HB3  sing N N 105 
GLU CG  CD   sing N N 106 
GLU CG  HG2  sing N N 107 
GLU CG  HG3  sing N N 108 
GLU CD  OE1  doub N N 109 
GLU CD  OE2  sing N N 110 
GLU OE2 HE2  sing N N 111 
GLU OXT HXT  sing N N 112 
GLY N   CA   sing N N 113 
GLY N   H    sing N N 114 
GLY N   H2   sing N N 115 
GLY CA  C    sing N N 116 
GLY CA  HA2  sing N N 117 
GLY CA  HA3  sing N N 118 
GLY C   O    doub N N 119 
GLY C   OXT  sing N N 120 
GLY OXT HXT  sing N N 121 
HIS N   CA   sing N N 122 
HIS N   H    sing N N 123 
HIS N   H2   sing N N 124 
HIS CA  C    sing N N 125 
HIS CA  CB   sing N N 126 
HIS CA  HA   sing N N 127 
HIS C   O    doub N N 128 
HIS C   OXT  sing N N 129 
HIS CB  CG   sing N N 130 
HIS CB  HB2  sing N N 131 
HIS CB  HB3  sing N N 132 
HIS CG  ND1  sing Y N 133 
HIS CG  CD2  doub Y N 134 
HIS ND1 CE1  doub Y N 135 
HIS ND1 HD1  sing N N 136 
HIS CD2 NE2  sing Y N 137 
HIS CD2 HD2  sing N N 138 
HIS CE1 NE2  sing Y N 139 
HIS CE1 HE1  sing N N 140 
HIS NE2 HE2  sing N N 141 
HIS OXT HXT  sing N N 142 
HOH O   H1   sing N N 143 
HOH O   H2   sing N N 144 
ILE N   CA   sing N N 145 
ILE N   H    sing N N 146 
ILE N   H2   sing N N 147 
ILE CA  C    sing N N 148 
ILE CA  CB   sing N N 149 
ILE CA  HA   sing N N 150 
ILE C   O    doub N N 151 
ILE C   OXT  sing N N 152 
ILE CB  CG1  sing N N 153 
ILE CB  CG2  sing N N 154 
ILE CB  HB   sing N N 155 
ILE CG1 CD1  sing N N 156 
ILE CG1 HG12 sing N N 157 
ILE CG1 HG13 sing N N 158 
ILE CG2 HG21 sing N N 159 
ILE CG2 HG22 sing N N 160 
ILE CG2 HG23 sing N N 161 
ILE CD1 HD11 sing N N 162 
ILE CD1 HD12 sing N N 163 
ILE CD1 HD13 sing N N 164 
ILE OXT HXT  sing N N 165 
LEU N   CA   sing N N 166 
LEU N   H    sing N N 167 
LEU N   H2   sing N N 168 
LEU CA  C    sing N N 169 
LEU CA  CB   sing N N 170 
LEU CA  HA   sing N N 171 
LEU C   O    doub N N 172 
LEU C   OXT  sing N N 173 
LEU CB  CG   sing N N 174 
LEU CB  HB2  sing N N 175 
LEU CB  HB3  sing N N 176 
LEU CG  CD1  sing N N 177 
LEU CG  CD2  sing N N 178 
LEU CG  HG   sing N N 179 
LEU CD1 HD11 sing N N 180 
LEU CD1 HD12 sing N N 181 
LEU CD1 HD13 sing N N 182 
LEU CD2 HD21 sing N N 183 
LEU CD2 HD22 sing N N 184 
LEU CD2 HD23 sing N N 185 
LEU OXT HXT  sing N N 186 
LYS N   CA   sing N N 187 
LYS N   H    sing N N 188 
LYS N   H2   sing N N 189 
LYS CA  C    sing N N 190 
LYS CA  CB   sing N N 191 
LYS CA  HA   sing N N 192 
LYS C   O    doub N N 193 
LYS C   OXT  sing N N 194 
LYS CB  CG   sing N N 195 
LYS CB  HB2  sing N N 196 
LYS CB  HB3  sing N N 197 
LYS CG  CD   sing N N 198 
LYS CG  HG2  sing N N 199 
LYS CG  HG3  sing N N 200 
LYS CD  CE   sing N N 201 
LYS CD  HD2  sing N N 202 
LYS CD  HD3  sing N N 203 
LYS CE  NZ   sing N N 204 
LYS CE  HE2  sing N N 205 
LYS CE  HE3  sing N N 206 
LYS NZ  HZ1  sing N N 207 
LYS NZ  HZ2  sing N N 208 
LYS NZ  HZ3  sing N N 209 
LYS OXT HXT  sing N N 210 
MET N   CA   sing N N 211 
MET N   H    sing N N 212 
MET N   H2   sing N N 213 
MET CA  C    sing N N 214 
MET CA  CB   sing N N 215 
MET CA  HA   sing N N 216 
MET C   O    doub N N 217 
MET C   OXT  sing N N 218 
MET CB  CG   sing N N 219 
MET CB  HB2  sing N N 220 
MET CB  HB3  sing N N 221 
MET CG  SD   sing N N 222 
MET CG  HG2  sing N N 223 
MET CG  HG3  sing N N 224 
MET SD  CE   sing N N 225 
MET CE  HE1  sing N N 226 
MET CE  HE2  sing N N 227 
MET CE  HE3  sing N N 228 
MET OXT HXT  sing N N 229 
MSE N   CA   sing N N 230 
MSE N   H    sing N N 231 
MSE N   H2   sing N N 232 
MSE CA  C    sing N N 233 
MSE CA  CB   sing N N 234 
MSE CA  HA   sing N N 235 
MSE C   O    doub N N 236 
MSE C   OXT  sing N N 237 
MSE OXT HXT  sing N N 238 
MSE CB  CG   sing N N 239 
MSE CB  HB2  sing N N 240 
MSE CB  HB3  sing N N 241 
MSE CG  SE   sing N N 242 
MSE CG  HG2  sing N N 243 
MSE CG  HG3  sing N N 244 
MSE SE  CE   sing N N 245 
MSE CE  HE1  sing N N 246 
MSE CE  HE2  sing N N 247 
MSE CE  HE3  sing N N 248 
PHE N   CA   sing N N 249 
PHE N   H    sing N N 250 
PHE N   H2   sing N N 251 
PHE CA  C    sing N N 252 
PHE CA  CB   sing N N 253 
PHE CA  HA   sing N N 254 
PHE C   O    doub N N 255 
PHE C   OXT  sing N N 256 
PHE CB  CG   sing N N 257 
PHE CB  HB2  sing N N 258 
PHE CB  HB3  sing N N 259 
PHE CG  CD1  doub Y N 260 
PHE CG  CD2  sing Y N 261 
PHE CD1 CE1  sing Y N 262 
PHE CD1 HD1  sing N N 263 
PHE CD2 CE2  doub Y N 264 
PHE CD2 HD2  sing N N 265 
PHE CE1 CZ   doub Y N 266 
PHE CE1 HE1  sing N N 267 
PHE CE2 CZ   sing Y N 268 
PHE CE2 HE2  sing N N 269 
PHE CZ  HZ   sing N N 270 
PHE OXT HXT  sing N N 271 
PRO N   CA   sing N N 272 
PRO N   CD   sing N N 273 
PRO N   H    sing N N 274 
PRO CA  C    sing N N 275 
PRO CA  CB   sing N N 276 
PRO CA  HA   sing N N 277 
PRO C   O    doub N N 278 
PRO C   OXT  sing N N 279 
PRO CB  CG   sing N N 280 
PRO CB  HB2  sing N N 281 
PRO CB  HB3  sing N N 282 
PRO CG  CD   sing N N 283 
PRO CG  HG2  sing N N 284 
PRO CG  HG3  sing N N 285 
PRO CD  HD2  sing N N 286 
PRO CD  HD3  sing N N 287 
PRO OXT HXT  sing N N 288 
SER N   CA   sing N N 289 
SER N   H    sing N N 290 
SER N   H2   sing N N 291 
SER CA  C    sing N N 292 
SER CA  CB   sing N N 293 
SER CA  HA   sing N N 294 
SER C   O    doub N N 295 
SER C   OXT  sing N N 296 
SER CB  OG   sing N N 297 
SER CB  HB2  sing N N 298 
SER CB  HB3  sing N N 299 
SER OG  HG   sing N N 300 
SER OXT HXT  sing N N 301 
THR N   CA   sing N N 302 
THR N   H    sing N N 303 
THR N   H2   sing N N 304 
THR CA  C    sing N N 305 
THR CA  CB   sing N N 306 
THR CA  HA   sing N N 307 
THR C   O    doub N N 308 
THR C   OXT  sing N N 309 
THR CB  OG1  sing N N 310 
THR CB  CG2  sing N N 311 
THR CB  HB   sing N N 312 
THR OG1 HG1  sing N N 313 
THR CG2 HG21 sing N N 314 
THR CG2 HG22 sing N N 315 
THR CG2 HG23 sing N N 316 
THR OXT HXT  sing N N 317 
TYR N   CA   sing N N 318 
TYR N   H    sing N N 319 
TYR N   H2   sing N N 320 
TYR CA  C    sing N N 321 
TYR CA  CB   sing N N 322 
TYR CA  HA   sing N N 323 
TYR C   O    doub N N 324 
TYR C   OXT  sing N N 325 
TYR CB  CG   sing N N 326 
TYR CB  HB2  sing N N 327 
TYR CB  HB3  sing N N 328 
TYR CG  CD1  doub Y N 329 
TYR CG  CD2  sing Y N 330 
TYR CD1 CE1  sing Y N 331 
TYR CD1 HD1  sing N N 332 
TYR CD2 CE2  doub Y N 333 
TYR CD2 HD2  sing N N 334 
TYR CE1 CZ   doub Y N 335 
TYR CE1 HE1  sing N N 336 
TYR CE2 CZ   sing Y N 337 
TYR CE2 HE2  sing N N 338 
TYR CZ  OH   sing N N 339 
TYR OH  HH   sing N N 340 
TYR OXT HXT  sing N N 341 
VAL N   CA   sing N N 342 
VAL N   H    sing N N 343 
VAL N   H2   sing N N 344 
VAL CA  C    sing N N 345 
VAL CA  CB   sing N N 346 
VAL CA  HA   sing N N 347 
VAL C   O    doub N N 348 
VAL C   OXT  sing N N 349 
VAL CB  CG1  sing N N 350 
VAL CB  CG2  sing N N 351 
VAL CB  HB   sing N N 352 
VAL CG1 HG11 sing N N 353 
VAL CG1 HG12 sing N N 354 
VAL CG1 HG13 sing N N 355 
VAL CG2 HG21 sing N N 356 
VAL CG2 HG22 sing N N 357 
VAL CG2 HG23 sing N N 358 
VAL OXT HXT  sing N N 359 
# 
_atom_sites.entry_id                    2GF4 
_atom_sites.fract_transf_matrix[1][1]   -0.01649177 
_atom_sites.fract_transf_matrix[1][2]   -0.00129741 
_atom_sites.fract_transf_matrix[1][3]   0.00519748 
_atom_sites.fract_transf_matrix[2][1]   -0.00416881 
_atom_sites.fract_transf_matrix[2][2]   -0.00410177 
_atom_sites.fract_transf_matrix[2][3]   -0.01425168 
_atom_sites.fract_transf_matrix[3][1]   0.00120237 
_atom_sites.fract_transf_matrix[3][2]   -0.00775329 
_atom_sites.fract_transf_matrix[3][3]   0.00187976 
_atom_sites.fract_transf_vector[1]      0.070990 
_atom_sites.fract_transf_vector[2]      0.410645 
_atom_sites.fract_transf_vector[3]      0.519201 
# 
loop_
_atom_type.symbol 
C  
CA 
N  
O  
SE 
# 
loop_
_atom_site.group_PDB 
_atom_site.id 
_atom_site.type_symbol 
_atom_site.label_atom_id 
_atom_site.label_alt_id 
_atom_site.label_comp_id 
_atom_site.label_asym_id 
_atom_site.label_entity_id 
_atom_site.label_seq_id 
_atom_site.pdbx_PDB_ins_code 
_atom_site.Cartn_x 
_atom_site.Cartn_y 
_atom_site.Cartn_z 
_atom_site.occupancy 
_atom_site.B_iso_or_equiv 
_atom_site.pdbx_formal_charge 
_atom_site.auth_seq_id 
_atom_site.auth_comp_id 
_atom_site.auth_asym_id 
_atom_site.auth_atom_id 
_atom_site.pdbx_PDB_model_num 
HETATM 1    N  N   . MSE A 1 1  ? -18.769 12.597  -13.239 1.00 38.90  ? 1   MSE A N   1 
HETATM 2    C  CA  . MSE A 1 1  ? -19.359 12.184  -11.935 1.00 38.25  ? 1   MSE A CA  1 
HETATM 3    C  C   . MSE A 1 1  ? -19.798 13.411  -11.138 1.00 36.59  ? 1   MSE A C   1 
HETATM 4    O  O   . MSE A 1 1  ? -18.991 14.278  -10.821 1.00 34.96  ? 1   MSE A O   1 
HETATM 5    C  CB  . MSE A 1 1  ? -18.333 11.364  -11.142 1.00 49.03  ? 1   MSE A CB  1 
HETATM 6    C  CG  . MSE A 1 1  ? -18.771 10.974  -9.741  1.00 51.99  ? 1   MSE A CG  1 
HETATM 7    SE SE  . MSE A 1 1  ? -17.653 9.579   -8.991  1.00 57.68  ? 1   MSE A SE  1 
HETATM 8    C  CE  . MSE A 1 1  ? -15.943 10.460  -9.149  1.00 54.25  ? 1   MSE A CE  1 
ATOM   9    N  N   . HIS A 1 2  ? -21.087 13.481  -10.825 1.00 31.49  ? 2   HIS A N   1 
ATOM   10   C  CA  . HIS A 1 2  ? -21.630 14.613  -10.073 1.00 31.37  ? 2   HIS A CA  1 
ATOM   11   C  C   . HIS A 1 2  ? -21.159 14.632  -8.623  1.00 30.05  ? 2   HIS A C   1 
ATOM   12   O  O   . HIS A 1 2  ? -20.651 13.630  -8.122  1.00 29.07  ? 2   HIS A O   1 
ATOM   13   C  CB  . HIS A 1 2  ? -23.154 14.573  -10.121 1.00 56.66  ? 2   HIS A CB  1 
ATOM   14   C  CG  . HIS A 1 2  ? -23.708 14.774  -11.494 1.00 58.23  ? 2   HIS A CG  1 
ATOM   15   N  ND1 . HIS A 1 2  ? -23.389 15.869  -12.268 1.00 58.62  ? 2   HIS A ND1 1 
ATOM   16   C  CD2 . HIS A 1 2  ? -24.529 14.004  -12.248 1.00 59.13  ? 2   HIS A CD2 1 
ATOM   17   C  CE1 . HIS A 1 2  ? -23.984 15.762  -13.443 1.00 59.39  ? 2   HIS A CE1 1 
ATOM   18   N  NE2 . HIS A 1 2  ? -24.682 14.641  -13.457 1.00 59.85  ? 2   HIS A NE2 1 
ATOM   19   N  N   . LYS A 1 3  ? -21.318 15.769  -7.948  1.00 37.28  ? 3   LYS A N   1 
ATOM   20   C  CA  . LYS A 1 3  ? -20.889 15.842  -6.559  1.00 36.34  ? 3   LYS A CA  1 
ATOM   21   C  C   . LYS A 1 3  ? -21.765 14.962  -5.670  1.00 35.82  ? 3   LYS A C   1 
ATOM   22   O  O   . LYS A 1 3  ? -21.246 14.246  -4.813  1.00 34.92  ? 3   LYS A O   1 
ATOM   23   C  CB  . LYS A 1 3  ? -20.877 17.282  -6.036  1.00 38.79  ? 3   LYS A CB  1 
ATOM   24   C  CG  . LYS A 1 3  ? -20.280 17.358  -4.630  1.00 39.73  ? 3   LYS A CG  1 
ATOM   25   C  CD  . LYS A 1 3  ? -19.925 18.766  -4.172  1.00 39.66  ? 3   LYS A CD  1 
ATOM   26   C  CE  . LYS A 1 3  ? -19.282 18.712  -2.788  1.00 39.12  ? 3   LYS A CE  1 
ATOM   27   N  NZ  . LYS A 1 3  ? -18.860 20.046  -2.281  1.00 39.53  ? 3   LYS A NZ  1 
ATOM   28   N  N   . ASP A 1 4  ? -23.084 15.006  -5.855  1.00 36.25  ? 4   ASP A N   1 
ATOM   29   C  CA  . ASP A 1 4  ? -23.955 14.128  -5.043  1.00 38.77  ? 4   ASP A CA  1 
ATOM   30   C  C   . ASP A 1 4  ? -23.615 12.632  -5.271  1.00 35.23  ? 4   ASP A C   1 
ATOM   31   O  O   . ASP A 1 4  ? -23.807 11.826  -4.359  1.00 32.00  ? 4   ASP A O   1 
ATOM   32   C  CB  . ASP A 1 4  ? -25.410 14.361  -5.410  1.00 44.24  ? 4   ASP A CB  1 
ATOM   33   C  CG  . ASP A 1 4  ? -25.950 15.666  -4.841  1.00 55.13  ? 4   ASP A CG  1 
ATOM   34   O  OD1 . ASP A 1 4  ? -25.186 16.400  -4.176  1.00 60.98  ? 4   ASP A OD1 1 
ATOM   35   O  OD2 . ASP A 1 4  ? -27.131 15.967  -5.053  1.00 60.84  ? 4   ASP A OD2 1 
ATOM   36   N  N   . GLU A 1 5  ? -23.184 12.240  -6.471  1.00 31.07  ? 5   GLU A N   1 
ATOM   37   C  CA  . GLU A 1 5  ? -22.833 10.828  -6.697  1.00 30.42  ? 5   GLU A CA  1 
ATOM   38   C  C   . GLU A 1 5  ? -21.534 10.544  -5.935  1.00 28.60  ? 5   GLU A C   1 
ATOM   39   O  O   . GLU A 1 5  ? -21.407 9.494   -5.319  1.00 29.61  ? 5   GLU A O   1 
ATOM   40   C  CB  . GLU A 1 5  ? -22.617 10.551  -8.186  1.00 34.01  ? 5   GLU A CB  1 
ATOM   41   C  CG  . GLU A 1 5  ? -23.892 10.720  -9.013  1.00 34.88  ? 5   GLU A CG  1 
ATOM   42   C  CD  . GLU A 1 5  ? -23.650 10.692  -10.512 1.00 36.43  ? 5   GLU A CD  1 
ATOM   43   O  OE1 . GLU A 1 5  ? -22.641 11.240  -11.021 1.00 37.06  ? 5   GLU A OE1 1 
ATOM   44   O  OE2 . GLU A 1 5  ? -24.503 10.142  -11.233 1.00 37.76  ? 5   GLU A OE2 1 
ATOM   45   N  N   . LEU A 1 6  ? -20.571 11.455  -5.963  1.00 26.68  ? 6   LEU A N   1 
ATOM   46   C  CA  . LEU A 1 6  ? -19.316 11.219  -5.258  1.00 26.73  ? 6   LEU A CA  1 
ATOM   47   C  C   . LEU A 1 6  ? -19.517 11.156  -3.742  1.00 26.50  ? 6   LEU A C   1 
ATOM   48   O  O   . LEU A 1 6  ? -18.848 10.359  -3.076  1.00 23.58  ? 6   LEU A O   1 
ATOM   49   C  CB  . LEU A 1 6  ? -18.356 12.325  -5.643  1.00 27.82  ? 6   LEU A CB  1 
ATOM   50   C  CG  . LEU A 1 6  ? -16.919 12.330  -5.116  1.00 29.33  ? 6   LEU A CG  1 
ATOM   51   C  CD1 . LEU A 1 6  ? -16.143 11.115  -5.542  1.00 32.66  ? 6   LEU A CD1 1 
ATOM   52   C  CD2 . LEU A 1 6  ? -16.275 13.553  -5.657  1.00 28.05  ? 6   LEU A CD2 1 
ATOM   53   N  N   . LEU A 1 7  ? -20.401 11.993  -3.191  1.00 25.46  ? 7   LEU A N   1 
ATOM   54   C  CA  . LEU A 1 7  ? -20.656 11.959  -1.745  1.00 26.47  ? 7   LEU A CA  1 
ATOM   55   C  C   . LEU A 1 7  ? -21.250 10.594  -1.395  1.00 27.37  ? 7   LEU A C   1 
ATOM   56   O  O   . LEU A 1 7  ? -20.841 9.989   -0.399  1.00 25.29  ? 7   LEU A O   1 
ATOM   57   C  CB  . LEU A 1 7  ? -21.629 13.083  -1.334  1.00 24.83  ? 7   LEU A CB  1 
ATOM   58   C  CG  . LEU A 1 7  ? -20.990 14.501  -1.468  1.00 27.78  ? 7   LEU A CG  1 
ATOM   59   C  CD1 . LEU A 1 7  ? -22.041 15.534  -1.202  1.00 27.96  ? 7   LEU A CD1 1 
ATOM   60   C  CD2 . LEU A 1 7  ? -19.820 14.719  -0.516  1.00 26.27  ? 7   LEU A CD2 1 
ATOM   61   N  N   . GLU A 1 8  ? -22.186 10.109  -2.223  1.00 30.29  ? 8   GLU A N   1 
ATOM   62   C  CA  . GLU A 1 8  ? -22.823 8.816   -1.993  1.00 35.19  ? 8   GLU A CA  1 
ATOM   63   C  C   . GLU A 1 8  ? -21.793 7.698   -2.100  1.00 31.38  ? 8   GLU A C   1 
ATOM   64   O  O   . GLU A 1 8  ? -21.877 6.724   -1.350  1.00 27.86  ? 8   GLU A O   1 
ATOM   65   C  CB  . GLU A 1 8  ? -23.973 8.629   -2.989  1.00 45.60  ? 8   GLU A CB  1 
ATOM   66   C  CG  . GLU A 1 8  ? -25.185 9.504   -2.613  1.00 63.63  ? 8   GLU A CG  1 
ATOM   67   C  CD  . GLU A 1 8  ? -26.302 9.496   -3.648  1.00 73.47  ? 8   GLU A CD  1 
ATOM   68   O  OE1 . GLU A 1 8  ? -27.157 8.588   -3.617  1.00 79.88  ? 8   GLU A OE1 1 
ATOM   69   O  OE2 . GLU A 1 8  ? -26.334 10.407  -4.503  1.00 79.29  ? 8   GLU A OE2 1 
ATOM   70   N  N   . LEU A 1 9  ? -20.824 7.833   -3.001  1.00 25.53  ? 9   LEU A N   1 
ATOM   71   C  CA  . LEU A 1 9  ? -19.791 6.806   -3.150  1.00 22.04  ? 9   LEU A CA  1 
ATOM   72   C  C   . LEU A 1 9  ? -18.942 6.823   -1.883  1.00 18.58  ? 9   LEU A C   1 
ATOM   73   O  O   . LEU A 1 9  ? -18.654 5.758   -1.328  1.00 20.12  ? 9   LEU A O   1 
ATOM   74   C  CB  . LEU A 1 9  ? -18.944 7.122   -4.379  1.00 17.68  ? 9   LEU A CB  1 
ATOM   75   C  CG  . LEU A 1 9  ? -17.846 6.112   -4.726  1.00 19.63  ? 9   LEU A CG  1 
ATOM   76   C  CD1 . LEU A 1 9  ? -18.457 4.794   -5.018  1.00 20.36  ? 9   LEU A CD1 1 
ATOM   77   C  CD2 . LEU A 1 9  ? -17.088 6.575   -5.913  1.00 20.19  ? 9   LEU A CD2 1 
ATOM   78   N  N   . HIS A 1 10 ? -18.512 8.000   -1.442  1.00 18.11  ? 10  HIS A N   1 
ATOM   79   C  CA  . HIS A 1 10 ? -17.732 8.112   -0.222  1.00 18.46  ? 10  HIS A CA  1 
ATOM   80   C  C   . HIS A 1 10 ? -18.538 7.497   0.967   1.00 20.85  ? 10  HIS A C   1 
ATOM   81   O  O   . HIS A 1 10 ? -17.963 6.708   1.721   1.00 19.89  ? 10  HIS A O   1 
ATOM   82   C  CB  . HIS A 1 10 ? -17.411 9.580   -0.002  1.00 17.79  ? 10  HIS A CB  1 
ATOM   83   C  CG  . HIS A 1 10 ? -16.403 9.838   1.073   1.00 18.29  ? 10  HIS A CG  1 
ATOM   84   N  ND1 . HIS A 1 10 ? -15.969 11.105  1.398   1.00 18.42  ? 10  HIS A ND1 1 
ATOM   85   C  CD2 . HIS A 1 10 ? -15.768 8.997   1.922   1.00 15.88  ? 10  HIS A CD2 1 
ATOM   86   C  CE1 . HIS A 1 10 ? -15.124 11.028  2.402   1.00 14.89  ? 10  HIS A CE1 1 
ATOM   87   N  NE2 . HIS A 1 10 ? -14.981 9.764   2.736   1.00 18.02  ? 10  HIS A NE2 1 
ATOM   88   N  N   . GLU A 1 11 ? -19.841 7.798   1.107   1.00 22.58  ? 11  GLU A N   1 
ATOM   89   C  CA  . GLU A 1 11 ? -20.656 7.247   2.212   1.00 26.41  ? 11  GLU A CA  1 
ATOM   90   C  C   . GLU A 1 11 ? -20.605 5.736   2.201   1.00 25.03  ? 11  GLU A C   1 
ATOM   91   O  O   . GLU A 1 11 ? -20.395 5.132   3.255   1.00 23.03  ? 11  GLU A O   1 
ATOM   92   C  CB  . GLU A 1 11 ? -22.115 7.688   2.071   1.00 31.77  ? 11  GLU A CB  1 
ATOM   93   C  CG  . GLU A 1 11 ? -22.847 7.906   3.397   1.00 43.88  ? 11  GLU A CG  1 
ATOM   94   C  CD  . GLU A 1 11 ? -23.666 9.193   3.364   1.00 52.42  ? 11  GLU A CD  1 
ATOM   95   O  OE1 . GLU A 1 11 ? -23.535 10.041  4.277   1.00 55.30  ? 11  GLU A OE1 1 
ATOM   96   O  OE2 . GLU A 1 11 ? -24.449 9.357   2.399   1.00 55.59  ? 11  GLU A OE2 1 
ATOM   97   N  N   . GLN A 1 12 ? -20.800 5.119   1.034   1.00 23.08  ? 12  GLN A N   1 
ATOM   98   C  CA  . GLN A 1 12 ? -20.780 3.666   0.970   1.00 23.96  ? 12  GLN A CA  1 
ATOM   99   C  C   . GLN A 1 12 ? -19.388 3.079   1.238   1.00 23.63  ? 12  GLN A C   1 
ATOM   100  O  O   . GLN A 1 12 ? -19.298 2.034   1.889   1.00 21.74  ? 12  GLN A O   1 
ATOM   101  C  CB  . GLN A 1 12 ? -21.325 3.197   -0.380  1.00 26.20  ? 12  GLN A CB  1 
ATOM   102  C  CG  . GLN A 1 12 ? -22.841 3.395   -0.528  1.00 30.16  ? 12  GLN A CG  1 
ATOM   103  C  CD  . GLN A 1 12 ? -23.651 2.774   0.601   1.00 32.01  ? 12  GLN A CD  1 
ATOM   104  O  OE1 . GLN A 1 12 ? -23.308 1.725   1.140   1.00 33.78  ? 12  GLN A OE1 1 
ATOM   105  N  NE2 . GLN A 1 12 ? -24.758 3.412   0.923   1.00 33.57  ? 12  GLN A NE2 1 
HETATM 106  N  N   . MSE A 1 13 ? -18.317 3.717   0.765   1.00 22.11  ? 13  MSE A N   1 
HETATM 107  C  CA  . MSE A 1 13 ? -16.979 3.191   1.030   1.00 21.90  ? 13  MSE A CA  1 
HETATM 108  C  C   . MSE A 1 13 ? -16.714 3.267   2.520   1.00 21.80  ? 13  MSE A C   1 
HETATM 109  O  O   . MSE A 1 13 ? -15.901 2.484   3.030   1.00 19.69  ? 13  MSE A O   1 
HETATM 110  C  CB  . MSE A 1 13 ? -15.937 3.996   0.274   1.00 23.03  ? 13  MSE A CB  1 
HETATM 111  C  CG  . MSE A 1 13 ? -15.898 3.560   -1.200  1.00 24.70  ? 13  MSE A CG  1 
HETATM 112  SE SE  . MSE A 1 13 ? -15.406 1.587   -1.405  1.00 37.21  ? 13  MSE A SE  1 
HETATM 113  C  CE  . MSE A 1 13 ? -13.455 1.507   -0.727  1.00 28.07  ? 13  MSE A CE  1 
ATOM   114  N  N   . VAL A 1 14 ? -17.352 4.199   3.227   1.00 21.86  ? 14  VAL A N   1 
ATOM   115  C  CA  . VAL A 1 14 ? -17.137 4.256   4.664   1.00 21.69  ? 14  VAL A CA  1 
ATOM   116  C  C   . VAL A 1 14 ? -17.929 3.088   5.260   1.00 23.10  ? 14  VAL A C   1 
ATOM   117  O  O   . VAL A 1 14 ? -17.481 2.496   6.259   1.00 22.07  ? 14  VAL A O   1 
ATOM   118  C  CB  . VAL A 1 14 ? -17.540 5.605   5.188   1.00 22.48  ? 14  VAL A CB  1 
ATOM   119  C  CG1 . VAL A 1 14 ? -17.685 5.545   6.655   1.00 22.24  ? 14  VAL A CG1 1 
ATOM   120  C  CG2 . VAL A 1 14 ? -16.433 6.571   4.843   1.00 20.25  ? 14  VAL A CG2 1 
ATOM   121  N  N   . ASN A 1 15 ? -19.084 2.742   4.674   1.00 22.68  ? 15  ASN A N   1 
ATOM   122  C  CA  . ASN A 1 15 ? -19.797 1.552   5.156   1.00 25.53  ? 15  ASN A CA  1 
ATOM   123  C  C   . ASN A 1 15 ? -18.868 0.338   4.935   1.00 24.64  ? 15  ASN A C   1 
ATOM   124  O  O   . ASN A 1 15 ? -18.823 -0.524  5.806   1.00 26.96  ? 15  ASN A O   1 
ATOM   125  C  CB  . ASN A 1 15 ? -21.097 1.350   4.401   1.00 25.09  ? 15  ASN A CB  1 
ATOM   126  C  CG  . ASN A 1 15 ? -22.160 2.343   4.824   1.00 26.72  ? 15  ASN A CG  1 
ATOM   127  O  OD1 . ASN A 1 15 ? -23.206 2.443   4.212   1.00 29.97  ? 15  ASN A OD1 1 
ATOM   128  N  ND2 . ASN A 1 15 ? -21.876 3.092   5.899   1.00 22.93  ? 15  ASN A ND2 1 
ATOM   129  N  N   . ILE A 1 16 ? -18.129 0.243   3.816   1.00 24.42  ? 16  ILE A N   1 
ATOM   130  C  CA  . ILE A 1 16 ? -17.222 -0.898  3.596   1.00 24.16  ? 16  ILE A CA  1 
ATOM   131  C  C   . ILE A 1 16 ? -16.165 -0.908  4.726   1.00 25.29  ? 16  ILE A C   1 
ATOM   132  O  O   . ILE A 1 16 ? -15.944 -1.948  5.360   1.00 23.87  ? 16  ILE A O   1 
ATOM   133  C  CB  . ILE A 1 16 ? -16.532 -0.760  2.217   1.00 24.70  ? 16  ILE A CB  1 
ATOM   134  C  CG1 . ILE A 1 16 ? -17.554 -0.913  1.085   1.00 23.66  ? 16  ILE A CG1 1 
ATOM   135  C  CG2 . ILE A 1 16 ? -15.489 -1.792  2.077   1.00 22.60  ? 16  ILE A CG2 1 
ATOM   136  C  CD1 . ILE A 1 16 ? -17.999 -2.246  0.883   1.00 24.00  ? 16  ILE A CD1 1 
ATOM   137  N  N   . LYS A 1 17 ? -15.515 0.233   4.970   1.00 25.94  ? 17  LYS A N   1 
ATOM   138  C  CA  . LYS A 1 17 ? -14.515 0.348   6.022   1.00 26.09  ? 17  LYS A CA  1 
ATOM   139  C  C   . LYS A 1 17 ? -15.029 -0.135  7.362   1.00 26.46  ? 17  LYS A C   1 
ATOM   140  O  O   . LYS A 1 17 ? -14.326 -0.879  8.040   1.00 24.56  ? 17  LYS A O   1 
ATOM   141  C  CB  . LYS A 1 17 ? -14.117 1.791   6.186   1.00 26.71  ? 17  LYS A CB  1 
ATOM   142  C  CG  . LYS A 1 17 ? -13.253 1.926   7.383   1.00 26.70  ? 17  LYS A CG  1 
ATOM   143  C  CD  . LYS A 1 17 ? -12.338 3.047   7.226   1.00 28.34  ? 17  LYS A CD  1 
ATOM   144  C  CE  . LYS A 1 17 ? -13.015 4.265   7.657   1.00 29.55  ? 17  LYS A CE  1 
ATOM   145  N  NZ  . LYS A 1 17 ? -13.433 4.179   9.056   1.00 34.45  ? 17  LYS A NZ  1 
ATOM   146  N  N   . ASP A 1 18 ? -16.230 0.297   7.754   1.00 27.63  ? 18  ASP A N   1 
ATOM   147  C  CA  . ASP A 1 18 ? -16.753 -0.129  9.042   1.00 29.74  ? 18  ASP A CA  1 
ATOM   148  C  C   . ASP A 1 18 ? -17.007 -1.614  9.042   1.00 30.59  ? 18  ASP A C   1 
ATOM   149  O  O   . ASP A 1 18 ? -16.712 -2.272  10.039  1.00 30.23  ? 18  ASP A O   1 
ATOM   150  C  CB  . ASP A 1 18 ? -17.966 0.709   9.384   1.00 31.54  ? 18  ASP A CB  1 
ATOM   151  C  CG  . ASP A 1 18 ? -17.565 2.140   9.733   1.00 32.36  ? 18  ASP A CG  1 
ATOM   152  O  OD1 . ASP A 1 18 ? -16.418 2.370   10.177  1.00 34.10  ? 18  ASP A OD1 1 
ATOM   153  O  OD2 . ASP A 1 18 ? -18.372 3.062   9.586   1.00 36.69  ? 18  ASP A OD2 1 
ATOM   154  N  N   . GLN A 1 19 ? -17.531 -2.139  7.931   1.00 30.39  ? 19  GLN A N   1 
ATOM   155  C  CA  . GLN A 1 19 ? -17.773 -3.570  7.741   1.00 29.51  ? 19  GLN A CA  1 
ATOM   156  C  C   . GLN A 1 19 ? -16.439 -4.311  7.980   1.00 29.47  ? 19  GLN A C   1 
ATOM   157  O  O   . GLN A 1 19 ? -16.391 -5.225  8.802   1.00 29.10  ? 19  GLN A O   1 
ATOM   158  C  CB  . GLN A 1 19 ? -18.213 -3.796  6.301   1.00 29.60  ? 19  GLN A CB  1 
ATOM   159  C  CG  . GLN A 1 19 ? -18.678 -5.193  6.079   1.00 30.19  ? 19  GLN A CG  1 
ATOM   160  C  CD  . GLN A 1 19 ? -19.073 -5.485  4.654   1.00 30.85  ? 19  GLN A CD  1 
ATOM   161  O  OE1 . GLN A 1 19 ? -18.944 -4.651  3.755   1.00 26.86  ? 19  GLN A OE1 1 
ATOM   162  N  NE2 . GLN A 1 19 ? -19.548 -6.691  4.450   1.00 27.94  ? 19  GLN A NE2 1 
ATOM   163  N  N   . PHE A 1 20 ? -15.371 -3.921  7.260   1.00 29.24  ? 20  PHE A N   1 
ATOM   164  C  CA  . PHE A 1 20 ? -14.050 -4.544  7.385   1.00 29.15  ? 20  PHE A CA  1 
ATOM   165  C  C   . PHE A 1 20 ? -13.523 -4.507  8.827   1.00 29.56  ? 20  PHE A C   1 
ATOM   166  O  O   . PHE A 1 20 ? -13.067 -5.540  9.321   1.00 28.35  ? 20  PHE A O   1 
ATOM   167  C  CB  . PHE A 1 20 ? -13.060 -3.822  6.455   1.00 26.86  ? 20  PHE A CB  1 
ATOM   168  C  CG  . PHE A 1 20 ? -11.634 -4.287  6.575   1.00 28.82  ? 20  PHE A CG  1 
ATOM   169  C  CD1 . PHE A 1 20 ? -11.135 -5.317  5.788   1.00 28.89  ? 20  PHE A CD1 1 
ATOM   170  C  CD2 . PHE A 1 20 ? -10.771 -3.661  7.461   1.00 29.61  ? 20  PHE A CD2 1 
ATOM   171  C  CE1 . PHE A 1 20 ? -9.798  -5.685  5.885   1.00 29.38  ? 20  PHE A CE1 1 
ATOM   172  C  CE2 . PHE A 1 20 ? -9.444  -4.035  7.548   1.00 28.35  ? 20  PHE A CE2 1 
ATOM   173  C  CZ  . PHE A 1 20 ? -8.962  -5.043  6.766   1.00 29.41  ? 20  PHE A CZ  1 
ATOM   174  N  N   . LEU A 1 21 ? -13.609 -3.351  9.496   1.00 29.58  ? 21  LEU A N   1 
ATOM   175  C  CA  . LEU A 1 21 ? -13.095 -3.242  10.854  1.00 31.42  ? 21  LEU A CA  1 
ATOM   176  C  C   . LEU A 1 21 ? -13.865 -4.118  11.796  1.00 33.81  ? 21  LEU A C   1 
ATOM   177  O  O   . LEU A 1 21 ? -13.389 -4.424  12.887  1.00 36.52  ? 21  LEU A O   1 
ATOM   178  C  CB  . LEU A 1 21 ? -13.103 -1.786  11.297  1.00 30.00  ? 21  LEU A CB  1 
ATOM   179  C  CG  . LEU A 1 21 ? -12.092 -0.924  10.520  1.00 27.88  ? 21  LEU A CG  1 
ATOM   180  C  CD1 . LEU A 1 21 ? -12.425 0.464   10.881  1.00 26.60  ? 21  LEU A CD1 1 
ATOM   181  C  CD2 . LEU A 1 21 ? -10.634 -1.220  10.849  1.00 24.84  ? 21  LEU A CD2 1 
ATOM   182  N  N   . GLY A 1 22 ? -15.055 -4.539  11.374  1.00 36.23  ? 22  GLY A N   1 
ATOM   183  C  CA  . GLY A 1 22 ? -15.823 -5.441  12.205  1.00 36.43  ? 22  GLY A CA  1 
ATOM   184  C  C   . GLY A 1 22 ? -15.381 -6.893  12.003  1.00 36.82  ? 22  GLY A C   1 
ATOM   185  O  O   . GLY A 1 22 ? -15.851 -7.762  12.740  1.00 38.78  ? 22  GLY A O   1 
ATOM   186  N  N   . PHE A 1 23 ? -14.482 -7.200  11.079  1.00 37.42  ? 23  PHE A N   1 
ATOM   187  C  CA  . PHE A 1 23 ? -14.131 -8.606  10.908  1.00 38.27  ? 23  PHE A CA  1 
ATOM   188  C  C   . PHE A 1 23 ? -13.177 -9.181  11.941  1.00 40.71  ? 23  PHE A C   1 
ATOM   189  O  O   . PHE A 1 23 ? -12.613 -8.484  12.786  1.00 40.26  ? 23  PHE A O   1 
ATOM   190  C  CB  . PHE A 1 23 ? -13.561 -8.847  9.511   1.00 34.37  ? 23  PHE A CB  1 
ATOM   191  C  CG  . PHE A 1 23 ? -14.548 -8.638  8.400   1.00 31.82  ? 23  PHE A CG  1 
ATOM   192  C  CD1 . PHE A 1 23 ? -15.914 -8.772  8.614   1.00 32.02  ? 23  PHE A CD1 1 
ATOM   193  C  CD2 . PHE A 1 23 ? -14.112 -8.338  7.134   1.00 31.02  ? 23  PHE A CD2 1 
ATOM   194  C  CE1 . PHE A 1 23 ? -16.802 -8.579  7.569   1.00 31.75  ? 23  PHE A CE1 1 
ATOM   195  C  CE2 . PHE A 1 23 ? -14.999 -8.150  6.110   1.00 30.83  ? 23  PHE A CE2 1 
ATOM   196  C  CZ  . PHE A 1 23 ? -16.337 -8.276  6.323   1.00 30.19  ? 23  PHE A CZ  1 
ATOM   197  N  N   . ASP A 1 24 ? -13.038 -10.489 11.873  1.00 45.60  ? 24  ASP A N   1 
ATOM   198  C  CA  . ASP A 1 24 ? -12.164 -11.206 12.757  1.00 49.77  ? 24  ASP A CA  1 
ATOM   199  C  C   . ASP A 1 24 ? -10.715 -10.984 12.397  1.00 48.47  ? 24  ASP A C   1 
ATOM   200  O  O   . ASP A 1 24 ? -10.330 -11.095 11.230  1.00 47.04  ? 24  ASP A O   1 
ATOM   201  C  CB  . ASP A 1 24 ? -12.409 -12.676 12.620  1.00 55.60  ? 24  ASP A CB  1 
ATOM   202  C  CG  . ASP A 1 24 ? -12.062 -13.414 13.859  1.00 63.00  ? 24  ASP A CG  1 
ATOM   203  O  OD1 . ASP A 1 24 ? -12.537 -12.981 14.919  1.00 67.63  ? 24  ASP A OD1 1 
ATOM   204  O  OD2 . ASP A 1 24 ? -11.334 -14.415 13.814  1.00 67.92  ? 24  ASP A OD2 1 
ATOM   205  N  N   . HIS A 1 25 ? -9.900  -10.712 13.399  1.00 48.12  ? 25  HIS A N   1 
ATOM   206  C  CA  . HIS A 1 25 ? -8.493  -10.559 13.141  1.00 49.30  ? 25  HIS A CA  1 
ATOM   207  C  C   . HIS A 1 25 ? -8.106  -9.764  11.939  1.00 44.66  ? 25  HIS A C   1 
ATOM   208  O  O   . HIS A 1 25 ? -7.387  -10.258 11.068  1.00 43.44  ? 25  HIS A O   1 
ATOM   209  C  CB  . HIS A 1 25 ? -7.850  -11.928 13.048  1.00 58.04  ? 25  HIS A CB  1 
ATOM   210  C  CG  . HIS A 1 25 ? -7.689  -12.596 14.376  1.00 68.92  ? 25  HIS A CG  1 
ATOM   211  N  ND1 . HIS A 1 25 ? -8.757  -12.872 15.198  1.00 73.62  ? 25  HIS A ND1 1 
ATOM   212  C  CD2 . HIS A 1 25 ? -6.585  -13.017 15.032  1.00 73.51  ? 25  HIS A CD2 1 
ATOM   213  C  CE1 . HIS A 1 25 ? -8.318  -13.444 16.302  1.00 76.75  ? 25  HIS A CE1 1 
ATOM   214  N  NE2 . HIS A 1 25 ? -7.004  -13.540 16.226  1.00 76.78  ? 25  HIS A NE2 1 
ATOM   215  N  N   . VAL A 1 26 ? -8.567  -8.535  11.882  1.00 39.91  ? 26  VAL A N   1 
ATOM   216  C  CA  . VAL A 1 26 ? -8.192  -7.690  10.770  1.00 35.69  ? 26  VAL A CA  1 
ATOM   217  C  C   . VAL A 1 26 ? -7.223  -6.613  11.230  1.00 34.73  ? 26  VAL A C   1 
ATOM   218  O  O   . VAL A 1 26 ? -7.052  -6.372  12.428  1.00 32.27  ? 26  VAL A O   1 
ATOM   219  C  CB  . VAL A 1 26 ? -9.397  -7.004  10.168  1.00 34.07  ? 26  VAL A CB  1 
ATOM   220  C  CG1 . VAL A 1 26 ? -10.259 -8.005  9.532   1.00 32.33  ? 26  VAL A CG1 1 
ATOM   221  C  CG2 . VAL A 1 26 ? -10.185 -6.348  11.216  1.00 30.41  ? 26  VAL A CG2 1 
ATOM   222  N  N   . ASP A 1 27 ? -6.559  -5.978  10.281  1.00 35.01  ? 27  ASP A N   1 
ATOM   223  C  CA  . ASP A 1 27 ? -5.643  -4.916  10.629  1.00 34.89  ? 27  ASP A CA  1 
ATOM   224  C  C   . ASP A 1 27 ? -6.440  -3.626  10.882  1.00 34.68  ? 27  ASP A C   1 
ATOM   225  O  O   . ASP A 1 27 ? -6.924  -2.957  9.945   1.00 33.05  ? 27  ASP A O   1 
ATOM   226  C  CB  . ASP A 1 27 ? -4.652  -4.703  9.525   1.00 35.63  ? 27  ASP A CB  1 
ATOM   227  C  CG  . ASP A 1 27 ? -3.787  -3.521  9.781   1.00 36.27  ? 27  ASP A CG  1 
ATOM   228  O  OD1 . ASP A 1 27 ? -3.664  -3.152  10.965  1.00 37.29  ? 27  ASP A OD1 1 
ATOM   229  O  OD2 . ASP A 1 27 ? -3.222  -2.942  8.845   1.00 35.20  ? 27  ASP A OD2 1 
ATOM   230  N  N   . GLU A 1 28 ? -6.521  -3.254  12.140  1.00 34.70  ? 28  GLU A N   1 
ATOM   231  C  CA  . GLU A 1 28 ? -7.311  -2.109  12.500  1.00 36.00  ? 28  GLU A CA  1 
ATOM   232  C  C   . GLU A 1 28 ? -6.689  -0.784  12.148  1.00 33.87  ? 28  GLU A C   1 
ATOM   233  O  O   . GLU A 1 28 ? -7.351  0.250   12.231  1.00 33.87  ? 28  GLU A O   1 
ATOM   234  C  CB  . GLU A 1 28 ? -7.683  -2.224  13.969  1.00 40.14  ? 28  GLU A CB  1 
ATOM   235  C  CG  . GLU A 1 28 ? -6.530  -2.030  14.912  1.00 48.69  ? 28  GLU A CG  1 
ATOM   236  C  CD  . GLU A 1 28 ? -5.549  -3.196  14.954  1.00 52.33  ? 28  GLU A CD  1 
ATOM   237  O  OE1 . GLU A 1 28 ? -5.812  -4.256  14.349  1.00 54.27  ? 28  GLU A OE1 1 
ATOM   238  O  OE2 . GLU A 1 28 ? -4.498  -3.067  15.618  1.00 55.75  ? 28  GLU A OE2 1 
ATOM   239  N  N   . THR A 1 29 ? -5.438  -0.801  11.714  1.00 30.86  ? 29  THR A N   1 
ATOM   240  C  CA  . THR A 1 29 ? -4.790  0.443   11.297  1.00 28.50  ? 29  THR A CA  1 
ATOM   241  C  C   . THR A 1 29 ? -4.815  0.574   9.760   1.00 27.37  ? 29  THR A C   1 
ATOM   242  O  O   . THR A 1 29 ? -4.213  1.512   9.210   1.00 26.64  ? 29  THR A O   1 
ATOM   243  C  CB  . THR A 1 29 ? -3.301  0.456   11.719  1.00 27.76  ? 29  THR A CB  1 
ATOM   244  O  OG1 . THR A 1 29 ? -2.562  -0.558  11.012  1.00 28.74  ? 29  THR A OG1 1 
ATOM   245  C  CG2 . THR A 1 29 ? -3.192  0.072   13.133  1.00 29.45  ? 29  THR A CG2 1 
ATOM   246  N  N   . ALA A 1 30 ? -5.545  -0.288  9.063   1.00 26.07  ? 30  ALA A N   1 
ATOM   247  C  CA  . ALA A 1 30 ? -5.504  -0.259  7.617   1.00 24.45  ? 30  ALA A CA  1 
ATOM   248  C  C   . ALA A 1 30 ? -5.856  1.024   6.948   1.00 25.06  ? 30  ALA A C   1 
ATOM   249  O  O   . ALA A 1 30 ? -5.323  1.343   5.874   1.00 24.91  ? 30  ALA A O   1 
ATOM   250  C  CB  . ALA A 1 30 ? -6.357  -1.347  7.100   1.00 24.86  ? 30  ALA A CB  1 
ATOM   251  N  N   . PHE A 1 31 ? -6.715  1.790   7.581   1.00 25.80  ? 31  PHE A N   1 
ATOM   252  C  CA  . PHE A 1 31 ? -7.121  3.014   6.932   1.00 25.74  ? 31  PHE A CA  1 
ATOM   253  C  C   . PHE A 1 31 ? -6.478  4.227   7.523   1.00 25.85  ? 31  PHE A C   1 
ATOM   254  O  O   . PHE A 1 31 ? -7.055  5.315   7.450   1.00 24.84  ? 31  PHE A O   1 
ATOM   255  C  CB  . PHE A 1 31 ? -8.635  3.110   6.982   1.00 28.31  ? 31  PHE A CB  1 
ATOM   256  C  CG  . PHE A 1 31 ? -9.305  1.969   6.303   1.00 32.65  ? 31  PHE A CG  1 
ATOM   257  C  CD1 . PHE A 1 31 ? -9.668  0.839   7.004   1.00 34.11  ? 31  PHE A CD1 1 
ATOM   258  C  CD2 . PHE A 1 31 ? -9.561  2.018   4.949   1.00 34.86  ? 31  PHE A CD2 1 
ATOM   259  C  CE1 . PHE A 1 31 ? -10.267 -0.204  6.366   1.00 35.65  ? 31  PHE A CE1 1 
ATOM   260  C  CE2 . PHE A 1 31 ? -10.158 0.968   4.323   1.00 35.64  ? 31  PHE A CE2 1 
ATOM   261  C  CZ  . PHE A 1 31 ? -10.512 -0.136  5.031   1.00 35.22  ? 31  PHE A CZ  1 
ATOM   262  N  N   . ALA A 1 32 ? -5.284  4.099   8.044   1.00 27.02  ? 32  ALA A N   1 
ATOM   263  C  CA  . ALA A 1 32 ? -4.708  5.274   8.653   1.00 29.98  ? 32  ALA A CA  1 
ATOM   264  C  C   . ALA A 1 32 ? -4.415  6.418   7.724   1.00 29.68  ? 32  ALA A C   1 
ATOM   265  O  O   . ALA A 1 32 ? -4.432  7.561   8.179   1.00 29.19  ? 32  ALA A O   1 
ATOM   266  C  CB  . ALA A 1 32 ? -3.531  4.908   9.395   1.00 31.54  ? 32  ALA A CB  1 
ATOM   267  N  N   . ALA A 1 33 ? -4.171  6.162   6.446   1.00 28.31  ? 33  ALA A N   1 
ATOM   268  C  CA  . ALA A 1 33 ? -3.959  7.290   5.556   1.00 28.76  ? 33  ALA A CA  1 
ATOM   269  C  C   . ALA A 1 33 ? -5.279  8.023   5.292   1.00 28.20  ? 33  ALA A C   1 
ATOM   270  O  O   . ALA A 1 33 ? -5.262  9.253   5.193   1.00 27.90  ? 33  ALA A O   1 
ATOM   271  C  CB  . ALA A 1 33 ? -3.423  6.827   4.319   1.00 30.27  ? 33  ALA A CB  1 
ATOM   272  N  N   . TYR A 1 34 ? -6.398  7.309   5.140   1.00 27.12  ? 34  TYR A N   1 
ATOM   273  C  CA  . TYR A 1 34 ? -7.668  7.993   4.932   1.00 25.27  ? 34  TYR A CA  1 
ATOM   274  C  C   . TYR A 1 34 ? -7.941  8.887   6.146   1.00 25.03  ? 34  TYR A C   1 
ATOM   275  O  O   . TYR A 1 34 ? -8.362  10.017  5.950   1.00 24.84  ? 34  TYR A O   1 
ATOM   276  C  CB  . TYR A 1 34 ? -8.792  6.979   4.781   1.00 23.41  ? 34  TYR A CB  1 
ATOM   277  C  CG  . TYR A 1 34 ? -10.167 7.561   4.915   1.00 23.87  ? 34  TYR A CG  1 
ATOM   278  C  CD1 . TYR A 1 34 ? -10.776 8.217   3.851   1.00 20.97  ? 34  TYR A CD1 1 
ATOM   279  C  CD2 . TYR A 1 34 ? -10.878 7.408   6.095   1.00 22.80  ? 34  TYR A CD2 1 
ATOM   280  C  CE1 . TYR A 1 34 ? -12.043 8.688   3.964   1.00 22.46  ? 34  TYR A CE1 1 
ATOM   281  C  CE2 . TYR A 1 34 ? -12.140 7.885   6.216   1.00 22.16  ? 34  TYR A CE2 1 
ATOM   282  C  CZ  . TYR A 1 34 ? -12.708 8.513   5.144   1.00 21.96  ? 34  TYR A CZ  1 
ATOM   283  O  OH  . TYR A 1 34 ? -13.966 9.014   5.257   1.00 21.88  ? 34  TYR A OH  1 
ATOM   284  N  N   . GLU A 1 35 ? -7.697  8.425   7.375   1.00 26.34  ? 35  GLU A N   1 
ATOM   285  C  CA  . GLU A 1 35 ? -7.982  9.271   8.536   1.00 29.15  ? 35  GLU A CA  1 
ATOM   286  C  C   . GLU A 1 35 ? -7.096  10.515  8.583   1.00 29.65  ? 35  GLU A C   1 
ATOM   287  O  O   . GLU A 1 35 ? -7.530  11.538  9.100   1.00 29.88  ? 35  GLU A O   1 
ATOM   288  C  CB  . GLU A 1 35 ? -7.841  8.449   9.809   1.00 29.73  ? 35  GLU A CB  1 
ATOM   289  C  CG  . GLU A 1 35 ? -8.674  7.164   9.798   1.00 34.20  ? 35  GLU A CG  1 
ATOM   290  C  CD  . GLU A 1 35 ? -10.134 7.407   10.075  1.00 36.45  ? 35  GLU A CD  1 
ATOM   291  O  OE1 . GLU A 1 35 ? -10.469 8.520   10.524  1.00 38.24  ? 35  GLU A OE1 1 
ATOM   292  O  OE2 . GLU A 1 35 ? -10.978 6.502   9.876   1.00 35.62  ? 35  GLU A OE2 1 
ATOM   293  N  N   . GLU A 1 36 ? -5.874  10.450  8.059   1.00 31.09  ? 36  GLU A N   1 
ATOM   294  C  CA  . GLU A 1 36 ? -5.025  11.639  8.037   1.00 31.17  ? 36  GLU A CA  1 
ATOM   295  C  C   . GLU A 1 36 ? -5.648  12.699  7.151   1.00 27.27  ? 36  GLU A C   1 
ATOM   296  O  O   . GLU A 1 36 ? -5.482  13.880  7.418   1.00 27.18  ? 36  GLU A O   1 
ATOM   297  C  CB  . GLU A 1 36 ? -3.662  11.323  7.456   1.00 36.70  ? 36  GLU A CB  1 
ATOM   298  C  CG  . GLU A 1 36 ? -2.860  10.405  8.316   1.00 47.48  ? 36  GLU A CG  1 
ATOM   299  C  CD  . GLU A 1 36 ? -1.502  10.112  7.723   1.00 53.35  ? 36  GLU A CD  1 
ATOM   300  O  OE1 . GLU A 1 36 ? -1.066  10.824  6.785   1.00 56.56  ? 36  GLU A OE1 1 
ATOM   301  O  OE2 . GLU A 1 36 ? -0.841  9.170   8.201   1.00 57.11  ? 36  GLU A OE2 1 
ATOM   302  N  N   . LEU A 1 37 ? -6.329  12.310  6.084   1.00 24.41  ? 37  LEU A N   1 
ATOM   303  C  CA  . LEU A 1 37 ? -6.920  13.306  5.212   1.00 23.46  ? 37  LEU A CA  1 
ATOM   304  C  C   . LEU A 1 37 ? -8.013  14.121  5.918   1.00 23.48  ? 37  LEU A C   1 
ATOM   305  O  O   . LEU A 1 37 ? -8.185  15.299  5.623   1.00 22.36  ? 37  LEU A O   1 
ATOM   306  C  CB  . LEU A 1 37 ? -7.505  12.594  3.991   1.00 22.64  ? 37  LEU A CB  1 
ATOM   307  C  CG  . LEU A 1 37 ? -8.345  13.451  3.039   1.00 22.14  ? 37  LEU A CG  1 
ATOM   308  C  CD1 . LEU A 1 37 ? -7.456  14.459  2.451   1.00 24.27  ? 37  LEU A CD1 1 
ATOM   309  C  CD2 . LEU A 1 37 ? -8.959  12.639  1.955   1.00 22.99  ? 37  LEU A CD2 1 
ATOM   310  N  N   . ASP A 1 38 ? -8.706  13.496  6.868   1.00 23.28  ? 38  ASP A N   1 
ATOM   311  C  CA  . ASP A 1 38 ? -9.820  14.112  7.572   1.00 22.52  ? 38  ASP A CA  1 
ATOM   312  C  C   . ASP A 1 38 ? -10.850 14.685  6.628   1.00 23.40  ? 38  ASP A C   1 
ATOM   313  O  O   . ASP A 1 38 ? -11.270 15.838  6.771   1.00 23.48  ? 38  ASP A O   1 
ATOM   314  C  CB  . ASP A 1 38 ? -9.403  15.155  8.632   1.00 23.85  ? 38  ASP A CB  1 
ATOM   315  C  CG  . ASP A 1 38 ? -10.582 15.551  9.547   1.00 23.76  ? 38  ASP A CG  1 
ATOM   316  O  OD1 . ASP A 1 38 ? -11.455 14.708  9.822   1.00 21.69  ? 38  ASP A OD1 1 
ATOM   317  O  OD2 . ASP A 1 38 ? -10.680 16.696  10.035  1.00 18.05  ? 38  ASP A OD2 1 
ATOM   318  N  N   . VAL A 1 39 ? -11.232 13.896  5.629   1.00 23.93  ? 39  VAL A N   1 
ATOM   319  C  CA  . VAL A 1 39 ? -12.298 14.308  4.716   1.00 21.52  ? 39  VAL A CA  1 
ATOM   320  C  C   . VAL A 1 39 ? -13.332 13.205  4.874   1.00 22.25  ? 39  VAL A C   1 
ATOM   321  O  O   . VAL A 1 39 ? -13.073 12.029  4.555   1.00 24.09  ? 39  VAL A O   1 
ATOM   322  C  CB  . VAL A 1 39 ? -11.852 14.386  3.279   1.00 23.72  ? 39  VAL A CB  1 
ATOM   323  C  CG1 . VAL A 1 39 ? -13.051 14.570  2.400   1.00 20.02  ? 39  VAL A CG1 1 
ATOM   324  C  CG2 . VAL A 1 39 ? -10.964 15.576  3.125   1.00 22.64  ? 39  VAL A CG2 1 
ATOM   325  N  N   . GLU A 1 40 ? -14.518 13.577  5.313   1.00 21.38  ? 40  GLU A N   1 
ATOM   326  C  CA  . GLU A 1 40 ? -15.516 12.574  5.584   1.00 20.04  ? 40  GLU A CA  1 
ATOM   327  C  C   . GLU A 1 40 ? -16.801 12.776  4.802   1.00 20.88  ? 40  GLU A C   1 
ATOM   328  O  O   . GLU A 1 40 ? -17.071 13.840  4.247   1.00 21.14  ? 40  GLU A O   1 
ATOM   329  C  CB  . GLU A 1 40 ? -15.714 12.542  7.104   1.00 20.20  ? 40  GLU A CB  1 
ATOM   330  C  CG  . GLU A 1 40 ? -14.371 12.367  7.861   1.00 19.62  ? 40  GLU A CG  1 
ATOM   331  C  CD  . GLU A 1 40 ? -14.552 12.317  9.350   1.00 21.10  ? 40  GLU A CD  1 
ATOM   332  O  OE1 . GLU A 1 40 ? -15.686 12.100  9.826   1.00 20.98  ? 40  GLU A OE1 1 
ATOM   333  O  OE2 . GLU A 1 40 ? -13.565 12.469  10.083  1.00 19.10  ? 40  GLU A OE2 1 
ATOM   334  N  N   . PRO A 1 41 ? -17.607 11.749  4.732   1.00 20.72  ? 41  PRO A N   1 
ATOM   335  C  CA  . PRO A 1 41 ? -18.857 11.868  3.995   1.00 22.47  ? 41  PRO A CA  1 
ATOM   336  C  C   . PRO A 1 41 ? -19.754 13.014  4.398   1.00 24.94  ? 41  PRO A C   1 
ATOM   337  O  O   . PRO A 1 41 ? -20.425 13.600  3.536   1.00 26.51  ? 41  PRO A O   1 
ATOM   338  C  CB  . PRO A 1 41 ? -19.513 10.525  4.216   1.00 22.42  ? 41  PRO A CB  1 
ATOM   339  C  CG  . PRO A 1 41 ? -18.422 9.668   4.516   1.00 20.48  ? 41  PRO A CG  1 
ATOM   340  C  CD  . PRO A 1 41 ? -17.453 10.409  5.304   1.00 19.94  ? 41  PRO A CD  1 
ATOM   341  N  N   . SER A 1 42 ? -19.761 13.338  5.686   1.00 24.38  ? 42  SER A N   1 
ATOM   342  C  CA  . SER A 1 42 ? -20.626 14.402  6.185   1.00 24.21  ? 42  SER A CA  1 
ATOM   343  C  C   . SER A 1 42 ? -20.085 15.766  5.822   1.00 24.46  ? 42  SER A C   1 
ATOM   344  O  O   . SER A 1 42 ? -20.813 16.763  5.932   1.00 24.42  ? 42  SER A O   1 
ATOM   345  C  CB  . SER A 1 42 ? -20.777 14.274  7.701   1.00 24.14  ? 42  SER A CB  1 
ATOM   346  O  OG  . SER A 1 42 ? -19.530 14.547  8.345   1.00 23.75  ? 42  SER A OG  1 
ATOM   347  N  N   . HIS A 1 43 ? -18.837 15.836  5.372   1.00 23.60  ? 43  HIS A N   1 
ATOM   348  C  CA  . HIS A 1 43 ? -18.265 17.143  4.986   1.00 24.13  ? 43  HIS A CA  1 
ATOM   349  C  C   . HIS A 1 43 ? -18.744 17.531  3.580   1.00 25.63  ? 43  HIS A C   1 
ATOM   350  O  O   . HIS A 1 43 ? -17.935 17.740  2.649   1.00 19.35  ? 43  HIS A O   1 
ATOM   351  C  CB  . HIS A 1 43 ? -16.743 17.061  5.021   1.00 21.98  ? 43  HIS A CB  1 
ATOM   352  C  CG  . HIS A 1 43 ? -16.189 16.637  6.360   1.00 24.49  ? 43  HIS A CG  1 
ATOM   353  N  ND1 . HIS A 1 43 ? -14.848 16.409  6.568   1.00 22.93  ? 43  HIS A ND1 1 
ATOM   354  C  CD2 . HIS A 1 43 ? -16.797 16.386  7.549   1.00 23.68  ? 43  HIS A CD2 1 
ATOM   355  C  CE1 . HIS A 1 43 ? -14.654 16.039  7.813   1.00 24.88  ? 43  HIS A CE1 1 
ATOM   356  N  NE2 . HIS A 1 43 ? -15.818 16.015  8.431   1.00 23.05  ? 43  HIS A NE2 1 
ATOM   357  N  N   . VAL A 1 44 ? -20.048 17.720  3.463   1.00 27.37  ? 44  VAL A N   1 
ATOM   358  C  CA  . VAL A 1 44 ? -20.630 18.031  2.177   1.00 32.62  ? 44  VAL A CA  1 
ATOM   359  C  C   . VAL A 1 44 ? -20.178 19.297  1.527   1.00 32.96  ? 44  VAL A C   1 
ATOM   360  O  O   . VAL A 1 44 ? -20.345 19.442  0.317   1.00 30.16  ? 44  VAL A O   1 
ATOM   361  C  CB  . VAL A 1 44 ? -22.164 17.992  2.244   1.00 34.50  ? 44  VAL A CB  1 
ATOM   362  C  CG1 . VAL A 1 44 ? -22.569 16.612  2.692   1.00 39.37  ? 44  VAL A CG1 1 
ATOM   363  C  CG2 . VAL A 1 44 ? -22.688 19.045  3.171   1.00 40.50  ? 44  VAL A CG2 1 
ATOM   364  N  N   . HIS A 1 45 ? -19.564 20.192  2.281   1.00 33.64  ? 45  HIS A N   1 
ATOM   365  C  CA  . HIS A 1 45 ? -19.115 21.413  1.632   1.00 36.45  ? 45  HIS A CA  1 
ATOM   366  C  C   . HIS A 1 45 ? -17.694 21.374  1.179   1.00 33.13  ? 45  HIS A C   1 
ATOM   367  O  O   . HIS A 1 45 ? -17.221 22.358  0.619   1.00 31.03  ? 45  HIS A O   1 
ATOM   368  C  CB  . HIS A 1 45 ? -19.309 22.597  2.524   1.00 42.15  ? 45  HIS A CB  1 
ATOM   369  C  CG  . HIS A 1 45 ? -20.742 22.824  2.875   1.00 52.32  ? 45  HIS A CG  1 
ATOM   370  N  ND1 . HIS A 1 45 ? -21.727 22.960  1.922   1.00 56.38  ? 45  HIS A ND1 1 
ATOM   371  C  CD2 . HIS A 1 45 ? -21.359 22.890  4.073   1.00 55.92  ? 45  HIS A CD2 1 
ATOM   372  C  CE1 . HIS A 1 45 ? -22.891 23.106  2.523   1.00 58.86  ? 45  HIS A CE1 1 
ATOM   373  N  NE2 . HIS A 1 45 ? -22.693 23.063  3.825   1.00 58.19  ? 45  HIS A NE2 1 
ATOM   374  N  N   . LYS A 1 46 ? -16.986 20.290  1.445   1.00 29.97  ? 46  LYS A N   1 
ATOM   375  C  CA  . LYS A 1 46 ? -15.615 20.225  0.958   1.00 27.60  ? 46  LYS A CA  1 
ATOM   376  C  C   . LYS A 1 46 ? -15.633 19.888  -0.547  1.00 26.39  ? 46  LYS A C   1 
ATOM   377  O  O   . LYS A 1 46 ? -16.649 19.401  -1.088  1.00 25.31  ? 46  LYS A O   1 
ATOM   378  C  CB  . LYS A 1 46 ? -14.831 19.201  1.749   1.00 26.51  ? 46  LYS A CB  1 
ATOM   379  C  CG  . LYS A 1 46 ? -14.476 19.706  3.121   1.00 25.54  ? 46  LYS A CG  1 
ATOM   380  C  CD  . LYS A 1 46 ? -13.794 18.605  3.888   1.00 26.74  ? 46  LYS A CD  1 
ATOM   381  C  CE  . LYS A 1 46 ? -13.390 19.162  5.208   1.00 24.14  ? 46  LYS A CE  1 
ATOM   382  N  NZ  . LYS A 1 46 ? -12.422 18.292  5.860   1.00 26.39  ? 46  LYS A NZ  1 
ATOM   383  N  N   . SER A 1 47 ? -14.524 20.131  -1.212  1.00 25.81  ? 47  SER A N   1 
ATOM   384  C  CA  . SER A 1 47 ? -14.433 19.949  -2.658  1.00 26.04  ? 47  SER A CA  1 
ATOM   385  C  C   . SER A 1 47 ? -14.603 18.562  -3.272  1.00 28.03  ? 47  SER A C   1 
ATOM   386  O  O   . SER A 1 47 ? -14.454 17.544  -2.590  1.00 26.78  ? 47  SER A O   1 
ATOM   387  C  CB  . SER A 1 47 ? -13.104 20.559  -3.149  1.00 22.76  ? 47  SER A CB  1 
ATOM   388  O  OG  . SER A 1 47 ? -11.971 19.710  -2.897  1.00 21.53  ? 47  SER A OG  1 
ATOM   389  N  N   . LYS A 1 48 ? -15.001 18.532  -4.539  1.00 31.22  ? 48  LYS A N   1 
ATOM   390  C  CA  . LYS A 1 48 ? -15.115 17.273  -5.272  1.00 35.46  ? 48  LYS A CA  1 
ATOM   391  C  C   . LYS A 1 48 ? -13.740 16.602  -5.197  1.00 32.39  ? 48  LYS A C   1 
ATOM   392  O  O   . LYS A 1 48 ? -13.652 15.384  -5.048  1.00 33.68  ? 48  LYS A O   1 
ATOM   393  C  CB  . LYS A 1 48 ? -15.405 17.552  -6.729  1.00 40.39  ? 48  LYS A CB  1 
ATOM   394  C  CG  . LYS A 1 48 ? -16.846 17.419  -7.082  1.00 50.16  ? 48  LYS A CG  1 
ATOM   395  C  CD  . LYS A 1 48 ? -16.978 17.676  -8.572  1.00 57.02  ? 48  LYS A CD  1 
ATOM   396  C  CE  . LYS A 1 48 ? -17.874 16.632  -9.231  1.00 60.48  ? 48  LYS A CE  1 
ATOM   397  N  NZ  . LYS A 1 48 ? -17.443 16.185  -10.599 1.00 62.80  ? 48  LYS A NZ  1 
ATOM   398  N  N   . SER A 1 49 ? -12.664 17.385  -5.308  1.00 30.08  ? 49  SER A N   1 
ATOM   399  C  CA  . SER A 1 49 ? -11.308 16.839  -5.275  1.00 27.47  ? 49  SER A CA  1 
ATOM   400  C  C   . SER A 1 49 ? -10.942 16.194  -3.944  1.00 26.75  ? 49  SER A C   1 
ATOM   401  O  O   . SER A 1 49 ? -10.245 15.172  -3.929  1.00 25.79  ? 49  SER A O   1 
ATOM   402  C  CB  . SER A 1 49 ? -10.331 17.954  -5.604  1.00 27.23  ? 49  SER A CB  1 
ATOM   403  O  OG  . SER A 1 49 ? -9.001  17.546  -5.327  1.00 29.25  ? 49  SER A OG  1 
ATOM   404  N  N   . GLU A 1 50 ? -11.389 16.791  -2.837  1.00 25.85  ? 50  GLU A N   1 
ATOM   405  C  CA  . GLU A 1 50 ? -11.116 16.221  -1.526  1.00 25.45  ? 50  GLU A CA  1 
ATOM   406  C  C   . GLU A 1 50 ? -11.912 14.915  -1.411  1.00 22.22  ? 50  GLU A C   1 
ATOM   407  O  O   . GLU A 1 50 ? -11.407 13.949  -0.849  1.00 20.43  ? 50  GLU A O   1 
ATOM   408  C  CB  . GLU A 1 50 ? -11.545 17.209  -0.432  1.00 26.39  ? 50  GLU A CB  1 
ATOM   409  C  CG  . GLU A 1 50 ? -10.605 18.423  -0.395  1.00 29.60  ? 50  GLU A CG  1 
ATOM   410  C  CD  . GLU A 1 50 ? -11.041 19.534  0.535   1.00 32.71  ? 50  GLU A CD  1 
ATOM   411  O  OE1 . GLU A 1 50 ? -12.012 20.257  0.223   1.00 33.69  ? 50  GLU A OE1 1 
ATOM   412  O  OE2 . GLU A 1 50 ? -10.415 19.719  1.591   1.00 32.43  ? 50  GLU A OE2 1 
ATOM   413  N  N   . HIS A 1 51 ? -13.128 14.856  -1.952  1.00 22.88  ? 51  HIS A N   1 
ATOM   414  C  CA  . HIS A 1 51 ? -13.896 13.621  -1.833  1.00 24.11  ? 51  HIS A CA  1 
ATOM   415  C  C   . HIS A 1 51 ? -13.360 12.513  -2.702  1.00 24.05  ? 51  HIS A C   1 
ATOM   416  O  O   . HIS A 1 51 ? -13.413 11.350  -2.295  1.00 24.62  ? 51  HIS A O   1 
ATOM   417  C  CB  . HIS A 1 51 ? -15.350 13.923  -2.091  1.00 25.85  ? 51  HIS A CB  1 
ATOM   418  C  CG  . HIS A 1 51 ? -16.016 14.521  -0.882  1.00 27.81  ? 51  HIS A CG  1 
ATOM   419  N  ND1 . HIS A 1 51 ? -16.326 13.776  0.236   1.00 28.24  ? 51  HIS A ND1 1 
ATOM   420  C  CD2 . HIS A 1 51 ? -16.371 15.794  -0.594  1.00 27.39  ? 51  HIS A CD2 1 
ATOM   421  C  CE1 . HIS A 1 51 ? -16.836 14.565  1.155   1.00 28.64  ? 51  HIS A CE1 1 
ATOM   422  N  NE2 . HIS A 1 51 ? -16.881 15.789  0.675   1.00 28.44  ? 51  HIS A NE2 1 
ATOM   423  N  N   . LYS A 1 52 ? -12.846 12.859  -3.882  1.00 23.90  ? 52  LYS A N   1 
ATOM   424  C  CA  . LYS A 1 52 ? -12.231 11.872  -4.776  1.00 25.68  ? 52  LYS A CA  1 
ATOM   425  C  C   . LYS A 1 52 ? -11.014 11.307  -4.066  1.00 23.58  ? 52  LYS A C   1 
ATOM   426  O  O   . LYS A 1 52 ? -10.789 10.106  -4.107  1.00 22.66  ? 52  LYS A O   1 
ATOM   427  C  CB  . LYS A 1 52 ? -11.744 12.534  -6.046  1.00 26.67  ? 52  LYS A CB  1 
ATOM   428  C  CG  . LYS A 1 52 ? -12.867 12.812  -6.984  1.00 30.59  ? 52  LYS A CG  1 
ATOM   429  C  CD  . LYS A 1 52 ? -12.313 13.122  -8.337  1.00 35.33  ? 52  LYS A CD  1 
ATOM   430  C  CE  . LYS A 1 52 ? -12.826 14.463  -8.753  1.00 37.59  ? 52  LYS A CE  1 
ATOM   431  N  NZ  . LYS A 1 52 ? -11.891 15.135  -9.677  1.00 40.37  ? 52  LYS A NZ  1 
ATOM   432  N  N   . HIS A 1 53 ? -10.227 12.181  -3.429  1.00 23.64  ? 53  HIS A N   1 
ATOM   433  C  CA  . HIS A 1 53 ? -9.021  11.794  -2.715  1.00 22.90  ? 53  HIS A CA  1 
ATOM   434  C  C   . HIS A 1 53 ? -9.424  10.840  -1.610  1.00 23.84  ? 53  HIS A C   1 
ATOM   435  O  O   . HIS A 1 53 ? -8.769  9.815   -1.440  1.00 22.00  ? 53  HIS A O   1 
ATOM   436  C  CB  . HIS A 1 53 ? -8.379  13.050  -2.147  1.00 22.63  ? 53  HIS A CB  1 
ATOM   437  C  CG  . HIS A 1 53 ? -7.004  12.858  -1.557  1.00 22.19  ? 53  HIS A CG  1 
ATOM   438  N  ND1 . HIS A 1 53 ? -6.349  11.647  -1.517  1.00 23.62  ? 53  HIS A ND1 1 
ATOM   439  C  CD2 . HIS A 1 53 ? -6.168  13.756  -0.987  1.00 22.34  ? 53  HIS A CD2 1 
ATOM   440  C  CE1 . HIS A 1 53 ? -5.171  11.809  -0.948  1.00 23.10  ? 53  HIS A CE1 1 
ATOM   441  N  NE2 . HIS A 1 53 ? -5.038  13.077  -0.617  1.00 24.12  ? 53  HIS A NE2 1 
ATOM   442  N  N   . ALA A 1 54 ? -10.487 11.144  -0.868  1.00 23.20  ? 54  ALA A N   1 
ATOM   443  C  CA  . ALA A 1 54 ? -10.893 10.244  0.208   1.00 21.20  ? 54  ALA A CA  1 
ATOM   444  C  C   . ALA A 1 54 ? -11.338 8.899   -0.342  1.00 18.87  ? 54  ALA A C   1 
ATOM   445  O  O   . ALA A 1 54 ? -11.032 7.875   0.261   1.00 19.79  ? 54  ALA A O   1 
ATOM   446  C  CB  . ALA A 1 54 ? -12.031 10.867  1.032   1.00 19.47  ? 54  ALA A CB  1 
ATOM   447  N  N   . VAL A 1 55 ? -12.034 8.858   -1.464  1.00 20.38  ? 55  VAL A N   1 
ATOM   448  C  CA  . VAL A 1 55 ? -12.440 7.553   -1.974  1.00 21.86  ? 55  VAL A CA  1 
ATOM   449  C  C   . VAL A 1 55 ? -11.203 6.791   -2.447  1.00 24.03  ? 55  VAL A C   1 
ATOM   450  O  O   . VAL A 1 55 ? -11.127 5.575   -2.267  1.00 23.72  ? 55  VAL A O   1 
ATOM   451  C  CB  . VAL A 1 55 ? -13.471 7.730   -3.061  1.00 21.72  ? 55  VAL A CB  1 
ATOM   452  C  CG1 . VAL A 1 55 ? -13.683 6.441   -3.781  1.00 18.46  ? 55  VAL A CG1 1 
ATOM   453  C  CG2 . VAL A 1 55 ? -14.769 8.146   -2.403  1.00 21.06  ? 55  VAL A CG2 1 
ATOM   454  N  N   . PHE A 1 56 ? -10.248 7.501   -3.040  1.00 24.03  ? 56  PHE A N   1 
ATOM   455  C  CA  . PHE A 1 56 ? -8.986  6.893   -3.471  1.00 25.09  ? 56  PHE A CA  1 
ATOM   456  C  C   . PHE A 1 56 ? -8.309  6.221   -2.270  1.00 24.83  ? 56  PHE A C   1 
ATOM   457  O  O   . PHE A 1 56 ? -7.932  5.051   -2.342  1.00 25.24  ? 56  PHE A O   1 
ATOM   458  C  CB  . PHE A 1 56 ? -8.073  7.997   -3.994  1.00 25.06  ? 56  PHE A CB  1 
ATOM   459  C  CG  . PHE A 1 56 ? -6.735  7.506   -4.407  1.00 28.31  ? 56  PHE A CG  1 
ATOM   460  C  CD1 . PHE A 1 56 ? -5.678  7.474   -3.515  1.00 29.77  ? 56  PHE A CD1 1 
ATOM   461  C  CD2 . PHE A 1 56 ? -6.511  7.122   -5.715  1.00 29.41  ? 56  PHE A CD2 1 
ATOM   462  C  CE1 . PHE A 1 56 ? -4.450  7.022   -3.918  1.00 29.85  ? 56  PHE A CE1 1 
ATOM   463  C  CE2 . PHE A 1 56 ? -5.285  6.671   -6.110  1.00 30.21  ? 56  PHE A CE2 1 
ATOM   464  C  CZ  . PHE A 1 56 ? -4.254  6.635   -5.222  1.00 30.02  ? 56  PHE A CZ  1 
ATOM   465  N  N   . LEU A 1 57 ? -8.144  6.949   -1.167  1.00 24.01  ? 57  LEU A N   1 
ATOM   466  C  CA  . LEU A 1 57 ? -7.487  6.364   -0.010  1.00 24.33  ? 57  LEU A CA  1 
ATOM   467  C  C   . LEU A 1 57 ? -8.192  5.142   0.547   1.00 25.70  ? 57  LEU A C   1 
ATOM   468  O  O   . LEU A 1 57 ? -7.526  4.231   1.058   1.00 23.12  ? 57  LEU A O   1 
ATOM   469  C  CB  . LEU A 1 57 ? -7.342  7.427   1.065   1.00 24.31  ? 57  LEU A CB  1 
ATOM   470  C  CG  . LEU A 1 57 ? -6.273  8.457   0.675   1.00 28.72  ? 57  LEU A CG  1 
ATOM   471  C  CD1 . LEU A 1 57 ? -6.343  9.569   1.666   1.00 27.08  ? 57  LEU A CD1 1 
ATOM   472  C  CD2 . LEU A 1 57 ? -4.879  7.832   0.655   1.00 27.35  ? 57  LEU A CD2 1 
ATOM   473  N  N   . LEU A 1 58 ? -9.527  5.125   0.467   1.00 25.65  ? 58  LEU A N   1 
ATOM   474  C  CA  . LEU A 1 58 ? -10.320 3.993   0.972   1.00 26.95  ? 58  LEU A CA  1 
ATOM   475  C  C   . LEU A 1 58 ? -10.160 2.777   0.073   1.00 27.37  ? 58  LEU A C   1 
ATOM   476  O  O   . LEU A 1 58 ? -9.951  1.671   0.579   1.00 27.32  ? 58  LEU A O   1 
ATOM   477  C  CB  . LEU A 1 58 ? -11.801 4.368   1.034   1.00 26.57  ? 58  LEU A CB  1 
ATOM   478  C  CG  . LEU A 1 58 ? -12.154 5.375   2.126   1.00 25.69  ? 58  LEU A CG  1 
ATOM   479  C  CD1 . LEU A 1 58 ? -13.593 5.706   2.071   1.00 27.64  ? 58  LEU A CD1 1 
ATOM   480  C  CD2 . LEU A 1 58 ? -11.848 4.791   3.433   1.00 26.31  ? 58  LEU A CD2 1 
ATOM   481  N  N   . GLY A 1 59 ? -10.299 2.972   -1.243  1.00 27.44  ? 59  GLY A N   1 
ATOM   482  C  CA  . GLY A 1 59 ? -10.132 1.860   -2.177  1.00 28.17  ? 59  GLY A CA  1 
ATOM   483  C  C   . GLY A 1 59 ? -8.732  1.298   -2.055  1.00 27.28  ? 59  GLY A C   1 
ATOM   484  O  O   . GLY A 1 59 ? -8.537  0.095   -1.937  1.00 28.61  ? 59  GLY A O   1 
ATOM   485  N  N   . ASN A 1 60 ? -7.751  2.174   -2.110  1.00 29.52  ? 60  ASN A N   1 
ATOM   486  C  CA  . ASN A 1 60 ? -6.387  1.773   -1.983  1.00 29.80  ? 60  ASN A CA  1 
ATOM   487  C  C   . ASN A 1 60 ? -6.141  1.003   -0.725  1.00 27.12  ? 60  ASN A C   1 
ATOM   488  O  O   . ASN A 1 60 ? -5.450  -0.012  -0.730  1.00 24.16  ? 60  ASN A O   1 
ATOM   489  C  CB  . ASN A 1 60 ? -5.578  2.991   -1.921  1.00 35.15  ? 60  ASN A CB  1 
ATOM   490  C  CG  . ASN A 1 60 ? -4.412  2.875   -2.724  1.00 42.08  ? 60  ASN A CG  1 
ATOM   491  O  OD1 . ASN A 1 60 ? -3.316  2.719   -2.220  1.00 47.51  ? 60  ASN A OD1 1 
ATOM   492  N  ND2 . ASN A 1 60 ? -4.613  2.897   -4.024  1.00 47.04  ? 60  ASN A ND2 1 
ATOM   493  N  N   . ALA A 1 61 ? -6.664  1.503   0.380   1.00 24.75  ? 61  ALA A N   1 
ATOM   494  C  CA  . ALA A 1 61 ? -6.412  0.825   1.626   1.00 25.81  ? 61  ALA A CA  1 
ATOM   495  C  C   . ALA A 1 61 ? -7.070  -0.521  1.717   1.00 26.48  ? 61  ALA A C   1 
ATOM   496  O  O   . ALA A 1 61 ? -6.514  -1.426  2.339   1.00 24.38  ? 61  ALA A O   1 
ATOM   497  C  CB  . ALA A 1 61 ? -6.859  1.659   2.722   1.00 26.98  ? 61  ALA A CB  1 
ATOM   498  N  N   . LEU A 1 62 ? -8.259  -0.667  1.148   1.00 27.06  ? 62  LEU A N   1 
ATOM   499  C  CA  . LEU A 1 62 ? -8.900  -1.961  1.206   1.00 26.56  ? 62  LEU A CA  1 
ATOM   500  C  C   . LEU A 1 62 ? -8.021  -2.926  0.412   1.00 24.58  ? 62  LEU A C   1 
ATOM   501  O  O   . LEU A 1 62 ? -7.780  -4.039  0.873   1.00 21.98  ? 62  LEU A O   1 
ATOM   502  C  CB  . LEU A 1 62 ? -10.269 -1.854  0.574   1.00 28.24  ? 62  LEU A CB  1 
ATOM   503  C  CG  . LEU A 1 62 ? -11.150 -3.065  0.784   1.00 32.19  ? 62  LEU A CG  1 
ATOM   504  C  CD1 . LEU A 1 62 ? -11.519 -3.173  2.242   1.00 33.39  ? 62  LEU A CD1 1 
ATOM   505  C  CD2 . LEU A 1 62 ? -12.375 -2.898  -0.057  1.00 31.65  ? 62  LEU A CD2 1 
ATOM   506  N  N   . ALA A 1 63 ? -7.527  -2.520  -0.750  1.00 24.10  ? 63  ALA A N   1 
ATOM   507  C  CA  . ALA A 1 63 ? -6.704  -3.425  -1.543  1.00 25.48  ? 63  ALA A CA  1 
ATOM   508  C  C   . ALA A 1 63 ? -5.407  -3.772  -0.835  1.00 28.21  ? 63  ALA A C   1 
ATOM   509  O  O   . ALA A 1 63 ? -4.995  -4.929  -0.873  1.00 29.61  ? 63  ALA A O   1 
ATOM   510  C  CB  . ALA A 1 63 ? -6.446  -2.811  -2.843  1.00 22.50  ? 63  ALA A CB  1 
ATOM   511  N  N   . ALA A 1 64 ? -4.769  -2.805  -0.184  1.00 29.06  ? 64  ALA A N   1 
ATOM   512  C  CA  . ALA A 1 64 ? -3.541  -3.101  0.556   1.00 30.07  ? 64  ALA A CA  1 
ATOM   513  C  C   . ALA A 1 64 ? -3.829  -4.089  1.690   1.00 30.50  ? 64  ALA A C   1 
ATOM   514  O  O   . ALA A 1 64 ? -2.987  -4.931  1.980   1.00 32.42  ? 64  ALA A O   1 
ATOM   515  C  CB  . ALA A 1 64 ? -2.988  -1.850  1.130   1.00 30.61  ? 64  ALA A CB  1 
ATOM   516  N  N   . ALA A 1 65 ? -4.975  -3.992  2.354   1.00 28.24  ? 65  ALA A N   1 
ATOM   517  C  CA  . ALA A 1 65 ? -5.260  -4.945  3.413   1.00 26.43  ? 65  ALA A CA  1 
ATOM   518  C  C   . ALA A 1 65 ? -5.457  -6.362  2.850   1.00 25.55  ? 65  ALA A C   1 
ATOM   519  O  O   . ALA A 1 65 ? -5.120  -7.330  3.522   1.00 25.85  ? 65  ALA A O   1 
ATOM   520  C  CB  . ALA A 1 65 ? -6.464  -4.517  4.130   1.00 23.72  ? 65  ALA A CB  1 
HETATM 521  N  N   . MSE A 1 66 ? -6.021  -6.499  1.651   1.00 26.14  ? 66  MSE A N   1 
HETATM 522  C  CA  . MSE A 1 66 ? -6.173  -7.833  1.062   1.00 25.01  ? 66  MSE A CA  1 
HETATM 523  C  C   . MSE A 1 66 ? -4.803  -8.371  0.733   1.00 24.88  ? 66  MSE A C   1 
HETATM 524  O  O   . MSE A 1 66 ? -4.559  -9.564  0.867   1.00 24.69  ? 66  MSE A O   1 
HETATM 525  C  CB  . MSE A 1 66 ? -6.897  -7.746  -0.245  1.00 25.56  ? 66  MSE A CB  1 
HETATM 526  C  CG  . MSE A 1 66 ? -8.292  -7.223  -0.070  1.00 26.52  ? 66  MSE A CG  1 
HETATM 527  SE SE  . MSE A 1 66 ? -9.490  -8.366  1.182   1.00 37.91  ? 66  MSE A SE  1 
HETATM 528  C  CE  . MSE A 1 66 ? -9.676  -7.276  2.910   1.00 27.01  ? 66  MSE A CE  1 
ATOM   529  N  N   . SER A 1 67 ? -3.945  -7.514  0.213   1.00 26.24  ? 67  SER A N   1 
ATOM   530  C  CA  . SER A 1 67 ? -2.605  -7.922  -0.144  1.00 29.96  ? 67  SER A CA  1 
ATOM   531  C  C   . SER A 1 67 ? -1.829  -8.416  1.075   1.00 30.40  ? 67  SER A C   1 
ATOM   532  O  O   . SER A 1 67 ? -1.171  -9.461  1.001   1.00 27.35  ? 67  SER A O   1 
ATOM   533  C  CB  . SER A 1 67 ? -1.884  -6.739  -0.726  1.00 32.72  ? 67  SER A CB  1 
ATOM   534  O  OG  . SER A 1 67 ? -0.693  -7.194  -1.329  1.00 38.92  ? 67  SER A OG  1 
ATOM   535  N  N   . GLU A 1 68 ? -1.887  -7.658  2.182   1.00 28.59  ? 68  GLU A N   1 
ATOM   536  C  CA  . GLU A 1 68 ? -1.167  -8.029  3.405   1.00 29.74  ? 68  GLU A CA  1 
ATOM   537  C  C   . GLU A 1 68 ? -1.702  -9.322  3.946   1.00 28.99  ? 68  GLU A C   1 
ATOM   538  O  O   . GLU A 1 68 ? -0.940  -10.162 4.417   1.00 28.22  ? 68  GLU A O   1 
ATOM   539  C  CB  . GLU A 1 68 ? -1.323  -6.964  4.493   1.00 28.06  ? 68  GLU A CB  1 
ATOM   540  C  CG  . GLU A 1 68 ? -0.502  -5.703  4.290   1.00 29.01  ? 68  GLU A CG  1 
ATOM   541  C  CD  . GLU A 1 68 ? 0.945   -5.990  4.028   1.00 28.22  ? 68  GLU A CD  1 
ATOM   542  O  OE1 . GLU A 1 68 ? 1.549   -6.836  4.729   1.00 28.71  ? 68  GLU A OE1 1 
ATOM   543  O  OE2 . GLU A 1 68 ? 1.511   -5.359  3.107   1.00 27.90  ? 68  GLU A OE2 1 
ATOM   544  N  N   . ASP A 1 69 ? -3.011  -9.478  3.918   1.00 29.45  ? 69  ASP A N   1 
ATOM   545  C  CA  . ASP A 1 69 ? -3.578  -10.692 4.421   1.00 29.99  ? 69  ASP A CA  1 
ATOM   546  C  C   . ASP A 1 69 ? -3.113  -11.893 3.584   1.00 29.65  ? 69  ASP A C   1 
ATOM   547  O  O   . ASP A 1 69 ? -2.851  -12.952 4.148   1.00 30.92  ? 69  ASP A O   1 
ATOM   548  C  CB  . ASP A 1 69 ? -5.068  -10.565 4.392   1.00 32.15  ? 69  ASP A CB  1 
ATOM   549  C  CG  . ASP A 1 69 ? -5.734  -11.790 4.865   1.00 35.12  ? 69  ASP A CG  1 
ATOM   550  O  OD1 . ASP A 1 69 ? -6.564  -11.706 5.765   1.00 37.33  ? 69  ASP A OD1 1 
ATOM   551  O  OD2 . ASP A 1 69 ? -5.416  -12.876 4.348   1.00 38.36  ? 69  ASP A OD2 1 
ATOM   552  N  N   . GLU A 1 70 ? -2.998  -11.747 2.266   1.00 30.69  ? 70  GLU A N   1 
ATOM   553  C  CA  . GLU A 1 70 ? -2.544  -12.867 1.431   1.00 33.35  ? 70  GLU A CA  1 
ATOM   554  C  C   . GLU A 1 70 ? -1.052  -13.134 1.628   1.00 34.24  ? 70  GLU A C   1 
ATOM   555  O  O   . GLU A 1 70 ? -0.671  -14.305 1.811   1.00 31.93  ? 70  GLU A O   1 
ATOM   556  C  CB  . GLU A 1 70 ? -2.807  -12.554 -0.033  1.00 33.08  ? 70  GLU A CB  1 
ATOM   557  C  CG  . GLU A 1 70 ? -2.363  -13.649 -0.972  1.00 35.79  ? 70  GLU A CG  1 
ATOM   558  C  CD  . GLU A 1 70 ? -3.323  -14.823 -1.087  1.00 39.48  ? 70  GLU A CD  1 
ATOM   559  O  OE1 . GLU A 1 70 ? -4.112  -15.141 -0.167  1.00 40.82  ? 70  GLU A OE1 1 
ATOM   560  O  OE2 . GLU A 1 70 ? -3.265  -15.475 -2.144  1.00 41.43  ? 70  GLU A OE2 1 
ATOM   561  N  N   . PHE A 1 71 ? -0.221  -12.078 1.530   1.00 35.43  ? 71  PHE A N   1 
ATOM   562  C  CA  . PHE A 1 71 ? 1.230   -12.199 1.732   1.00 38.37  ? 71  PHE A CA  1 
ATOM   563  C  C   . PHE A 1 71 ? 1.406   -12.862 3.128   1.00 38.23  ? 71  PHE A C   1 
ATOM   564  O  O   . PHE A 1 71 ? 2.298   -13.693 3.281   1.00 37.76  ? 71  PHE A O   1 
ATOM   565  C  CB  . PHE A 1 71 ? 1.938   -10.803 1.570   1.00 40.77  ? 71  PHE A CB  1 
ATOM   566  C  CG  . PHE A 1 71 ? 2.286   -10.446 0.087   1.00 44.73  ? 71  PHE A CG  1 
ATOM   567  C  CD1 . PHE A 1 71 ? 1.814   -9.300  -0.542  1.00 46.59  ? 71  PHE A CD1 1 
ATOM   568  C  CD2 . PHE A 1 71 ? 3.096   -11.290 -0.689  1.00 45.98  ? 71  PHE A CD2 1 
ATOM   569  C  CE1 . PHE A 1 71 ? 2.200   -8.973  -1.877  1.00 47.06  ? 71  PHE A CE1 1 
ATOM   570  C  CE2 . PHE A 1 71 ? 3.458   -10.957 -2.019  1.00 44.56  ? 71  PHE A CE2 1 
ATOM   571  C  CZ  . PHE A 1 71 ? 2.998   -9.824  -2.596  1.00 45.78  ? 71  PHE A CZ  1 
ATOM   572  N  N   . SER A 1 72 ? 0.549   -12.605 4.124   1.00 39.00  ? 72  SER A N   1 
ATOM   573  C  CA  . SER A 1 72 ? 0.806   -13.291 5.394   1.00 40.92  ? 72  SER A CA  1 
ATOM   574  C  C   . SER A 1 72 ? 0.135   -14.649 5.629   1.00 41.74  ? 72  SER A C   1 
ATOM   575  O  O   . SER A 1 72 ? 0.310   -15.237 6.700   1.00 41.49  ? 72  SER A O   1 
ATOM   576  C  CB  . SER A 1 72 ? 0.530   -12.356 6.556   1.00 41.91  ? 72  SER A CB  1 
ATOM   577  O  OG  . SER A 1 72 ? -0.495  -12.850 7.398   1.00 46.17  ? 72  SER A OG  1 
ATOM   578  N  N   . SER A 1 73 ? -0.624  -15.161 4.664   1.00 40.76  ? 73  SER A N   1 
ATOM   579  C  CA  . SER A 1 73 ? -1.170  -16.493 4.879   1.00 41.49  ? 73  SER A CA  1 
ATOM   580  C  C   . SER A 1 73 ? -0.581  -17.379 3.803   1.00 41.62  ? 73  SER A C   1 
ATOM   581  O  O   . SER A 1 73 ? 0.230   -18.255 4.109   1.00 41.79  ? 73  SER A O   1 
ATOM   582  C  CB  . SER A 1 73 ? -2.694  -16.502 4.849   1.00 40.31  ? 73  SER A CB  1 
ATOM   583  O  OG  . SER A 1 73 ? -3.211  -15.871 3.692   1.00 38.93  ? 73  SER A OG  1 
ATOM   584  N  N   . ALA A 1 74 ? -0.949  -17.166 2.551   1.00 42.96  ? 74  ALA A N   1 
ATOM   585  C  CA  . ALA A 1 74 ? -0.385  -17.998 1.510   1.00 43.50  ? 74  ALA A CA  1 
ATOM   586  C  C   . ALA A 1 74 ? 1.076   -17.705 1.332   1.00 42.22  ? 74  ALA A C   1 
ATOM   587  O  O   . ALA A 1 74 ? 1.818   -18.588 0.932   1.00 41.39  ? 74  ALA A O   1 
ATOM   588  C  CB  . ALA A 1 74 ? -1.041  -17.729 0.272   1.00 45.74  ? 74  ALA A CB  1 
ATOM   589  N  N   . GLY A 1 75 ? 1.484   -16.460 1.580   1.00 39.42  ? 75  GLY A N   1 
ATOM   590  C  CA  . GLY A 1 75 ? 2.883   -16.119 1.413   1.00 37.45  ? 75  GLY A CA  1 
ATOM   591  C  C   . GLY A 1 75 ? 3.717   -16.954 2.350   1.00 38.00  ? 75  GLY A C   1 
ATOM   592  O  O   . GLY A 1 75 ? 4.853   -17.297 2.032   1.00 35.77  ? 75  GLY A O   1 
ATOM   593  N  N   . ARG A 1 76 ? 3.169   -17.284 3.512   1.00 38.44  ? 76  ARG A N   1 
ATOM   594  C  CA  . ARG A 1 76 ? 3.922   -18.070 4.467   1.00 42.30  ? 76  ARG A CA  1 
ATOM   595  C  C   . ARG A 1 76 ? 4.132   -19.488 3.951   1.00 39.79  ? 76  ARG A C   1 
ATOM   596  O  O   . ARG A 1 76 ? 5.243   -20.009 4.040   1.00 37.38  ? 76  ARG A O   1 
ATOM   597  C  CB  . ARG A 1 76 ? 3.172   -18.046 5.771   1.00 50.00  ? 76  ARG A CB  1 
ATOM   598  C  CG  . ARG A 1 76 ? 4.090   -18.061 6.923   1.00 64.22  ? 76  ARG A CG  1 
ATOM   599  C  CD  . ARG A 1 76 ? 3.522   -17.312 8.082   1.00 77.16  ? 76  ARG A CD  1 
ATOM   600  N  NE  . ARG A 1 76 ? 4.095   -15.974 8.216   1.00 88.51  ? 76  ARG A NE  1 
ATOM   601  C  CZ  . ARG A 1 76 ? 4.841   -15.598 9.247   1.00 94.35  ? 76  ARG A CZ  1 
ATOM   602  N  NH1 . ARG A 1 76 ? 5.115   -16.465 10.214  1.00 98.22  ? 76  ARG A NH1 1 
ATOM   603  N  NH2 . ARG A 1 76 ? 5.315   -14.363 9.320   1.00 98.10  ? 76  ARG A NH2 1 
ATOM   604  N  N   . ILE A 1 77 ? 3.079   -20.133 3.459   1.00 38.02  ? 77  ILE A N   1 
ATOM   605  C  CA  . ILE A 1 77 ? 3.217   -21.463 2.876   1.00 37.46  ? 77  ILE A CA  1 
ATOM   606  C  C   . ILE A 1 77 ? 4.285   -21.417 1.755   1.00 36.34  ? 77  ILE A C   1 
ATOM   607  O  O   . ILE A 1 77 ? 5.146   -22.287 1.701   1.00 33.82  ? 77  ILE A O   1 
ATOM   608  C  CB  . ILE A 1 77 ? 1.889   -21.889 2.284   1.00 36.86  ? 77  ILE A CB  1 
ATOM   609  C  CG1 . ILE A 1 77 ? 0.862   -21.999 3.415   1.00 41.19  ? 77  ILE A CG1 1 
ATOM   610  C  CG2 . ILE A 1 77 ? 2.024   -23.194 1.572   1.00 38.46  ? 77  ILE A CG2 1 
ATOM   611  C  CD1 . ILE A 1 77 ? 1.293   -22.867 4.594   1.00 43.13  ? 77  ILE A CD1 1 
ATOM   612  N  N   . SER A 1 78 ? 4.224   -20.420 0.858   1.00 37.46  ? 78  SER A N   1 
ATOM   613  C  CA  . SER A 1 78 ? 5.205   -20.290 -0.226  1.00 40.76  ? 78  SER A CA  1 
ATOM   614  C  C   . SER A 1 78 ? 6.625   -20.172 0.299   1.00 38.55  ? 78  SER A C   1 
ATOM   615  O  O   . SER A 1 78 ? 7.541   -20.792 -0.242  1.00 36.25  ? 78  SER A O   1 
ATOM   616  C  CB  . SER A 1 78 ? 4.888   -19.053 -1.037  1.00 43.45  ? 78  SER A CB  1 
ATOM   617  O  OG  . SER A 1 78 ? 4.607   -19.428 -2.369  1.00 55.03  ? 78  SER A OG  1 
ATOM   618  N  N   . LYS A 1 79 ? 6.821   -19.331 1.311   1.00 37.54  ? 79  LYS A N   1 
ATOM   619  C  CA  . LYS A 1 79 ? 8.141   -19.165 1.898   1.00 38.33  ? 79  LYS A CA  1 
ATOM   620  C  C   . LYS A 1 79 ? 8.578   -20.518 2.460   1.00 37.26  ? 79  LYS A C   1 
ATOM   621  O  O   . LYS A 1 79 ? 9.716   -20.941 2.260   1.00 33.43  ? 79  LYS A O   1 
ATOM   622  C  CB  . LYS A 1 79 ? 8.082   -18.160 3.037   1.00 40.16  ? 79  LYS A CB  1 
ATOM   623  C  CG  . LYS A 1 79 ? 9.381   -18.057 3.779   1.00 47.78  ? 79  LYS A CG  1 
ATOM   624  C  CD  . LYS A 1 79 ? 9.217   -17.306 5.057   1.00 53.98  ? 79  LYS A CD  1 
ATOM   625  C  CE  . LYS A 1 79 ? 10.565  -17.218 5.705   1.00 57.67  ? 79  LYS A CE  1 
ATOM   626  N  NZ  . LYS A 1 79 ? 10.810  -18.329 6.647   1.00 60.47  ? 79  LYS A NZ  1 
ATOM   627  N  N   . ARG A 1 80 ? 7.674   -21.202 3.156   1.00 38.77  ? 80  ARG A N   1 
ATOM   628  C  CA  . ARG A 1 80 ? 8.030   -22.482 3.736   1.00 42.32  ? 80  ARG A CA  1 
ATOM   629  C  C   . ARG A 1 80 ? 8.353   -23.529 2.687   1.00 43.93  ? 80  ARG A C   1 
ATOM   630  O  O   . ARG A 1 80 ? 9.277   -24.318 2.885   1.00 40.78  ? 80  ARG A O   1 
ATOM   631  C  CB  . ARG A 1 80 ? 6.914   -22.947 4.651   1.00 43.85  ? 80  ARG A CB  1 
ATOM   632  C  CG  . ARG A 1 80 ? 7.125   -22.488 6.075   1.00 50.28  ? 80  ARG A CG  1 
ATOM   633  C  CD  . ARG A 1 80 ? 6.631   -23.548 7.018   1.00 55.53  ? 80  ARG A CD  1 
ATOM   634  N  NE  . ARG A 1 80 ? 5.183   -23.473 7.128   1.00 59.48  ? 80  ARG A NE  1 
ATOM   635  C  CZ  . ARG A 1 80 ? 4.432   -24.409 7.687   1.00 61.05  ? 80  ARG A CZ  1 
ATOM   636  N  NH1 . ARG A 1 80 ? 4.973   -25.528 8.174   1.00 61.67  ? 80  ARG A NH1 1 
ATOM   637  N  NH2 . ARG A 1 80 ? 3.134   -24.213 7.769   1.00 62.33  ? 80  ARG A NH2 1 
HETATM 638  N  N   . MSE A 1 81 ? 7.597   -23.567 1.593   1.00 48.31  ? 81  MSE A N   1 
HETATM 639  C  CA  . MSE A 1 81 ? 7.888   -24.520 0.524   1.00 55.22  ? 81  MSE A CA  1 
HETATM 640  C  C   . MSE A 1 81 ? 9.264   -24.275 -0.046  1.00 48.48  ? 81  MSE A C   1 
HETATM 641  O  O   . MSE A 1 81 ? 9.978   -25.215 -0.361  1.00 46.74  ? 81  MSE A O   1 
HETATM 642  C  CB  . MSE A 1 81 ? 6.900   -24.358 -0.610  1.00 67.29  ? 81  MSE A CB  1 
HETATM 643  C  CG  . MSE A 1 81 ? 5.776   -25.334 -0.426  1.00 91.49  ? 81  MSE A CG  1 
HETATM 644  SE SE  . MSE A 1 81 ? 6.419   -27.103 -1.312  1.00 106.02 ? 81  MSE A SE  1 
HETATM 645  C  CE  . MSE A 1 81 ? 5.388   -26.199 -2.643  1.00 114.53 ? 81  MSE A CE  1 
ATOM   646  N  N   . GLU A 1 82 ? 9.614   -23.005 -0.215  1.00 44.60  ? 82  GLU A N   1 
ATOM   647  C  CA  . GLU A 1 82 ? 10.898  -22.647 -0.775  1.00 40.94  ? 82  GLU A CA  1 
ATOM   648  C  C   . GLU A 1 82 ? 12.008  -23.040 0.175   1.00 37.88  ? 82  GLU A C   1 
ATOM   649  O  O   . GLU A 1 82 ? 13.050  -23.506 -0.274  1.00 34.25  ? 82  GLU A O   1 
ATOM   650  C  CB  . GLU A 1 82 ? 10.886  -21.161 -1.046  1.00 40.37  ? 82  GLU A CB  1 
ATOM   651  C  CG  . GLU A 1 82 ? 12.198  -20.594 -1.415  1.00 47.71  ? 82  GLU A CG  1 
ATOM   652  C  CD  . GLU A 1 82 ? 12.062  -19.249 -2.079  1.00 52.39  ? 82  GLU A CD  1 
ATOM   653  O  OE1 . GLU A 1 82 ? 13.108  -18.616 -2.296  1.00 55.33  ? 82  GLU A OE1 1 
ATOM   654  O  OE2 . GLU A 1 82 ? 10.940  -18.806 -2.404  1.00 52.50  ? 82  GLU A OE2 1 
ATOM   655  N  N   . GLU A 1 83 ? 11.806  -22.831 1.473   1.00 37.21  ? 83  GLU A N   1 
ATOM   656  C  CA  . GLU A 1 83 ? 12.795  -23.228 2.475   1.00 41.88  ? 83  GLU A CA  1 
ATOM   657  C  C   . GLU A 1 83 ? 12.994  -24.758 2.411   1.00 41.37  ? 83  GLU A C   1 
ATOM   658  O  O   . GLU A 1 83 ? 14.128  -25.242 2.480   1.00 39.44  ? 83  GLU A O   1 
ATOM   659  C  CB  . GLU A 1 83 ? 12.289  -22.836 3.858   1.00 45.72  ? 83  GLU A CB  1 
ATOM   660  C  CG  . GLU A 1 83 ? 12.561  -21.391 4.215   1.00 56.93  ? 83  GLU A CG  1 
ATOM   661  C  CD  . GLU A 1 83 ? 11.707  -20.918 5.370   1.00 62.53  ? 83  GLU A CD  1 
ATOM   662  O  OE1 . GLU A 1 83 ? 12.004  -19.843 5.910   1.00 65.90  ? 83  GLU A OE1 1 
ATOM   663  O  OE2 . GLU A 1 83 ? 10.729  -21.607 5.742   1.00 65.29  ? 83  GLU A OE2 1 
ATOM   664  N  N   . LEU A 1 84 ? 11.904  -25.519 2.301   1.00 40.42  ? 84  LEU A N   1 
ATOM   665  C  CA  . LEU A 1 84 ? 12.008  -26.977 2.228   1.00 41.16  ? 84  LEU A CA  1 
ATOM   666  C  C   . LEU A 1 84 ? 12.747  -27.426 0.959   1.00 42.80  ? 84  LEU A C   1 
ATOM   667  O  O   . LEU A 1 84 ? 13.558  -28.338 1.042   1.00 42.51  ? 84  LEU A O   1 
ATOM   668  C  CB  . LEU A 1 84 ? 10.615  -27.592 2.279   1.00 38.19  ? 84  LEU A CB  1 
ATOM   669  C  CG  . LEU A 1 84 ? 10.554  -29.122 2.246   1.00 36.73  ? 84  LEU A CG  1 
ATOM   670  C  CD1 . LEU A 1 84 ? 11.288  -29.728 3.404   1.00 34.70  ? 84  LEU A CD1 1 
ATOM   671  C  CD2 . LEU A 1 84 ? 9.124   -29.530 2.273   1.00 33.94  ? 84  LEU A CD2 1 
ATOM   672  N  N   . ALA A 1 85 ? 12.483  -26.825 -0.207  1.00 44.56  ? 85  ALA A N   1 
ATOM   673  C  CA  . ALA A 1 85 ? 13.214  -27.230 -1.413  1.00 47.02  ? 85  ALA A CA  1 
ATOM   674  C  C   . ALA A 1 85 ? 14.709  -26.944 -1.223  1.00 49.98  ? 85  ALA A C   1 
ATOM   675  O  O   . ALA A 1 85 ? 15.545  -27.763 -1.579  1.00 52.30  ? 85  ALA A O   1 
ATOM   676  C  CB  . ALA A 1 85 ? 12.697  -26.490 -2.557  1.00 45.39  ? 85  ALA A CB  1 
ATOM   677  N  N   . ASP A 1 86 ? 15.051  -25.768 -0.714  1.00 60.00  ? 86  ASP A N   1 
ATOM   678  C  CA  . ASP A 1 86 ? 16.445  -25.484 -0.409  1.00 65.81  ? 86  ASP A CA  1 
ATOM   679  C  C   . ASP A 1 86 ? 17.053  -26.622 0.371   1.00 64.79  ? 86  ASP A C   1 
ATOM   680  O  O   . ASP A 1 86 ? 18.153  -27.071 0.083   1.00 60.92  ? 86  ASP A O   1 
ATOM   681  C  CB  . ASP A 1 86 ? 16.527  -24.310 0.511   1.00 74.06  ? 86  ASP A CB  1 
ATOM   682  C  CG  . ASP A 1 86 ? 16.363  -23.041 -0.203  1.00 84.88  ? 86  ASP A CG  1 
ATOM   683  O  OD1 . ASP A 1 86 ? 16.371  -23.122 -1.441  1.00 92.38  ? 86  ASP A OD1 1 
ATOM   684  O  OD2 . ASP A 1 86 ? 16.245  -21.984 0.423   1.00 92.16  ? 86  ASP A OD2 1 
ATOM   685  N  N   . ASP A 1 87 ? 16.327  -27.016 1.437   1.00 63.79  ? 87  ASP A N   1 
ATOM   686  C  CA  . ASP A 1 87 ? 16.769  -28.065 2.361   1.00 68.63  ? 87  ASP A CA  1 
ATOM   687  C  C   . ASP A 1 87 ? 16.933  -29.329 1.615   1.00 73.03  ? 87  ASP A C   1 
ATOM   688  O  O   . ASP A 1 87 ? 17.813  -30.148 1.914   1.00 73.14  ? 87  ASP A O   1 
ATOM   689  C  CB  . ASP A 1 87 ? 15.810  -28.141 3.533   1.00 67.04  ? 87  ASP A CB  1 
ATOM   690  C  CG  . ASP A 1 87 ? 16.168  -27.100 4.582   1.00 66.38  ? 87  ASP A CG  1 
ATOM   691  O  OD1 . ASP A 1 87 ? 17.075  -26.283 4.346   1.00 65.36  ? 87  ASP A OD1 1 
ATOM   692  O  OD2 . ASP A 1 87 ? 15.545  -27.099 5.658   1.00 64.93  ? 87  ASP A OD2 1 
ATOM   693  N  N   . ALA A 1 88 ? 16.000  -29.532 0.711   1.00 76.62  ? 88  ALA A N   1 
ATOM   694  C  CA  . ALA A 1 88 ? 16.238  -30.615 -0.174  1.00 80.23  ? 88  ALA A CA  1 
ATOM   695  C  C   . ALA A 1 88 ? 17.131  -30.235 -1.358  1.00 82.49  ? 88  ALA A C   1 
ATOM   696  O  O   . ALA A 1 88 ? 16.710  -30.265 -2.553  1.00 85.68  ? 88  ALA A O   1 
ATOM   697  C  CB  . ALA A 1 88 ? 15.039  -31.269 -0.621  1.00 80.56  ? 88  ALA A CB  1 
ATOM   698  N  N   . SER A 1 89 ? 18.292  -29.680 -1.040  1.00 88.28  ? 89  SER A N   1 
ATOM   699  C  CA  . SER A 1 89 ? 19.323  -29.626 -2.061  1.00 88.41  ? 89  SER A CA  1 
ATOM   700  C  C   . SER A 1 89 ? 20.612  -29.938 -1.280  1.00 86.61  ? 89  SER A C   1 
ATOM   701  O  O   . SER A 1 89 ? 20.904  -29.312 -0.249  1.00 85.30  ? 89  SER A O   1 
ATOM   702  C  CB  . SER A 1 89 ? 19.476  -28.348 -2.822  1.00 89.75  ? 89  SER A CB  1 
ATOM   703  O  OG  . SER A 1 89 ? 20.132  -27.442 -1.998  1.00 94.55  ? 89  SER A OG  1 
HETATM 704  N  N   . MSE B 1 1  ? 8.859   -15.106 -12.631 1.00 35.77  ? 1   MSE B N   1 
HETATM 705  C  CA  . MSE B 1 1  ? 10.268  -14.711 -12.903 1.00 35.57  ? 1   MSE B CA  1 
HETATM 706  C  C   . MSE B 1 1  ? 11.198  -15.422 -11.928 1.00 33.62  ? 1   MSE B C   1 
HETATM 707  O  O   . MSE B 1 1  ? 10.773  -15.874 -10.869 1.00 32.13  ? 1   MSE B O   1 
HETATM 708  C  CB  . MSE B 1 1  ? 10.425  -13.197 -12.762 1.00 60.30  ? 1   MSE B CB  1 
HETATM 709  C  CG  . MSE B 1 1  ? 10.307  -12.699 -11.334 1.00 63.68  ? 1   MSE B CG  1 
HETATM 710  SE SE  . MSE B 1 1  ? 10.260  -10.776 -11.199 1.00 70.58  ? 1   MSE B SE  1 
HETATM 711  C  CE  . MSE B 1 1  ? 8.372   -10.582 -10.897 1.00 66.01  ? 1   MSE B CE  1 
ATOM   712  N  N   . HIS B 1 2  ? 12.473  -15.508 -12.283 1.00 36.39  ? 2   HIS B N   1 
ATOM   713  C  CA  . HIS B 1 2  ? 13.458  -16.185 -11.440 1.00 36.15  ? 2   HIS B CA  1 
ATOM   714  C  C   . HIS B 1 2  ? 13.860  -15.347 -10.221 1.00 34.88  ? 2   HIS B C   1 
ATOM   715  O  O   . HIS B 1 2  ? 13.717  -14.124 -10.232 1.00 33.91  ? 2   HIS B O   1 
ATOM   716  C  CB  . HIS B 1 2  ? 14.678  -16.524 -12.290 1.00 56.71  ? 2   HIS B CB  1 
ATOM   717  C  CG  . HIS B 1 2  ? 14.340  -17.281 -13.538 1.00 58.21  ? 2   HIS B CG  1 
ATOM   718  N  ND1 . HIS B 1 2  ? 13.755  -18.529 -13.514 1.00 58.58  ? 2   HIS B ND1 1 
ATOM   719  C  CD2 . HIS B 1 2  ? 14.474  -16.954 -14.845 1.00 59.05  ? 2   HIS B CD2 1 
ATOM   720  C  CE1 . HIS B 1 2  ? 13.542  -18.939 -14.752 1.00 59.08  ? 2   HIS B CE1 1 
ATOM   721  N  NE2 . HIS B 1 2  ? 13.970  -18.001 -15.579 1.00 59.47  ? 2   HIS B NE2 1 
ATOM   722  N  N   . LYS B 1 3  ? 14.355  -16.005 -9.172  1.00 38.76  ? 3   LYS B N   1 
ATOM   723  C  CA  . LYS B 1 3  ? 14.754  -15.297 -7.958  1.00 37.37  ? 3   LYS B CA  1 
ATOM   724  C  C   . LYS B 1 3  ? 15.816  -14.234 -8.216  1.00 36.93  ? 3   LYS B C   1 
ATOM   725  O  O   . LYS B 1 3  ? 15.715  -13.120 -7.698  1.00 35.90  ? 3   LYS B O   1 
ATOM   726  C  CB  . LYS B 1 3  ? 15.250  -16.271 -6.883  1.00 39.26  ? 3   LYS B CB  1 
ATOM   727  C  CG  . LYS B 1 3  ? 15.503  -15.578 -5.545  1.00 39.96  ? 3   LYS B CG  1 
ATOM   728  C  CD  . LYS B 1 3  ? 15.709  -16.560 -4.400  1.00 39.93  ? 3   LYS B CD  1 
ATOM   729  C  CE  . LYS B 1 3  ? 15.864  -15.810 -3.083  1.00 39.28  ? 3   LYS B CE  1 
ATOM   730  N  NZ  . LYS B 1 3  ? 15.968  -16.719 -1.911  1.00 39.26  ? 3   LYS B NZ  1 
ATOM   731  N  N   . ASP B 1 4  ? 16.839  -14.564 -9.000  1.00 36.84  ? 4   ASP B N   1 
ATOM   732  C  CA  . ASP B 1 4  ? 17.876  -13.564 -9.297  1.00 39.71  ? 4   ASP B CA  1 
ATOM   733  C  C   . ASP B 1 4  ? 17.290  -12.331 -9.995  1.00 37.98  ? 4   ASP B C   1 
ATOM   734  O  O   . ASP B 1 4  ? 17.754  -11.211 -9.745  1.00 36.32  ? 4   ASP B O   1 
ATOM   735  C  CB  . ASP B 1 4  ? 18.939  -14.206 -10.164 1.00 46.40  ? 4   ASP B CB  1 
ATOM   736  C  CG  . ASP B 1 4  ? 19.901  -15.074 -9.357  1.00 54.08  ? 4   ASP B CG  1 
ATOM   737  O  OD1 . ASP B 1 4  ? 19.651  -15.364 -8.169  1.00 58.58  ? 4   ASP B OD1 1 
ATOM   738  O  OD2 . ASP B 1 4  ? 20.921  -15.481 -9.927  1.00 58.44  ? 4   ASP B OD2 1 
ATOM   739  N  N   . GLU B 1 5  ? 16.337  -12.523 -10.912 1.00 34.37  ? 5   GLU B N   1 
ATOM   740  C  CA  . GLU B 1 5  ? 15.689  -11.381 -11.581 1.00 31.43  ? 5   GLU B CA  1 
ATOM   741  C  C   . GLU B 1 5  ? 14.907  -10.601 -10.512 1.00 28.97  ? 5   GLU B C   1 
ATOM   742  O  O   . GLU B 1 5  ? 14.954  -9.375  -10.493 1.00 28.31  ? 5   GLU B O   1 
ATOM   743  C  CB  . GLU B 1 5  ? 14.702  -11.852 -12.652 1.00 32.58  ? 5   GLU B CB  1 
ATOM   744  C  CG  . GLU B 1 5  ? 15.396  -12.585 -13.788 1.00 33.18  ? 5   GLU B CG  1 
ATOM   745  C  CD  . GLU B 1 5  ? 14.449  -13.252 -14.762 1.00 35.25  ? 5   GLU B CD  1 
ATOM   746  O  OE1 . GLU B 1 5  ? 13.386  -13.785 -14.359 1.00 35.08  ? 5   GLU B OE1 1 
ATOM   747  O  OE2 . GLU B 1 5  ? 14.773  -13.289 -15.966 1.00 36.80  ? 5   GLU B OE2 1 
ATOM   748  N  N   . LEU B 1 6  ? 14.179  -11.274 -9.623  1.00 26.63  ? 6   LEU B N   1 
ATOM   749  C  CA  . LEU B 1 6  ? 13.424  -10.533 -8.620  1.00 25.77  ? 6   LEU B CA  1 
ATOM   750  C  C   . LEU B 1 6  ? 14.338  -9.772  -7.645  1.00 24.72  ? 6   LEU B C   1 
ATOM   751  O  O   . LEU B 1 6  ? 14.012  -8.637  -7.285  1.00 23.06  ? 6   LEU B O   1 
ATOM   752  C  CB  . LEU B 1 6  ? 12.532  -11.519 -7.897  1.00 27.58  ? 6   LEU B CB  1 
ATOM   753  C  CG  . LEU B 1 6  ? 11.595  -11.088 -6.773  1.00 27.35  ? 6   LEU B CG  1 
ATOM   754  C  CD1 . LEU B 1 6  ? 10.380  -10.321 -7.246  1.00 29.16  ? 6   LEU B CD1 1 
ATOM   755  C  CD2 . LEU B 1 6  ? 11.151  -12.365 -6.157  1.00 28.14  ? 6   LEU B CD2 1 
ATOM   756  N  N   . LEU B 1 7  ? 15.449  -10.361 -7.202  1.00 22.96  ? 7   LEU B N   1 
ATOM   757  C  CA  . LEU B 1 7  ? 16.333  -9.613  -6.293  1.00 25.15  ? 7   LEU B CA  1 
ATOM   758  C  C   . LEU B 1 7  ? 16.838  -8.384  -7.043  1.00 25.32  ? 7   LEU B C   1 
ATOM   759  O  O   . LEU B 1 7  ? 16.957  -7.309  -6.435  1.00 22.65  ? 7   LEU B O   1 
ATOM   760  C  CB  . LEU B 1 7  ? 17.518  -10.476 -5.838  1.00 25.87  ? 7   LEU B CB  1 
ATOM   761  C  CG  . LEU B 1 7  ? 17.106  -11.682 -4.963  1.00 28.52  ? 7   LEU B CG  1 
ATOM   762  C  CD1 . LEU B 1 7  ? 18.284  -12.513 -4.734  1.00 28.52  ? 7   LEU B CD1 1 
ATOM   763  C  CD2 . LEU B 1 7  ? 16.558  -11.261 -3.651  1.00 27.82  ? 7   LEU B CD2 1 
ATOM   764  N  N   . GLU B 1 8  ? 17.123  -8.520  -8.342  1.00 26.40  ? 8   GLU B N   1 
ATOM   765  C  CA  . GLU B 1 8  ? 17.595  -7.375  -9.121  1.00 29.21  ? 8   GLU B CA  1 
ATOM   766  C  C   . GLU B 1 8  ? 16.505  -6.311  -9.233  1.00 27.11  ? 8   GLU B C   1 
ATOM   767  O  O   . GLU B 1 8  ? 16.822  -5.129  -9.172  1.00 25.96  ? 8   GLU B O   1 
ATOM   768  C  CB  . GLU B 1 8  ? 18.044  -7.822  -10.508 1.00 35.37  ? 8   GLU B CB  1 
ATOM   769  C  CG  . GLU B 1 8  ? 19.336  -8.630  -10.447 1.00 48.59  ? 8   GLU B CG  1 
ATOM   770  C  CD  . GLU B 1 8  ? 19.846  -9.006  -11.818 1.00 55.64  ? 8   GLU B CD  1 
ATOM   771  O  OE1 . GLU B 1 8  ? 19.023  -9.345  -12.697 1.00 60.48  ? 8   GLU B OE1 1 
ATOM   772  O  OE2 . GLU B 1 8  ? 21.080  -8.984  -12.013 1.00 60.16  ? 8   GLU B OE2 1 
ATOM   773  N  N   . LEU B 1 9  ? 15.244  -6.705  -9.399  1.00 23.90  ? 9   LEU B N   1 
ATOM   774  C  CA  . LEU B 1 9  ? 14.161  -5.730  -9.479  1.00 21.79  ? 9   LEU B CA  1 
ATOM   775  C  C   . LEU B 1 9  ? 14.059  -5.022  -8.126  1.00 18.91  ? 9   LEU B C   1 
ATOM   776  O  O   . LEU B 1 9  ? 13.879  -3.799  -8.084  1.00 18.21  ? 9   LEU B O   1 
ATOM   777  C  CB  . LEU B 1 9  ? 12.879  -6.474  -9.782  1.00 21.29  ? 9   LEU B CB  1 
ATOM   778  C  CG  . LEU B 1 9  ? 11.629  -5.646  -9.977  1.00 25.28  ? 9   LEU B CG  1 
ATOM   779  C  CD1 . LEU B 1 9  ? 11.832  -4.695  -11.084 1.00 23.46  ? 9   LEU B CD1 1 
ATOM   780  C  CD2 . LEU B 1 9  ? 10.506  -6.542  -10.306 1.00 25.79  ? 9   LEU B CD2 1 
ATOM   781  N  N   . HIS B 1 10 ? 14.152  -5.765  -7.027  1.00 16.69  ? 10  HIS B N   1 
ATOM   782  C  CA  . HIS B 1 10 ? 14.077  -5.153  -5.710  1.00 18.29  ? 10  HIS B CA  1 
ATOM   783  C  C   . HIS B 1 10 ? 15.270  -4.168  -5.544  1.00 19.50  ? 10  HIS B C   1 
ATOM   784  O  O   . HIS B 1 10 ? 15.071  -3.048  -5.062  1.00 15.97  ? 10  HIS B O   1 
ATOM   785  C  CB  . HIS B 1 10 ? 14.074  -6.249  -4.658  1.00 17.29  ? 10  HIS B CB  1 
ATOM   786  C  CG  . HIS B 1 10 ? 13.849  -5.764  -3.257  1.00 18.12  ? 10  HIS B CG  1 
ATOM   787  N  ND1 . HIS B 1 10 ? 13.847  -6.609  -2.172  1.00 19.63  ? 10  HIS B ND1 1 
ATOM   788  C  CD2 . HIS B 1 10 ? 13.653  -4.521  -2.765  1.00 17.45  ? 10  HIS B CD2 1 
ATOM   789  C  CE1 . HIS B 1 10 ? 13.668  -5.907  -1.076  1.00 16.89  ? 10  HIS B CE1 1 
ATOM   790  N  NE2 . HIS B 1 10 ? 13.546  -4.639  -1.406  1.00 18.36  ? 10  HIS B NE2 1 
ATOM   791  N  N   . GLU B 1 11 ? 16.472  -4.533  -5.983  1.00 22.50  ? 11  GLU B N   1 
ATOM   792  C  CA  . GLU B 1 11 ? 17.608  -3.612  -5.847  1.00 27.34  ? 11  GLU B CA  1 
ATOM   793  C  C   . GLU B 1 11 ? 17.346  -2.316  -6.605  1.00 24.77  ? 11  GLU B C   1 
ATOM   794  O  O   . GLU B 1 11 ? 17.633  -1.233  -6.086  1.00 22.32  ? 11  GLU B O   1 
ATOM   795  C  CB  . GLU B 1 11 ? 18.882  -4.266  -6.402  1.00 32.50  ? 11  GLU B CB  1 
ATOM   796  C  CG  . GLU B 1 11 ? 20.148  -3.403  -6.304  1.00 47.81  ? 11  GLU B CG  1 
ATOM   797  C  CD  . GLU B 1 11 ? 20.853  -3.494  -4.953  1.00 56.56  ? 11  GLU B CD  1 
ATOM   798  O  OE1 . GLU B 1 11 ? 20.219  -3.912  -3.962  1.00 60.93  ? 11  GLU B OE1 1 
ATOM   799  O  OE2 . GLU B 1 11 ? 22.046  -3.132  -4.871  1.00 61.70  ? 11  GLU B OE2 1 
ATOM   800  N  N   . GLN B 1 12 ? 16.778  -2.405  -7.808  1.00 22.74  ? 12  GLN B N   1 
ATOM   801  C  CA  . GLN B 1 12 ? 16.561  -1.200  -8.579  1.00 22.31  ? 12  GLN B CA  1 
ATOM   802  C  C   . GLN B 1 12 ? 15.436  -0.364  -8.004  1.00 22.77  ? 12  GLN B C   1 
ATOM   803  O  O   . GLN B 1 12 ? 15.519  0.869   -8.055  1.00 21.86  ? 12  GLN B O   1 
ATOM   804  C  CB  . GLN B 1 12 ? 16.314  -1.575  -10.042 1.00 24.65  ? 12  GLN B CB  1 
ATOM   805  C  CG  . GLN B 1 12 ? 17.574  -2.021  -10.814 1.00 24.94  ? 12  GLN B CG  1 
ATOM   806  C  CD  . GLN B 1 12 ? 18.785  -1.099  -10.665 1.00 25.22  ? 12  GLN B CD  1 
ATOM   807  O  OE1 . GLN B 1 12 ? 19.904  -1.589  -10.559 1.00 28.30  ? 12  GLN B OE1 1 
ATOM   808  N  NE2 . GLN B 1 12 ? 18.570  0.208   -10.687 1.00 25.18  ? 12  GLN B NE2 1 
HETATM 809  N  N   . MSE B 1 13 ? 14.400  -0.995  -7.460  1.00 21.06  ? 13  MSE B N   1 
HETATM 810  C  CA  . MSE B 1 13 ? 13.319  -0.213  -6.862  1.00 20.93  ? 13  MSE B CA  1 
HETATM 811  C  C   . MSE B 1 13 ? 13.856  0.490   -5.627  1.00 20.85  ? 13  MSE B C   1 
HETATM 812  O  O   . MSE B 1 13 ? 13.344  1.570   -5.281  1.00 18.69  ? 13  MSE B O   1 
HETATM 813  C  CB  . MSE B 1 13 ? 12.155  -1.118  -6.508  1.00 22.67  ? 13  MSE B CB  1 
HETATM 814  C  CG  . MSE B 1 13 ? 11.417  -1.484  -7.794  1.00 25.03  ? 13  MSE B CG  1 
HETATM 815  SE SE  . MSE B 1 13 ? 10.520  0.167   -8.575  1.00 37.82  ? 13  MSE B SE  1 
HETATM 816  C  CE  . MSE B 1 13 ? 9.320   0.787   -7.030  1.00 28.54  ? 13  MSE B CE  1 
ATOM   817  N  N   . VAL B 1 14 ? 14.868  -0.076  -4.958  1.00 20.17  ? 14  VAL B N   1 
ATOM   818  C  CA  . VAL B 1 14 ? 15.419  0.621   -3.803  1.00 20.49  ? 14  VAL B CA  1 
ATOM   819  C  C   . VAL B 1 14 ? 16.219  1.800   -4.376  1.00 21.53  ? 14  VAL B C   1 
ATOM   820  O  O   . VAL B 1 14 ? 16.257  2.871   -3.750  1.00 20.27  ? 14  VAL B O   1 
ATOM   821  C  CB  . VAL B 1 14 ? 16.251  -0.325  -2.943  1.00 20.07  ? 14  VAL B CB  1 
ATOM   822  C  CG1 . VAL B 1 14 ? 17.124  0.464   -2.045  1.00 18.31  ? 14  VAL B CG1 1 
ATOM   823  C  CG2 . VAL B 1 14 ? 15.294  -1.150  -2.096  1.00 16.68  ? 14  VAL B CG2 1 
ATOM   824  N  N   . ASN B 1 15 ? 16.831  1.637   -5.554  1.00 22.17  ? 15  ASN B N   1 
ATOM   825  C  CA  . ASN B 1 15 ? 17.510  2.792   -6.153  1.00 26.42  ? 15  ASN B CA  1 
ATOM   826  C  C   . ASN B 1 15 ? 16.458  3.891   -6.395  1.00 25.98  ? 15  ASN B C   1 
ATOM   827  O  O   . ASN B 1 15 ? 16.734  5.041   -6.092  1.00 26.83  ? 15  ASN B O   1 
ATOM   828  C  CB  . ASN B 1 15 ? 18.199  2.395   -7.448  1.00 27.61  ? 15  ASN B CB  1 
ATOM   829  C  CG  . ASN B 1 15 ? 19.482  1.628   -7.191  1.00 30.36  ? 15  ASN B CG  1 
ATOM   830  O  OD1 . ASN B 1 15 ? 20.053  1.024   -8.079  1.00 33.76  ? 15  ASN B OD1 1 
ATOM   831  N  ND2 . ASN B 1 15 ? 19.937  1.664   -5.934  1.00 27.80  ? 15  ASN B ND2 1 
ATOM   832  N  N   . ILE B 1 16 ? 15.257  3.552   -6.901  1.00 25.91  ? 16  ILE B N   1 
ATOM   833  C  CA  . ILE B 1 16 ? 14.178  4.520   -7.152  1.00 24.52  ? 16  ILE B CA  1 
ATOM   834  C  C   . ILE B 1 16 ? 13.837  5.211   -5.809  1.00 26.36  ? 16  ILE B C   1 
ATOM   835  O  O   . ILE B 1 16 ? 13.762  6.444   -5.734  1.00 25.61  ? 16  ILE B O   1 
ATOM   836  C  CB  . ILE B 1 16 ? 12.949  3.744   -7.710  1.00 24.62  ? 16  ILE B CB  1 
ATOM   837  C  CG1 . ILE B 1 16 ? 13.228  3.189   -9.104  1.00 24.24  ? 16  ILE B CG1 1 
ATOM   838  C  CG2 . ILE B 1 16 ? 11.801  4.615   -7.815  1.00 23.46  ? 16  ILE B CG2 1 
ATOM   839  C  CD1 . ILE B 1 16 ? 13.647  4.155   -10.021 1.00 25.98  ? 16  ILE B CD1 1 
ATOM   840  N  N   . LYS B 1 17 ? 13.613  4.435   -4.759  1.00 25.37  ? 17  LYS B N   1 
ATOM   841  C  CA  . LYS B 1 17 ? 13.316  5.013   -3.461  1.00 24.85  ? 17  LYS B CA  1 
ATOM   842  C  C   . LYS B 1 17 ? 14.335  6.039   -3.022  1.00 23.79  ? 17  LYS B C   1 
ATOM   843  O  O   . LYS B 1 17 ? 13.958  7.121   -2.586  1.00 23.22  ? 17  LYS B O   1 
ATOM   844  C  CB  . LYS B 1 17 ? 13.322  3.931   -2.431  1.00 27.36  ? 17  LYS B CB  1 
ATOM   845  C  CG  . LYS B 1 17 ? 13.077  4.497   -1.101  1.00 29.21  ? 17  LYS B CG  1 
ATOM   846  C  CD  . LYS B 1 17 ? 12.376  3.490   -0.326  1.00 31.91  ? 17  LYS B CD  1 
ATOM   847  C  CE  . LYS B 1 17 ? 13.370  2.590   0.244   1.00 32.75  ? 17  LYS B CE  1 
ATOM   848  N  NZ  . LYS B 1 17 ? 14.147  3.342   1.235   1.00 36.51  ? 17  LYS B NZ  1 
ATOM   849  N  N   . ASP B 1 18 ? 15.620  5.691   -3.107  1.00 24.45  ? 18  ASP B N   1 
ATOM   850  C  CA  . ASP B 1 18 ? 16.646  6.612   -2.661  1.00 24.92  ? 18  ASP B CA  1 
ATOM   851  C  C   . ASP B 1 18 ? 16.679  7.856   -3.512  1.00 27.08  ? 18  ASP B C   1 
ATOM   852  O  O   . ASP B 1 18 ? 16.904  8.942   -2.971  1.00 25.19  ? 18  ASP B O   1 
ATOM   853  C  CB  . ASP B 1 18 ? 17.957  5.855   -2.571  1.00 26.85  ? 18  ASP B CB  1 
ATOM   854  C  CG  . ASP B 1 18 ? 17.930  4.841   -1.415  1.00 28.75  ? 18  ASP B CG  1 
ATOM   855  O  OD1 . ASP B 1 18 ? 17.051  4.931   -0.525  1.00 30.20  ? 18  ASP B OD1 1 
ATOM   856  O  OD2 . ASP B 1 18 ? 18.779  3.945   -1.346  1.00 32.54  ? 18  ASP B OD2 1 
ATOM   857  N  N   . GLN B 1 19 ? 16.443  7.713   -4.822  1.00 28.01  ? 19  GLN B N   1 
ATOM   858  C  CA  . GLN B 1 19 ? 16.359  8.836   -5.762  1.00 28.56  ? 19  GLN B CA  1 
ATOM   859  C  C   . GLN B 1 19 ? 15.180  9.768   -5.324  1.00 28.92  ? 19  GLN B C   1 
ATOM   860  O  O   . GLN B 1 19 ? 15.386  10.965  -5.169  1.00 29.16  ? 19  GLN B O   1 
ATOM   861  C  CB  . GLN B 1 19 ? 16.075  8.282   -7.163  1.00 29.90  ? 19  GLN B CB  1 
ATOM   862  C  CG  . GLN B 1 19 ? 16.046  9.343   -8.256  1.00 33.32  ? 19  GLN B CG  1 
ATOM   863  C  CD  . GLN B 1 19 ? 15.678  8.807   -9.642  1.00 35.10  ? 19  GLN B CD  1 
ATOM   864  O  OE1 . GLN B 1 19 ? 15.228  7.670   -9.796  1.00 33.34  ? 19  GLN B OE1 1 
ATOM   865  N  NE2 . GLN B 1 19 ? 15.857  9.648   -10.644 1.00 33.41  ? 19  GLN B NE2 1 
ATOM   866  N  N   . PHE B 1 20 ? 13.961  9.228   -5.150  1.00 29.31  ? 20  PHE B N   1 
ATOM   867  C  CA  . PHE B 1 20 ? 12.789  10.005  -4.731  1.00 30.23  ? 20  PHE B CA  1 
ATOM   868  C  C   . PHE B 1 20 ? 13.063  10.751  -3.428  1.00 31.91  ? 20  PHE B C   1 
ATOM   869  O  O   . PHE B 1 20 ? 12.787  11.947  -3.352  1.00 31.73  ? 20  PHE B O   1 
ATOM   870  C  CB  . PHE B 1 20 ? 11.617  9.049   -4.530  1.00 30.43  ? 20  PHE B CB  1 
ATOM   871  C  CG  . PHE B 1 20 ? 10.399  9.674   -3.922  1.00 32.16  ? 20  PHE B CG  1 
ATOM   872  C  CD1 . PHE B 1 20 ? 9.437   10.277  -4.713  1.00 31.25  ? 20  PHE B CD1 1 
ATOM   873  C  CD2 . PHE B 1 20 ? 10.193  9.627   -2.556  1.00 32.96  ? 20  PHE B CD2 1 
ATOM   874  C  CE1 . PHE B 1 20 ? 8.294   10.804  -4.144  1.00 29.96  ? 20  PHE B CE1 1 
ATOM   875  C  CE2 . PHE B 1 20 ? 9.049   10.157  -2.000  1.00 32.84  ? 20  PHE B CE2 1 
ATOM   876  C  CZ  . PHE B 1 20 ? 8.107   10.745  -2.795  1.00 32.61  ? 20  PHE B CZ  1 
ATOM   877  N  N   . LEU B 1 21 ? 13.576  10.043  -2.413  1.00 31.65  ? 21  LEU B N   1 
ATOM   878  C  CA  . LEU B 1 21 ? 13.868  10.660  -1.119  1.00 33.47  ? 21  LEU B CA  1 
ATOM   879  C  C   . LEU B 1 21 ? 14.882  11.771  -1.247  1.00 34.92  ? 21  LEU B C   1 
ATOM   880  O  O   . LEU B 1 21 ? 15.025  12.586  -0.336  1.00 36.58  ? 21  LEU B O   1 
ATOM   881  C  CB  . LEU B 1 21 ? 14.380  9.619   -0.138  1.00 32.34  ? 21  LEU B CB  1 
ATOM   882  C  CG  . LEU B 1 21 ? 13.356  8.579   0.292   1.00 30.00  ? 21  LEU B CG  1 
ATOM   883  C  CD1 . LEU B 1 21 ? 14.082  7.686   1.208   1.00 27.51  ? 21  LEU B CD1 1 
ATOM   884  C  CD2 . LEU B 1 21 ? 12.159  9.182   0.980   1.00 29.16  ? 21  LEU B CD2 1 
ATOM   885  N  N   . GLY B 1 22 ? 15.608  11.796  -2.368  1.00 36.56  ? 22  GLY B N   1 
ATOM   886  C  CA  . GLY B 1 22 ? 16.573  12.860  -2.580  1.00 35.84  ? 22  GLY B CA  1 
ATOM   887  C  C   . GLY B 1 22 ? 15.929  14.074  -3.248  1.00 36.02  ? 22  GLY B C   1 
ATOM   888  O  O   . GLY B 1 22 ? 16.603  15.080  -3.478  1.00 37.00  ? 22  GLY B O   1 
ATOM   889  N  N   . PHE B 1 23 ? 14.638  14.026  -3.538  1.00 34.19  ? 23  PHE B N   1 
ATOM   890  C  CA  . PHE B 1 23 ? 14.009  15.156  -4.195  1.00 35.79  ? 23  PHE B CA  1 
ATOM   891  C  C   . PHE B 1 23 ? 13.537  16.264  -3.253  1.00 39.25  ? 23  PHE B C   1 
ATOM   892  O  O   . PHE B 1 23 ? 13.420  16.083  -2.031  1.00 38.55  ? 23  PHE B O   1 
ATOM   893  C  CB  . PHE B 1 23 ? 12.862  14.685  -5.088  1.00 33.16  ? 23  PHE B CB  1 
ATOM   894  C  CG  . PHE B 1 23 ? 13.306  13.824  -6.251  1.00 32.22  ? 23  PHE B CG  1 
ATOM   895  C  CD1 . PHE B 1 23 ? 14.628  13.852  -6.703  1.00 33.13  ? 23  PHE B CD1 1 
ATOM   896  C  CD2 . PHE B 1 23 ? 12.393  13.005  -6.918  1.00 31.87  ? 23  PHE B CD2 1 
ATOM   897  C  CE1 . PHE B 1 23 ? 15.030  13.068  -7.810  1.00 33.33  ? 23  PHE B CE1 1 
ATOM   898  C  CE2 . PHE B 1 23 ? 12.776  12.228  -8.014  1.00 32.00  ? 23  PHE B CE2 1 
ATOM   899  C  CZ  . PHE B 1 23 ? 14.096  12.256  -8.463  1.00 30.83  ? 23  PHE B CZ  1 
ATOM   900  N  N   . ASP B 1 24 ? 13.285  17.424  -3.849  1.00 48.15  ? 24  ASP B N   1 
ATOM   901  C  CA  . ASP B 1 24 ? 12.849  18.601  -3.121  1.00 50.94  ? 24  ASP B CA  1 
ATOM   902  C  C   . ASP B 1 24 ? 11.434  18.465  -2.568  1.00 49.72  ? 24  ASP B C   1 
ATOM   903  O  O   . ASP B 1 24 ? 10.500  18.095  -3.288  1.00 49.94  ? 24  ASP B O   1 
ATOM   904  C  CB  . ASP B 1 24 ? 12.929  19.814  -4.044  1.00 55.12  ? 24  ASP B CB  1 
ATOM   905  C  CG  . ASP B 1 24 ? 12.955  21.114  -3.288  1.00 59.12  ? 24  ASP B CG  1 
ATOM   906  O  OD1 . ASP B 1 24 ? 13.926  21.334  -2.532  1.00 62.85  ? 24  ASP B OD1 1 
ATOM   907  O  OD2 . ASP B 1 24 ? 12.007  21.912  -3.450  1.00 62.26  ? 24  ASP B OD2 1 
ATOM   908  N  N   . HIS B 1 25 ? 11.281  18.789  -1.289  1.00 40.73  ? 25  HIS B N   1 
ATOM   909  C  CA  . HIS B 1 25 ? 9.991   18.707  -0.624  1.00 41.92  ? 25  HIS B CA  1 
ATOM   910  C  C   . HIS B 1 25 ? 9.172   17.472  -1.005  1.00 37.44  ? 25  HIS B C   1 
ATOM   911  O  O   . HIS B 1 25 ? 8.121   17.575  -1.629  1.00 34.96  ? 25  HIS B O   1 
ATOM   912  C  CB  . HIS B 1 25 ? 9.159   19.971  -0.893  1.00 60.27  ? 25  HIS B CB  1 
ATOM   913  C  CG  . HIS B 1 25 ? 9.812   21.239  -0.433  1.00 72.00  ? 25  HIS B CG  1 
ATOM   914  N  ND1 . HIS B 1 25 ? 10.577  22.026  -1.267  1.00 77.51  ? 25  HIS B ND1 1 
ATOM   915  C  CD2 . HIS B 1 25 ? 9.838   21.838  0.779   1.00 77.05  ? 25  HIS B CD2 1 
ATOM   916  C  CE1 . HIS B 1 25 ? 11.046  23.056  -0.587  1.00 80.96  ? 25  HIS B CE1 1 
ATOM   917  N  NE2 . HIS B 1 25 ? 10.613  22.966  0.658   1.00 80.81  ? 25  HIS B NE2 1 
ATOM   918  N  N   . VAL B 1 26 ? 9.658   16.305  -0.616  1.00 39.61  ? 26  VAL B N   1 
ATOM   919  C  CA  . VAL B 1 26 ? 8.959   15.061  -0.879  1.00 38.31  ? 26  VAL B CA  1 
ATOM   920  C  C   . VAL B 1 26 ? 8.518   14.516  0.473   1.00 39.20  ? 26  VAL B C   1 
ATOM   921  O  O   . VAL B 1 26 ? 9.015   14.965  1.503   1.00 39.11  ? 26  VAL B O   1 
ATOM   922  C  CB  . VAL B 1 26 ? 9.905   14.034  -1.564  1.00 36.60  ? 26  VAL B CB  1 
ATOM   923  C  CG1 . VAL B 1 26 ? 10.351  14.568  -2.914  1.00 33.04  ? 26  VAL B CG1 1 
ATOM   924  C  CG2 . VAL B 1 26 ? 11.114  13.772  -0.689  1.00 32.20  ? 26  VAL B CG2 1 
ATOM   925  N  N   . ASP B 1 27 ? 7.587   13.564  0.468   1.00 38.66  ? 27  ASP B N   1 
ATOM   926  C  CA  . ASP B 1 27 ? 7.116   12.951  1.698   1.00 37.79  ? 27  ASP B CA  1 
ATOM   927  C  C   . ASP B 1 27 ? 8.117   11.877  2.106   1.00 37.00  ? 27  ASP B C   1 
ATOM   928  O  O   . ASP B 1 27 ? 8.129   10.776  1.555   1.00 37.39  ? 27  ASP B O   1 
ATOM   929  C  CB  . ASP B 1 27 ? 5.736   12.307  1.507   1.00 37.80  ? 27  ASP B CB  1 
ATOM   930  C  CG  . ASP B 1 27 ? 5.306   11.510  2.725   1.00 36.60  ? 27  ASP B CG  1 
ATOM   931  O  OD1 . ASP B 1 27 ? 5.967   11.686  3.762   1.00 39.02  ? 27  ASP B OD1 1 
ATOM   932  O  OD2 . ASP B 1 27 ? 4.335   10.722  2.666   1.00 36.35  ? 27  ASP B OD2 1 
ATOM   933  N  N   . GLU B 1 28 ? 8.929   12.194  3.101   1.00 36.55  ? 28  GLU B N   1 
ATOM   934  C  CA  . GLU B 1 28 ? 9.950   11.294  3.577   1.00 35.94  ? 28  GLU B CA  1 
ATOM   935  C  C   . GLU B 1 28 ? 9.448   10.017  4.235   1.00 34.54  ? 28  GLU B C   1 
ATOM   936  O  O   . GLU B 1 28 ? 10.222  9.077   4.439   1.00 33.97  ? 28  GLU B O   1 
ATOM   937  C  CB  . GLU B 1 28 ? 10.881  12.079  4.502   1.00 39.58  ? 28  GLU B CB  1 
ATOM   938  C  CG  . GLU B 1 28 ? 10.279  12.546  5.826   1.00 42.92  ? 28  GLU B CG  1 
ATOM   939  C  CD  . GLU B 1 28 ? 9.381   13.766  5.703   1.00 45.17  ? 28  GLU B CD  1 
ATOM   940  O  OE1 . GLU B 1 28 ? 9.385   14.431  4.645   1.00 45.26  ? 28  GLU B OE1 1 
ATOM   941  O  OE2 . GLU B 1 28 ? 8.678   14.098  6.680   1.00 47.59  ? 28  GLU B OE2 1 
ATOM   942  N  N   . THR B 1 29 ? 8.147   9.941   4.486   1.00 32.99  ? 29  THR B N   1 
ATOM   943  C  CA  . THR B 1 29 ? 7.565   8.777   5.142   1.00 32.50  ? 29  THR B CA  1 
ATOM   944  C  C   . THR B 1 29 ? 6.821   7.896   4.146   1.00 31.22  ? 29  THR B C   1 
ATOM   945  O  O   . THR B 1 29 ? 6.168   6.919   4.545   1.00 29.38  ? 29  THR B O   1 
ATOM   946  C  CB  . THR B 1 29 ? 6.543   9.262   6.214   1.00 32.46  ? 29  THR B CB  1 
ATOM   947  O  OG1 . THR B 1 29 ? 5.437   9.906   5.564   1.00 35.83  ? 29  THR B OG1 1 
ATOM   948  C  CG2 . THR B 1 29 ? 7.142   10.331  7.066   1.00 36.14  ? 29  THR B CG2 1 
ATOM   949  N  N   . ALA B 1 30 ? 6.944   8.203   2.866   1.00 29.62  ? 30  ALA B N   1 
ATOM   950  C  CA  . ALA B 1 30 ? 6.198   7.477   1.861   1.00 28.61  ? 30  ALA B CA  1 
ATOM   951  C  C   . ALA B 1 30 ? 6.407   6.007   1.851   1.00 27.63  ? 30  ALA B C   1 
ATOM   952  O  O   . ALA B 1 30 ? 5.501   5.250   1.498   1.00 26.55  ? 30  ALA B O   1 
ATOM   953  C  CB  . ALA B 1 30 ? 6.517   8.032   0.525   1.00 29.34  ? 30  ALA B CB  1 
ATOM   954  N  N   . PHE B 1 31 ? 7.578   5.584   2.270   1.00 26.70  ? 31  PHE B N   1 
ATOM   955  C  CA  . PHE B 1 31 ? 7.847   4.165   2.216   1.00 27.30  ? 31  PHE B CA  1 
ATOM   956  C  C   . PHE B 1 31 ? 7.773   3.479   3.542   1.00 26.91  ? 31  PHE B C   1 
ATOM   957  O  O   . PHE B 1 31 ? 8.401   2.427   3.711   1.00 26.63  ? 31  PHE B O   1 
ATOM   958  C  CB  . PHE B 1 31 ? 9.212   3.974   1.583   1.00 27.74  ? 31  PHE B CB  1 
ATOM   959  C  CG  . PHE B 1 31 ? 9.237   4.398   0.172   1.00 29.15  ? 31  PHE B CG  1 
ATOM   960  C  CD1 . PHE B 1 31 ? 9.744   5.626   -0.196  1.00 30.84  ? 31  PHE B CD1 1 
ATOM   961  C  CD2 . PHE B 1 31 ? 8.710   3.579   -0.797  1.00 30.12  ? 31  PHE B CD2 1 
ATOM   962  C  CE1 . PHE B 1 31 ? 9.710   6.022   -1.491  1.00 29.86  ? 31  PHE B CE1 1 
ATOM   963  C  CE2 . PHE B 1 31 ? 8.682   3.988   -2.087  1.00 30.31  ? 31  PHE B CE2 1 
ATOM   964  C  CZ  . PHE B 1 31 ? 9.186   5.204   -2.432  1.00 28.78  ? 31  PHE B CZ  1 
ATOM   965  N  N   . ALA B 1 32 ? 6.979   3.979   4.457   1.00 27.72  ? 32  ALA B N   1 
ATOM   966  C  CA  . ALA B 1 32 ? 6.995   3.331   5.743   1.00 30.22  ? 32  ALA B CA  1 
ATOM   967  C  C   . ALA B 1 32 ? 6.452   1.942   5.815   1.00 30.46  ? 32  ALA B C   1 
ATOM   968  O  O   . ALA B 1 32 ? 6.847   1.200   6.708   1.00 31.31  ? 32  ALA B O   1 
ATOM   969  C  CB  . ALA B 1 32 ? 6.346   4.180   6.734   1.00 32.33  ? 32  ALA B CB  1 
ATOM   970  N  N   . ALA B 1 33 ? 5.581   1.553   4.903   1.00 29.87  ? 33  ALA B N   1 
ATOM   971  C  CA  . ALA B 1 33 ? 5.114   0.189   4.991   1.00 30.45  ? 33  ALA B CA  1 
ATOM   972  C  C   . ALA B 1 33 ? 6.200   -0.742  4.489   1.00 27.96  ? 33  ALA B C   1 
ATOM   973  O  O   . ALA B 1 33 ? 6.286   -1.872  4.970   1.00 25.85  ? 33  ALA B O   1 
ATOM   974  C  CB  . ALA B 1 33 ? 3.934   0.024   4.196   1.00 31.64  ? 33  ALA B CB  1 
ATOM   975  N  N   . TYR B 1 34 ? 6.997   -0.313  3.513   1.00 25.44  ? 34  TYR B N   1 
ATOM   976  C  CA  . TYR B 1 34 ? 8.063   -1.178  3.045   1.00 25.24  ? 34  TYR B CA  1 
ATOM   977  C  C   . TYR B 1 34 ? 9.046   -1.358  4.201   1.00 24.84  ? 34  TYR B C   1 
ATOM   978  O  O   . TYR B 1 34 ? 9.487   -2.478  4.409   1.00 26.79  ? 34  TYR B O   1 
ATOM   979  C  CB  . TYR B 1 34 ? 8.761   -0.550  1.848   1.00 24.28  ? 34  TYR B CB  1 
ATOM   980  C  CG  . TYR B 1 34 ? 10.103  -1.125  1.547   1.00 25.65  ? 34  TYR B CG  1 
ATOM   981  C  CD1 . TYR B 1 34 ? 10.223  -2.304  0.839   1.00 22.36  ? 34  TYR B CD1 1 
ATOM   982  C  CD2 . TYR B 1 34 ? 11.260  -0.447  1.914   1.00 24.72  ? 34  TYR B CD2 1 
ATOM   983  C  CE1 . TYR B 1 34 ? 11.426  -2.783  0.509   1.00 24.74  ? 34  TYR B CE1 1 
ATOM   984  C  CE2 . TYR B 1 34 ? 12.481  -0.937  1.589   1.00 25.01  ? 34  TYR B CE2 1 
ATOM   985  C  CZ  . TYR B 1 34 ? 12.542  -2.105  0.884   1.00 25.33  ? 34  TYR B CZ  1 
ATOM   986  O  OH  . TYR B 1 34 ? 13.736  -2.652  0.535   1.00 25.24  ? 34  TYR B OH  1 
ATOM   987  N  N   . GLU B 1 35 ? 9.381   -0.308  4.958   1.00 25.94  ? 35  GLU B N   1 
ATOM   988  C  CA  . GLU B 1 35 ? 10.336  -0.499  6.063   1.00 28.89  ? 35  GLU B CA  1 
ATOM   989  C  C   . GLU B 1 35 ? 9.782   -1.430  7.121   1.00 28.81  ? 35  GLU B C   1 
ATOM   990  O  O   . GLU B 1 35 ? 10.551  -2.108  7.785   1.00 27.92  ? 35  GLU B O   1 
ATOM   991  C  CB  . GLU B 1 35 ? 10.714  0.826   6.714   1.00 29.32  ? 35  GLU B CB  1 
ATOM   992  C  CG  . GLU B 1 35 ? 11.234  1.835   5.734   1.00 35.92  ? 35  GLU B CG  1 
ATOM   993  C  CD  . GLU B 1 35 ? 12.685  1.649   5.374   1.00 40.01  ? 35  GLU B CD  1 
ATOM   994  O  OE1 . GLU B 1 35 ? 13.564  1.990   6.193   1.00 42.06  ? 35  GLU B OE1 1 
ATOM   995  O  OE2 . GLU B 1 35 ? 12.980  1.163   4.258   1.00 39.74  ? 35  GLU B OE2 1 
ATOM   996  N  N   . GLU B 1 36 ? 8.470   -1.457  7.314   1.00 31.22  ? 36  GLU B N   1 
ATOM   997  C  CA  . GLU B 1 36 ? 7.910   -2.380  8.289   1.00 33.71  ? 36  GLU B CA  1 
ATOM   998  C  C   . GLU B 1 36 ? 8.167   -3.820  7.873   1.00 29.25  ? 36  GLU B C   1 
ATOM   999  O  O   . GLU B 1 36 ? 8.348   -4.676  8.728   1.00 27.17  ? 36  GLU B O   1 
ATOM   1000 C  CB  . GLU B 1 36 ? 6.424   -2.168  8.395   1.00 40.83  ? 36  GLU B CB  1 
ATOM   1001 C  CG  . GLU B 1 36 ? 6.106   -1.097  9.368   1.00 58.30  ? 36  GLU B CG  1 
ATOM   1002 C  CD  . GLU B 1 36 ? 4.639   -0.851  9.455   1.00 66.97  ? 36  GLU B CD  1 
ATOM   1003 O  OE1 . GLU B 1 36 ? 3.839   -1.770  9.164   1.00 72.40  ? 36  GLU B OE1 1 
ATOM   1004 O  OE2 . GLU B 1 36 ? 4.265   0.270   9.842   1.00 72.64  ? 36  GLU B OE2 1 
ATOM   1005 N  N   . LEU B 1 37 ? 8.177   -4.104  6.583   1.00 24.94  ? 37  LEU B N   1 
ATOM   1006 C  CA  . LEU B 1 37 ? 8.402   -5.465  6.145   1.00 26.03  ? 37  LEU B CA  1 
ATOM   1007 C  C   . LEU B 1 37 ? 9.816   -5.967  6.482   1.00 25.64  ? 37  LEU B C   1 
ATOM   1008 O  O   . LEU B 1 37 ? 10.006  -7.150  6.754   1.00 25.09  ? 37  LEU B O   1 
ATOM   1009 C  CB  . LEU B 1 37 ? 8.178   -5.504  4.636   1.00 25.64  ? 37  LEU B CB  1 
ATOM   1010 C  CG  . LEU B 1 37 ? 8.524   -6.831  3.943   1.00 24.83  ? 37  LEU B CG  1 
ATOM   1011 C  CD1 . LEU B 1 37 ? 7.671   -7.889  4.479   1.00 24.55  ? 37  LEU B CD1 1 
ATOM   1012 C  CD2 . LEU B 1 37 ? 8.307   -6.732  2.500   1.00 24.38  ? 37  LEU B CD2 1 
ATOM   1013 N  N   . ASP B 1 38 ? 10.780  -5.053  6.504   1.00 24.81  ? 38  ASP B N   1 
ATOM   1014 C  CA  . ASP B 1 38 ? 12.175  -5.391  6.720   1.00 23.35  ? 38  ASP B CA  1 
ATOM   1015 C  C   . ASP B 1 38 ? 12.669  -6.464  5.790   1.00 23.43  ? 38  ASP B C   1 
ATOM   1016 O  O   . ASP B 1 38 ? 13.310  -7.426  6.234   1.00 23.26  ? 38  ASP B O   1 
ATOM   1017 C  CB  . ASP B 1 38 ? 12.536  -5.753  8.174   1.00 23.06  ? 38  ASP B CB  1 
ATOM   1018 C  CG  . ASP B 1 38 ? 14.062  -5.702  8.415   1.00 22.85  ? 38  ASP B CG  1 
ATOM   1019 O  OD1 . ASP B 1 38 ? 14.768  -4.919  7.759   1.00 20.03  ? 38  ASP B OD1 1 
ATOM   1020 O  OD2 . ASP B 1 38 ? 14.605  -6.414  9.281   1.00 18.68  ? 38  ASP B OD2 1 
ATOM   1021 N  N   . VAL B 1 39 ? 12.323  -6.357  4.513   1.00 23.60  ? 39  VAL B N   1 
ATOM   1022 C  CA  . VAL B 1 39 ? 12.877  -7.298  3.538   1.00 20.74  ? 39  VAL B CA  1 
ATOM   1023 C  C   . VAL B 1 39 ? 13.660  -6.405  2.568   1.00 20.83  ? 39  VAL B C   1 
ATOM   1024 O  O   . VAL B 1 39 ? 13.086  -5.535  1.865   1.00 20.53  ? 39  VAL B O   1 
ATOM   1025 C  CB  . VAL B 1 39 ? 11.820  -8.089  2.828   1.00 22.50  ? 39  VAL B CB  1 
ATOM   1026 C  CG1 . VAL B 1 39 ? 12.442  -8.812  1.666   1.00 18.95  ? 39  VAL B CG1 1 
ATOM   1027 C  CG2 . VAL B 1 39 ? 11.237  -9.073  3.822   1.00 22.43  ? 39  VAL B CG2 1 
ATOM   1028 N  N   . GLU B 1 40 ? 14.959  -6.624  2.506   1.00 19.45  ? 40  GLU B N   1 
ATOM   1029 C  CA  . GLU B 1 40 ? 15.791  -5.768  1.689   1.00 19.53  ? 40  GLU B CA  1 
ATOM   1030 C  C   . GLU B 1 40 ? 16.546  -6.493  0.611   1.00 21.13  ? 40  GLU B C   1 
ATOM   1031 O  O   . GLU B 1 40 ? 16.711  -7.710  0.636   1.00 21.51  ? 40  GLU B O   1 
ATOM   1032 C  CB  . GLU B 1 40 ? 16.725  -4.993  2.620   1.00 19.19  ? 40  GLU B CB  1 
ATOM   1033 C  CG  . GLU B 1 40 ? 15.952  -4.318  3.757   1.00 18.42  ? 40  GLU B CG  1 
ATOM   1034 C  CD  . GLU B 1 40 ? 16.860  -3.575  4.675   1.00 20.92  ? 40  GLU B CD  1 
ATOM   1035 O  OE1 . GLU B 1 40 ? 18.032  -3.334  4.319   1.00 19.57  ? 40  GLU B OE1 1 
ATOM   1036 O  OE2 . GLU B 1 40 ? 16.423  -3.190  5.768   1.00 21.89  ? 40  GLU B OE2 1 
ATOM   1037 N  N   . PRO B 1 41 ? 17.014  -5.746  -0.360  1.00 21.50  ? 41  PRO B N   1 
ATOM   1038 C  CA  . PRO B 1 41 ? 17.744  -6.377  -1.439  1.00 23.45  ? 41  PRO B CA  1 
ATOM   1039 C  C   . PRO B 1 41 ? 18.876  -7.241  -1.033  1.00 25.48  ? 41  PRO B C   1 
ATOM   1040 O  O   . PRO B 1 41 ? 19.122  -8.232  -1.709  1.00 26.60  ? 41  PRO B O   1 
ATOM   1041 C  CB  . PRO B 1 41 ? 18.190  -5.208  -2.284  1.00 22.44  ? 41  PRO B CB  1 
ATOM   1042 C  CG  . PRO B 1 41 ? 17.215  -4.210  -1.981  1.00 22.24  ? 41  PRO B CG  1 
ATOM   1043 C  CD  . PRO B 1 41 ? 16.938  -4.295  -0.554  1.00 20.58  ? 41  PRO B CD  1 
ATOM   1044 N  N   . SER B 1 42 ? 19.555  -6.902  0.046   1.00 25.98  ? 42  SER B N   1 
ATOM   1045 C  CA  . SER B 1 42 ? 20.693  -7.710  0.442   1.00 27.06  ? 42  SER B CA  1 
ATOM   1046 C  C   . SER B 1 42 ? 20.277  -9.009  1.125   1.00 27.43  ? 42  SER B C   1 
ATOM   1047 O  O   . SER B 1 42 ? 21.130  -9.889  1.326   1.00 27.10  ? 42  SER B O   1 
ATOM   1048 C  CB  . SER B 1 42 ? 21.623  -6.889  1.341   1.00 25.27  ? 42  SER B CB  1 
ATOM   1049 O  OG  . SER B 1 42 ? 21.022  -6.653  2.616   1.00 27.28  ? 42  SER B OG  1 
ATOM   1050 N  N   . HIS B 1 43 ? 18.994  -9.172  1.443   1.00 27.24  ? 43  HIS B N   1 
ATOM   1051 C  CA  . HIS B 1 43 ? 18.529  -10.413 2.108   1.00 28.09  ? 43  HIS B CA  1 
ATOM   1052 C  C   . HIS B 1 43 ? 18.283  -11.497 1.065   1.00 29.27  ? 43  HIS B C   1 
ATOM   1053 O  O   . HIS B 1 43 ? 17.148  -11.973 0.879   1.00 25.82  ? 43  HIS B O   1 
ATOM   1054 C  CB  . HIS B 1 43 ? 17.244  -10.132 2.895   1.00 25.89  ? 43  HIS B CB  1 
ATOM   1055 C  CG  . HIS B 1 43 ? 17.385  -9.023  3.914   1.00 25.73  ? 43  HIS B CG  1 
ATOM   1056 N  ND1 . HIS B 1 43 ? 16.316  -8.516  4.617   1.00 24.10  ? 43  HIS B ND1 1 
ATOM   1057 C  CD2 . HIS B 1 43 ? 18.466  -8.309  4.317   1.00 24.54  ? 43  HIS B CD2 1 
ATOM   1058 C  CE1 . HIS B 1 43 ? 16.729  -7.549  5.405   1.00 24.07  ? 43  HIS B CE1 1 
ATOM   1059 N  NE2 . HIS B 1 43 ? 18.027  -7.400  5.241   1.00 24.05  ? 43  HIS B NE2 1 
ATOM   1060 N  N   . VAL B 1 44 ? 19.374  -11.937 0.457   1.00 31.96  ? 44  VAL B N   1 
ATOM   1061 C  CA  . VAL B 1 44 ? 19.291  -12.921 -0.599  1.00 35.81  ? 44  VAL B CA  1 
ATOM   1062 C  C   . VAL B 1 44 ? 18.783  -14.240 -0.184  1.00 36.51  ? 44  VAL B C   1 
ATOM   1063 O  O   . VAL B 1 44 ? 18.371  -15.013 -1.050  1.00 34.32  ? 44  VAL B O   1 
ATOM   1064 C  CB  . VAL B 1 44 ? 20.613  -13.120 -1.291  1.00 37.04  ? 44  VAL B CB  1 
ATOM   1065 C  CG1 . VAL B 1 44 ? 21.038  -11.809 -1.911  1.00 40.63  ? 44  VAL B CG1 1 
ATOM   1066 C  CG2 . VAL B 1 44 ? 21.597  -13.649 -0.307  1.00 41.17  ? 44  VAL B CG2 1 
ATOM   1067 N  N   . HIS B 1 45 ? 18.814  -14.534 1.106   1.00 36.11  ? 45  HIS B N   1 
ATOM   1068 C  CA  . HIS B 1 45 ? 18.266  -15.823 1.479   1.00 38.38  ? 45  HIS B CA  1 
ATOM   1069 C  C   . HIS B 1 45 ? 16.829  -15.810 1.878   1.00 33.85  ? 45  HIS B C   1 
ATOM   1070 O  O   . HIS B 1 45 ? 16.295  -16.859 2.222   1.00 33.16  ? 45  HIS B O   1 
ATOM   1071 C  CB  . HIS B 1 45 ? 19.109  -16.493 2.517   1.00 45.51  ? 45  HIS B CB  1 
ATOM   1072 C  CG  . HIS B 1 45 ? 20.463  -16.829 1.993   1.00 55.09  ? 45  HIS B CG  1 
ATOM   1073 N  ND1 . HIS B 1 45 ? 20.647  -17.580 0.852   1.00 58.45  ? 45  HIS B ND1 1 
ATOM   1074 C  CD2 . HIS B 1 45 ? 21.689  -16.409 2.373   1.00 58.70  ? 45  HIS B CD2 1 
ATOM   1075 C  CE1 . HIS B 1 45 ? 21.931  -17.618 0.561   1.00 61.01  ? 45  HIS B CE1 1 
ATOM   1076 N  NE2 . HIS B 1 45 ? 22.582  -16.908 1.462   1.00 61.00  ? 45  HIS B NE2 1 
ATOM   1077 N  N   . LYS B 1 46 ? 16.178  -14.662 1.835   1.00 30.71  ? 46  LYS B N   1 
ATOM   1078 C  CA  . LYS B 1 46 ? 14.753  -14.655 2.137   1.00 26.84  ? 46  LYS B CA  1 
ATOM   1079 C  C   . LYS B 1 46 ? 13.968  -15.155 0.909   1.00 25.09  ? 46  LYS B C   1 
ATOM   1080 O  O   . LYS B 1 46 ? 14.491  -15.197 -0.221  1.00 24.36  ? 46  LYS B O   1 
ATOM   1081 C  CB  . LYS B 1 46 ? 14.330  -13.262 2.528   1.00 26.52  ? 46  LYS B CB  1 
ATOM   1082 C  CG  . LYS B 1 46 ? 14.612  -13.037 3.984   1.00 26.90  ? 46  LYS B CG  1 
ATOM   1083 C  CD  . LYS B 1 46 ? 14.524  -11.591 4.328   1.00 28.90  ? 46  LYS B CD  1 
ATOM   1084 C  CE  . LYS B 1 46 ? 14.800  -11.499 5.791   1.00 29.82  ? 46  LYS B CE  1 
ATOM   1085 N  NZ  . LYS B 1 46 ? 14.407  -10.218 6.374   1.00 31.95  ? 46  LYS B NZ  1 
ATOM   1086 N  N   . SER B 1 47 ? 12.731  -15.539 1.127   1.00 24.15  ? 47  SER B N   1 
ATOM   1087 C  CA  . SER B 1 47 ? 11.877  -16.081 0.073   1.00 23.64  ? 47  SER B CA  1 
ATOM   1088 C  C   . SER B 1 47 ? 11.532  -15.222 -1.157  1.00 24.27  ? 47  SER B C   1 
ATOM   1089 O  O   . SER B 1 47 ? 11.598  -13.975 -1.118  1.00 21.85  ? 47  SER B O   1 
ATOM   1090 C  CB  . SER B 1 47 ? 10.556  -16.571 0.721   1.00 21.61  ? 47  SER B CB  1 
ATOM   1091 O  OG  . SER B 1 47 ? 9.562   -15.533 0.957   1.00 21.35  ? 47  SER B OG  1 
ATOM   1092 N  N   . LYS B 1 48 ? 11.260  -15.879 -2.276  1.00 26.08  ? 48  LYS B N   1 
ATOM   1093 C  CA  . LYS B 1 48 ? 10.796  -15.157 -3.470  1.00 29.28  ? 48  LYS B CA  1 
ATOM   1094 C  C   . LYS B 1 48 ? 9.522   -14.393 -3.039  1.00 26.76  ? 48  LYS B C   1 
ATOM   1095 O  O   . LYS B 1 48 ? 9.304   -13.254 -3.441  1.00 28.12  ? 48  LYS B O   1 
ATOM   1096 C  CB  . LYS B 1 48 ? 10.417  -16.137 -4.567  1.00 32.67  ? 48  LYS B CB  1 
ATOM   1097 C  CG  . LYS B 1 48 ? 11.557  -16.380 -5.525  1.00 40.12  ? 48  LYS B CG  1 
ATOM   1098 C  CD  . LYS B 1 48 ? 11.156  -17.374 -6.619  1.00 46.51  ? 48  LYS B CD  1 
ATOM   1099 C  CE  . LYS B 1 48 ? 10.556  -16.669 -7.838  1.00 48.76  ? 48  LYS B CE  1 
ATOM   1100 N  NZ  . LYS B 1 48 ? 9.930   -17.569 -8.858  1.00 50.83  ? 48  LYS B NZ  1 
ATOM   1101 N  N   . SER B 1 49 ? 8.676   -15.015 -2.214  1.00 26.39  ? 49  SER B N   1 
ATOM   1102 C  CA  . SER B 1 49 ? 7.451   -14.371 -1.763  1.00 26.66  ? 49  SER B CA  1 
ATOM   1103 C  C   . SER B 1 49 ? 7.697   -13.110 -0.937  1.00 26.01  ? 49  SER B C   1 
ATOM   1104 O  O   . SER B 1 49 ? 6.917   -12.148 -1.021  1.00 23.58  ? 49  SER B O   1 
ATOM   1105 C  CB  . SER B 1 49 ? 6.674   -15.387 -0.951  1.00 28.28  ? 49  SER B CB  1 
ATOM   1106 O  OG  . SER B 1 49 ? 5.641   -14.766 -0.214  1.00 32.42  ? 49  SER B OG  1 
ATOM   1107 N  N   . GLU B 1 50 ? 8.762   -13.108 -0.131  1.00 24.07  ? 50  GLU B N   1 
ATOM   1108 C  CA  . GLU B 1 50 ? 9.079   -11.950 0.696   1.00 24.64  ? 50  GLU B CA  1 
ATOM   1109 C  C   . GLU B 1 50 ? 9.588   -10.837 -0.210  1.00 22.85  ? 50  GLU B C   1 
ATOM   1110 O  O   . GLU B 1 50 ? 9.328   -9.656  0.041   1.00 20.44  ? 50  GLU B O   1 
ATOM   1111 C  CB  . GLU B 1 50 ? 10.142  -12.334 1.727   1.00 25.49  ? 50  GLU B CB  1 
ATOM   1112 C  CG  . GLU B 1 50 ? 9.550   -13.133 2.887   1.00 27.51  ? 50  GLU B CG  1 
ATOM   1113 C  CD  . GLU B 1 50 ? 10.600  -13.746 3.773   1.00 29.04  ? 50  GLU B CD  1 
ATOM   1114 O  OE1 . GLU B 1 50 ? 10.868  -13.202 4.847   1.00 30.39  ? 50  GLU B OE1 1 
ATOM   1115 O  OE2 . GLU B 1 50 ? 11.195  -14.784 3.414   1.00 30.44  ? 50  GLU B OE2 1 
ATOM   1116 N  N   . HIS B 1 51 ? 10.291  -11.202 -1.275  1.00 22.80  ? 51  HIS B N   1 
ATOM   1117 C  CA  . HIS B 1 51 ? 10.809  -10.193 -2.180  1.00 23.71  ? 51  HIS B CA  1 
ATOM   1118 C  C   . HIS B 1 51 ? 9.771   -9.619  -3.126  1.00 23.65  ? 51  HIS B C   1 
ATOM   1119 O  O   . HIS B 1 51 ? 9.858   -8.440  -3.464  1.00 22.39  ? 51  HIS B O   1 
ATOM   1120 C  CB  . HIS B 1 51 ? 11.984  -10.775 -2.920  1.00 25.14  ? 51  HIS B CB  1 
ATOM   1121 C  CG  . HIS B 1 51 ? 13.240  -10.730 -2.098  1.00 26.65  ? 51  HIS B CG  1 
ATOM   1122 N  ND1 . HIS B 1 51 ? 13.952  -9.568  -1.901  1.00 26.84  ? 51  HIS B ND1 1 
ATOM   1123 C  CD2 . HIS B 1 51 ? 13.882  -11.689 -1.394  1.00 28.21  ? 51  HIS B CD2 1 
ATOM   1124 C  CE1 . HIS B 1 51 ? 14.977  -9.814  -1.114  1.00 28.61  ? 51  HIS B CE1 1 
ATOM   1125 N  NE2 . HIS B 1 51 ? 14.962  -11.093 -0.798  1.00 28.61  ? 51  HIS B NE2 1 
ATOM   1126 N  N   . LYS B 1 52 ? 8.814   -10.440 -3.564  1.00 24.52  ? 52  LYS B N   1 
ATOM   1127 C  CA  . LYS B 1 52 ? 7.741   -9.961  -4.440  1.00 27.93  ? 52  LYS B CA  1 
ATOM   1128 C  C   . LYS B 1 52 ? 6.964   -8.989  -3.611  1.00 25.01  ? 52  LYS B C   1 
ATOM   1129 O  O   . LYS B 1 52 ? 6.526   -7.966  -4.122  1.00 23.62  ? 52  LYS B O   1 
ATOM   1130 C  CB  . LYS B 1 52 ? 6.768   -11.073 -4.803  1.00 31.62  ? 52  LYS B CB  1 
ATOM   1131 C  CG  . LYS B 1 52 ? 7.311   -12.030 -5.831  1.00 42.43  ? 52  LYS B CG  1 
ATOM   1132 C  CD  . LYS B 1 52 ? 6.259   -13.049 -6.250  1.00 50.28  ? 52  LYS B CD  1 
ATOM   1133 C  CE  . LYS B 1 52 ? 6.530   -14.345 -5.525  1.00 54.11  ? 52  LYS B CE  1 
ATOM   1134 N  NZ  . LYS B 1 52 ? 5.386   -15.257 -5.389  1.00 58.17  ? 52  LYS B NZ  1 
ATOM   1135 N  N   . HIS B 1 53 ? 6.770   -9.309  -2.331  1.00 24.22  ? 53  HIS B N   1 
ATOM   1136 C  CA  . HIS B 1 53 ? 6.004   -8.442  -1.482  1.00 21.40  ? 53  HIS B CA  1 
ATOM   1137 C  C   . HIS B 1 53 ? 6.736   -7.149  -1.266  1.00 22.45  ? 53  HIS B C   1 
ATOM   1138 O  O   . HIS B 1 53 ? 6.091   -6.094  -1.230  1.00 19.71  ? 53  HIS B O   1 
ATOM   1139 C  CB  . HIS B 1 53 ? 5.712   -9.116  -0.168  1.00 23.02  ? 53  HIS B CB  1 
ATOM   1140 C  CG  . HIS B 1 53 ? 4.682   -8.388  0.628   1.00 29.99  ? 53  HIS B CG  1 
ATOM   1141 N  ND1 . HIS B 1 53 ? 3.437   -8.099  0.126   1.00 32.38  ? 53  HIS B ND1 1 
ATOM   1142 C  CD2 . HIS B 1 53 ? 4.719   -7.842  1.860   1.00 29.16  ? 53  HIS B CD2 1 
ATOM   1143 C  CE1 . HIS B 1 53 ? 2.743   -7.413  1.018   1.00 34.46  ? 53  HIS B CE1 1 
ATOM   1144 N  NE2 . HIS B 1 53 ? 3.500   -7.250  2.076   1.00 31.41  ? 53  HIS B NE2 1 
ATOM   1145 N  N   . ALA B 1 54 ? 8.057   -7.185  -1.110  1.00 22.82  ? 54  ALA B N   1 
ATOM   1146 C  CA  . ALA B 1 54 ? 8.753   -5.910  -0.949  1.00 22.04  ? 54  ALA B CA  1 
ATOM   1147 C  C   . ALA B 1 54 ? 8.679   -5.111  -2.260  1.00 18.96  ? 54  ALA B C   1 
ATOM   1148 O  O   . ALA B 1 54 ? 8.550   -3.891  -2.196  1.00 16.99  ? 54  ALA B O   1 
ATOM   1149 C  CB  . ALA B 1 54 ? 10.203  -6.137  -0.554  1.00 22.36  ? 54  ALA B CB  1 
ATOM   1150 N  N   . VAL B 1 55 ? 8.748   -5.737  -3.430  1.00 20.50  ? 55  VAL B N   1 
ATOM   1151 C  CA  . VAL B 1 55 ? 8.638   -4.920  -4.637  1.00 21.78  ? 55  VAL B CA  1 
ATOM   1152 C  C   . VAL B 1 55 ? 7.217   -4.341  -4.710  1.00 22.70  ? 55  VAL B C   1 
ATOM   1153 O  O   . VAL B 1 55 ? 7.049   -3.194  -5.146  1.00 21.51  ? 55  VAL B O   1 
ATOM   1154 C  CB  . VAL B 1 55 ? 8.957   -5.716  -5.858  1.00 21.75  ? 55  VAL B CB  1 
ATOM   1155 C  CG1 . VAL B 1 55 ? 8.671   -4.888  -7.031  1.00 22.79  ? 55  VAL B CG1 1 
ATOM   1156 C  CG2 . VAL B 1 55 ? 10.437  -6.025  -5.871  1.00 24.94  ? 55  VAL B CG2 1 
ATOM   1157 N  N   . PHE B 1 56 ? 6.214   -5.115  -4.296  1.00 22.34  ? 56  PHE B N   1 
ATOM   1158 C  CA  . PHE B 1 56 ? 4.842   -4.614  -4.269  1.00 24.55  ? 56  PHE B CA  1 
ATOM   1159 C  C   . PHE B 1 56 ? 4.786   -3.377  -3.388  1.00 24.29  ? 56  PHE B C   1 
ATOM   1160 O  O   . PHE B 1 56 ? 4.254   -2.368  -3.831  1.00 25.32  ? 56  PHE B O   1 
ATOM   1161 C  CB  . PHE B 1 56 ? 3.895   -5.656  -3.665  1.00 25.80  ? 56  PHE B CB  1 
ATOM   1162 C  CG  . PHE B 1 56 ? 2.514   -5.121  -3.365  1.00 27.87  ? 56  PHE B CG  1 
ATOM   1163 C  CD1 . PHE B 1 56 ? 2.152   -4.730  -2.083  1.00 28.44  ? 56  PHE B CD1 1 
ATOM   1164 C  CD2 . PHE B 1 56 ? 1.550   -5.063  -4.354  1.00 29.27  ? 56  PHE B CD2 1 
ATOM   1165 C  CE1 . PHE B 1 56 ? 0.863   -4.261  -1.812  1.00 29.68  ? 56  PHE B CE1 1 
ATOM   1166 C  CE2 . PHE B 1 56 ? 0.270   -4.592  -4.069  1.00 29.95  ? 56  PHE B CE2 1 
ATOM   1167 C  CZ  . PHE B 1 56 ? -0.070  -4.209  -2.801  1.00 28.11  ? 56  PHE B CZ  1 
ATOM   1168 N  N   . LEU B 1 57 ? 5.324   -3.419  -2.169  1.00 24.91  ? 57  LEU B N   1 
ATOM   1169 C  CA  . LEU B 1 57 ? 5.224   -2.247  -1.306  1.00 24.12  ? 57  LEU B CA  1 
ATOM   1170 C  C   . LEU B 1 57 ? 5.958   -1.012  -1.803  1.00 24.88  ? 57  LEU B C   1 
ATOM   1171 O  O   . LEU B 1 57 ? 5.551   0.115   -1.456  1.00 21.70  ? 57  LEU B O   1 
ATOM   1172 C  CB  . LEU B 1 57 ? 5.670   -2.616  0.098   1.00 26.33  ? 57  LEU B CB  1 
ATOM   1173 C  CG  . LEU B 1 57 ? 4.753   -3.559  0.881   1.00 28.28  ? 57  LEU B CG  1 
ATOM   1174 C  CD1 . LEU B 1 57 ? 5.447   -3.890  2.137   1.00 27.72  ? 57  LEU B CD1 1 
ATOM   1175 C  CD2 . LEU B 1 57 ? 3.441   -2.917  1.209   1.00 30.11  ? 57  LEU B CD2 1 
ATOM   1176 N  N   . LEU B 1 58 ? 7.022   -1.205  -2.592  1.00 22.78  ? 58  LEU B N   1 
ATOM   1177 C  CA  . LEU B 1 58 ? 7.769   -0.064  -3.156  1.00 24.19  ? 58  LEU B CA  1 
ATOM   1178 C  C   . LEU B 1 58 ? 7.004   0.530   -4.334  1.00 24.93  ? 58  LEU B C   1 
ATOM   1179 O  O   . LEU B 1 58 ? 6.937   1.752   -4.443  1.00 24.51  ? 58  LEU B O   1 
ATOM   1180 C  CB  . LEU B 1 58 ? 9.149   -0.490  -3.646  1.00 23.55  ? 58  LEU B CB  1 
ATOM   1181 C  CG  . LEU B 1 58 ? 10.037  -0.874  -2.467  1.00 23.35  ? 58  LEU B CG  1 
ATOM   1182 C  CD1 . LEU B 1 58 ? 11.197  -1.582  -3.005  1.00 25.84  ? 58  LEU B CD1 1 
ATOM   1183 C  CD2 . LEU B 1 58 ? 10.477  0.314   -1.683  1.00 20.76  ? 58  LEU B CD2 1 
ATOM   1184 N  N   . GLY B 1 59 ? 6.452   -0.312  -5.224  1.00 25.43  ? 59  GLY B N   1 
ATOM   1185 C  CA  . GLY B 1 59 ? 5.696   0.226   -6.349  1.00 26.90  ? 59  GLY B CA  1 
ATOM   1186 C  C   . GLY B 1 59 ? 4.477   0.980   -5.855  1.00 28.49  ? 59  GLY B C   1 
ATOM   1187 O  O   . GLY B 1 59 ? 4.160   2.081   -6.307  1.00 29.18  ? 59  GLY B O   1 
ATOM   1188 N  N   . ASN B 1 60 ? 3.803   0.383   -4.901  1.00 30.95  ? 60  ASN B N   1 
ATOM   1189 C  CA  . ASN B 1 60 ? 2.618   0.946   -4.355  1.00 31.67  ? 60  ASN B CA  1 
ATOM   1190 C  C   . ASN B 1 60 ? 2.933   2.219   -3.624  1.00 29.59  ? 60  ASN B C   1 
ATOM   1191 O  O   . ASN B 1 60 ? 2.197   3.200   -3.718  1.00 27.97  ? 60  ASN B O   1 
ATOM   1192 C  CB  . ASN B 1 60 ? 2.064   -0.090  -3.451  1.00 36.52  ? 60  ASN B CB  1 
ATOM   1193 C  CG  . ASN B 1 60 ? 0.694   0.156   -3.121  1.00 41.83  ? 60  ASN B CG  1 
ATOM   1194 O  OD1 . ASN B 1 60 ? 0.398   0.754   -2.104  1.00 48.00  ? 60  ASN B OD1 1 
ATOM   1195 N  ND2 . ASN B 1 60 ? -0.198  -0.267  -3.995  1.00 46.13  ? 60  ASN B ND2 1 
ATOM   1196 N  N   . ALA B 1 61 ? 4.029   2.236   -2.901  1.00 27.58  ? 61  ALA B N   1 
ATOM   1197 C  CA  . ALA B 1 61 ? 4.343   3.454   -2.200  1.00 26.65  ? 61  ALA B CA  1 
ATOM   1198 C  C   . ALA B 1 61 ? 4.658   4.602   -3.141  1.00 27.78  ? 61  ALA B C   1 
ATOM   1199 O  O   . ALA B 1 61 ? 4.382   5.752   -2.808  1.00 27.16  ? 61  ALA B O   1 
ATOM   1200 C  CB  . ALA B 1 61 ? 5.497   3.223   -1.320  1.00 26.88  ? 61  ALA B CB  1 
ATOM   1201 N  N   . LEU B 1 62 ? 5.237   4.318   -4.304  1.00 27.76  ? 62  LEU B N   1 
ATOM   1202 C  CA  . LEU B 1 62 ? 5.594   5.406   -5.197  1.00 26.91  ? 62  LEU B CA  1 
ATOM   1203 C  C   . LEU B 1 62 ? 4.340   5.930   -5.839  1.00 24.08  ? 62  LEU B C   1 
ATOM   1204 O  O   . LEU B 1 62 ? 4.180   7.131   -5.985  1.00 21.11  ? 62  LEU B O   1 
ATOM   1205 C  CB  . LEU B 1 62 ? 6.555   4.865   -6.228  1.00 30.10  ? 62  LEU B CB  1 
ATOM   1206 C  CG  . LEU B 1 62 ? 7.207   5.756   -7.240  1.00 32.74  ? 62  LEU B CG  1 
ATOM   1207 C  CD1 . LEU B 1 62 ? 8.167   6.577   -6.538  1.00 33.52  ? 62  LEU B CD1 1 
ATOM   1208 C  CD2 . LEU B 1 62 ? 7.964   4.944   -8.226  1.00 33.75  ? 62  LEU B CD2 1 
ATOM   1209 N  N   . ALA B 1 63 ? 3.445   5.047   -6.221  1.00 23.03  ? 63  ALA B N   1 
ATOM   1210 C  CA  . ALA B 1 63 ? 2.228   5.523   -6.842  1.00 25.38  ? 63  ALA B CA  1 
ATOM   1211 C  C   . ALA B 1 63 ? 1.397   6.305   -5.835  1.00 28.66  ? 63  ALA B C   1 
ATOM   1212 O  O   . ALA B 1 63 ? 0.757   7.291   -6.209  1.00 28.34  ? 63  ALA B O   1 
ATOM   1213 C  CB  . ALA B 1 63 ? 1.511   4.399   -7.325  1.00 21.95  ? 63  ALA B CB  1 
ATOM   1214 N  N   . ALA B 1 64 ? 1.379   5.870   -4.577  1.00 28.12  ? 64  ALA B N   1 
ATOM   1215 C  CA  . ALA B 1 64 ? 0.648   6.617   -3.559  1.00 30.34  ? 64  ALA B CA  1 
ATOM   1216 C  C   . ALA B 1 64 ? 1.252   8.003   -3.428  1.00 30.45  ? 64  ALA B C   1 
ATOM   1217 O  O   . ALA B 1 64 ? 0.518   8.972   -3.299  1.00 34.03  ? 64  ALA B O   1 
ATOM   1218 C  CB  . ALA B 1 64 ? 0.773   5.942   -2.237  1.00 32.73  ? 64  ALA B CB  1 
ATOM   1219 N  N   . ALA B 1 65 ? 2.574   8.123   -3.430  1.00 30.06  ? 65  ALA B N   1 
ATOM   1220 C  CA  . ALA B 1 65 ? 3.163   9.441   -3.272  1.00 26.37  ? 65  ALA B CA  1 
ATOM   1221 C  C   . ALA B 1 65 ? 2.914   10.369  -4.477  1.00 25.14  ? 65  ALA B C   1 
ATOM   1222 O  O   . ALA B 1 65 ? 2.850   11.596  -4.303  1.00 24.07  ? 65  ALA B O   1 
ATOM   1223 C  CB  . ALA B 1 65 ? 4.604   9.272   -3.001  1.00 23.54  ? 65  ALA B CB  1 
HETATM 1224 N  N   . MSE B 1 66 ? 2.783   9.801   -5.676  1.00 23.62  ? 66  MSE B N   1 
HETATM 1225 C  CA  . MSE B 1 66 ? 2.468   10.611  -6.857  1.00 24.50  ? 66  MSE B CA  1 
HETATM 1226 C  C   . MSE B 1 66 ? 1.026   11.052  -6.701  1.00 23.37  ? 66  MSE B C   1 
HETATM 1227 O  O   . MSE B 1 66 ? 0.716   12.189  -7.022  1.00 24.15  ? 66  MSE B O   1 
HETATM 1228 C  CB  . MSE B 1 66 ? 2.526   9.799   -8.134  1.00 26.50  ? 66  MSE B CB  1 
HETATM 1229 C  CG  . MSE B 1 66 ? 3.939   9.396   -8.516  1.00 28.14  ? 66  MSE B CG  1 
HETATM 1230 SE SE  . MSE B 1 66 ? 5.296   10.903  -8.700  1.00 41.38  ? 66  MSE B SE  1 
HETATM 1231 C  CE  . MSE B 1 66 ? 6.273   10.777  -6.955  1.00 27.70  ? 66  MSE B CE  1 
ATOM   1232 N  N   . SER B 1 67 ? 0.136   10.161  -6.267  1.00 26.15  ? 67  SER B N   1 
ATOM   1233 C  CA  . SER B 1 67 ? -1.266  10.541  -6.089  1.00 28.15  ? 67  SER B CA  1 
ATOM   1234 C  C   . SER B 1 67 ? -1.456  11.643  -5.070  1.00 28.08  ? 67  SER B C   1 
ATOM   1235 O  O   . SER B 1 67 ? -2.230  12.573  -5.325  1.00 23.41  ? 67  SER B O   1 
ATOM   1236 C  CB  . SER B 1 67 ? -2.093  9.344   -5.658  1.00 29.50  ? 67  SER B CB  1 
ATOM   1237 O  OG  . SER B 1 67 ? -2.569  8.689   -6.819  1.00 38.71  ? 67  SER B OG  1 
ATOM   1238 N  N   . GLU B 1 68 ? -0.765  11.539  -3.920  1.00 27.15  ? 68  GLU B N   1 
ATOM   1239 C  CA  . GLU B 1 68 ? -0.890  12.546  -2.858  1.00 29.05  ? 68  GLU B CA  1 
ATOM   1240 C  C   . GLU B 1 68 ? -0.497  13.851  -3.424  1.00 27.51  ? 68  GLU B C   1 
ATOM   1241 O  O   . GLU B 1 68 ? -1.197  14.839  -3.243  1.00 27.15  ? 68  GLU B O   1 
ATOM   1242 C  CB  . GLU B 1 68 ? 0.046   12.280  -1.687  1.00 32.19  ? 68  GLU B CB  1 
ATOM   1243 C  CG  . GLU B 1 68 ? -0.495  11.321  -0.669  1.00 36.91  ? 68  GLU B CG  1 
ATOM   1244 C  CD  . GLU B 1 68 ? -1.904  11.644  -0.261  1.00 39.31  ? 68  GLU B CD  1 
ATOM   1245 O  OE1 . GLU B 1 68 ? -2.189  12.794  0.143   1.00 41.18  ? 68  GLU B OE1 1 
ATOM   1246 O  OE2 . GLU B 1 68 ? -2.754  10.733  -0.334  1.00 39.56  ? 68  GLU B OE2 1 
ATOM   1247 N  N   . ASP B 1 69 ? 0.668   13.868  -4.048  1.00 26.62  ? 69  ASP B N   1 
ATOM   1248 C  CA  . ASP B 1 69 ? 1.148   15.069  -4.657  1.00 27.28  ? 69  ASP B CA  1 
ATOM   1249 C  C   . ASP B 1 69 ? 0.114   15.566  -5.694  1.00 26.70  ? 69  ASP B C   1 
ATOM   1250 O  O   . ASP B 1 69 ? -0.178  16.759  -5.704  1.00 25.63  ? 69  ASP B O   1 
ATOM   1251 C  CB  . ASP B 1 69 ? 2.480   14.773  -5.286  1.00 28.23  ? 69  ASP B CB  1 
ATOM   1252 C  CG  . ASP B 1 69 ? 3.097   15.973  -5.882  1.00 31.40  ? 69  ASP B CG  1 
ATOM   1253 O  OD1 . ASP B 1 69 ? 4.299   16.163  -5.735  1.00 35.26  ? 69  ASP B OD1 1 
ATOM   1254 O  OD2 . ASP B 1 69 ? 2.371   16.765  -6.516  1.00 33.44  ? 69  ASP B OD2 1 
ATOM   1255 N  N   . GLU B 1 70 ? -0.449  14.714  -6.556  1.00 27.55  ? 70  GLU B N   1 
ATOM   1256 C  CA  . GLU B 1 70 ? -1.445  15.283  -7.474  1.00 32.78  ? 70  GLU B CA  1 
ATOM   1257 C  C   . GLU B 1 70 ? -2.709  15.742  -6.717  1.00 30.89  ? 70  GLU B C   1 
ATOM   1258 O  O   . GLU B 1 70 ? -3.130  16.879  -6.949  1.00 29.76  ? 70  GLU B O   1 
ATOM   1259 C  CB  . GLU B 1 70 ? -1.832  14.314  -8.569  1.00 35.59  ? 70  GLU B CB  1 
ATOM   1260 C  CG  . GLU B 1 70 ? -2.898  14.942  -9.426  1.00 44.69  ? 70  GLU B CG  1 
ATOM   1261 C  CD  . GLU B 1 70 ? -2.391  15.781  -10.592 1.00 49.99  ? 70  GLU B CD  1 
ATOM   1262 O  OE1 . GLU B 1 70 ? -1.285  16.376  -10.566 1.00 51.48  ? 70  GLU B OE1 1 
ATOM   1263 O  OE2 . GLU B 1 70 ? -3.154  15.860  -11.574 1.00 53.02  ? 70  GLU B OE2 1 
ATOM   1264 N  N   . PHE B 1 71 ? -3.334  14.902  -5.872  1.00 29.27  ? 71  PHE B N   1 
ATOM   1265 C  CA  . PHE B 1 71 ? -4.487  15.384  -5.096  1.00 31.69  ? 71  PHE B CA  1 
ATOM   1266 C  C   . PHE B 1 71 ? -4.129  16.693  -4.318  1.00 32.91  ? 71  PHE B C   1 
ATOM   1267 O  O   . PHE B 1 71 ? -5.006  17.536  -4.181  1.00 33.25  ? 71  PHE B O   1 
ATOM   1268 C  CB  . PHE B 1 71 ? -5.001  14.267  -4.176  1.00 28.89  ? 71  PHE B CB  1 
ATOM   1269 C  CG  . PHE B 1 71 ? -5.859  13.274  -4.894  1.00 28.95  ? 71  PHE B CG  1 
ATOM   1270 C  CD1 . PHE B 1 71 ? -5.430  11.989  -5.128  1.00 27.31  ? 71  PHE B CD1 1 
ATOM   1271 C  CD2 . PHE B 1 71 ? -7.104  13.649  -5.372  1.00 27.83  ? 71  PHE B CD2 1 
ATOM   1272 C  CE1 . PHE B 1 71 ? -6.211  11.114  -5.828  1.00 26.26  ? 71  PHE B CE1 1 
ATOM   1273 C  CE2 . PHE B 1 71 ? -7.872  12.764  -6.070  1.00 24.66  ? 71  PHE B CE2 1 
ATOM   1274 C  CZ  . PHE B 1 71 ? -7.427  11.501  -6.286  1.00 25.04  ? 71  PHE B CZ  1 
ATOM   1275 N  N   . SER B 1 72 ? -2.873  16.902  -3.865  1.00 37.77  ? 72  SER B N   1 
ATOM   1276 C  CA  . SER B 1 72 ? -2.541  18.164  -3.159  1.00 43.19  ? 72  SER B CA  1 
ATOM   1277 C  C   . SER B 1 72 ? -2.212  19.338  -4.097  1.00 46.62  ? 72  SER B C   1 
ATOM   1278 O  O   . SER B 1 72 ? -2.467  20.488  -3.731  1.00 44.31  ? 72  SER B O   1 
ATOM   1279 C  CB  . SER B 1 72 ? -1.421  17.930  -2.159  1.00 41.91  ? 72  SER B CB  1 
ATOM   1280 O  OG  . SER B 1 72 ? -0.263  18.613  -2.572  1.00 48.66  ? 72  SER B OG  1 
ATOM   1281 N  N   . SER B 1 73 ? -1.596  19.113  -5.253  1.00 52.76  ? 73  SER B N   1 
ATOM   1282 C  CA  . SER B 1 73 ? -1.438  20.256  -6.170  1.00 62.83  ? 73  SER B CA  1 
ATOM   1283 C  C   . SER B 1 73 ? -2.830  20.856  -6.519  1.00 72.68  ? 73  SER B C   1 
ATOM   1284 O  O   . SER B 1 73 ? -2.970  22.064  -6.685  1.00 70.36  ? 73  SER B O   1 
ATOM   1285 C  CB  . SER B 1 73 ? -0.756  19.801  -7.423  1.00 58.33  ? 73  SER B CB  1 
ATOM   1286 O  OG  . SER B 1 73 ? 0.603   19.677  -7.064  1.00 56.60  ? 73  SER B OG  1 
ATOM   1287 N  N   . ALA B 1 74 ? -3.837  19.971  -6.612  1.00 78.89  ? 74  ALA B N   1 
ATOM   1288 C  CA  . ALA B 1 74 ? -5.191  20.387  -6.887  1.00 88.86  ? 74  ALA B CA  1 
ATOM   1289 C  C   . ALA B 1 74 ? -5.938  21.141  -5.801  1.00 91.09  ? 74  ALA B C   1 
ATOM   1290 O  O   . ALA B 1 74 ? -7.182  21.068  -5.744  1.00 97.13  ? 74  ALA B O   1 
ATOM   1291 C  CB  . ALA B 1 74 ? -5.927  19.270  -7.386  1.00 95.83  ? 74  ALA B CB  1 
ATOM   1292 N  N   . GLY B 1 75 ? -5.167  21.672  -4.830  1.00 93.08  ? 75  GLY B N   1 
ATOM   1293 C  CA  . GLY B 1 75 ? -5.729  22.624  -3.879  1.00 86.46  ? 75  GLY B CA  1 
ATOM   1294 C  C   . GLY B 1 75 ? -4.681  23.730  -3.527  1.00 81.11  ? 75  GLY B C   1 
ATOM   1295 O  O   . GLY B 1 75 ? -3.473  23.700  -3.886  1.00 78.15  ? 75  GLY B O   1 
HETATM 1296 CA CA  . CA  C 2 .  ? -11.381 12.487  10.864  1.00 22.41  ? 202 CA  A CA  1 
HETATM 1297 CA CA  . CA  D 2 .  ? 14.917  -2.546  7.473   1.00 23.37  ? 201 CA  B CA  1 
HETATM 1298 C  C   . ACT E 3 .  ? -5.889  29.465  -4.362  1.00 32.49  ? 801 ACT B C   1 
HETATM 1299 O  O   . ACT E 3 .  ? -5.339  30.381  -5.188  1.00 33.80  ? 801 ACT B O   1 
HETATM 1300 O  OXT . ACT E 3 .  ? -7.059  29.170  -4.482  1.00 33.22  ? 801 ACT B OXT 1 
HETATM 1301 C  CH3 . ACT E 3 .  ? -5.048  28.809  -3.294  1.00 27.81  ? 801 ACT B CH3 1 
HETATM 1302 C  C   . ACT F 3 .  ? 19.409  8.756   -10.359 1.00 31.43  ? 802 ACT B C   1 
HETATM 1303 O  O   . ACT F 3 .  ? 19.373  9.642   -11.383 1.00 32.62  ? 802 ACT B O   1 
HETATM 1304 O  OXT . ACT F 3 .  ? 19.378  9.160   -9.209  1.00 34.55  ? 802 ACT B OXT 1 
HETATM 1305 C  CH3 . ACT F 3 .  ? 19.486  7.272   -10.634 1.00 26.59  ? 802 ACT B CH3 1 
HETATM 1306 O  O   . HOH G 4 .  ? -0.209  0.075   10.494  1.00 28.63  ? 203 HOH A O   1 
HETATM 1307 O  O   . HOH G 4 .  ? -8.865  12.639  10.866  1.00 22.17  ? 204 HOH A O   1 
HETATM 1308 O  O   . HOH G 4 .  ? -11.092 10.971  8.860   1.00 24.68  ? 205 HOH A O   1 
HETATM 1309 O  O   . HOH G 4 .  ? -13.291 8.759   9.800   1.00 19.12  ? 206 HOH A O   1 
HETATM 1310 O  O   . HOH G 4 .  ? -10.850 11.193  6.306   1.00 26.18  ? 207 HOH A O   1 
HETATM 1311 O  O   . HOH G 4 .  ? -15.180 8.617   7.807   1.00 27.31  ? 208 HOH A O   1 
HETATM 1312 O  O   . HOH G 4 .  ? -23.559 6.140   7.529   1.00 40.27  ? 209 HOH A O   1 
HETATM 1313 O  O   . HOH G 4 .  ? -19.438 11.147  7.754   1.00 34.97  ? 210 HOH A O   1 
HETATM 1314 O  O   . HOH G 4 .  ? -9.439  18.351  5.296   1.00 38.53  ? 211 HOH A O   1 
HETATM 1315 O  O   . HOH G 4 .  ? -4.672  3.945   4.882   1.00 52.29  ? 212 HOH A O   1 
HETATM 1316 O  O   . HOH G 4 .  ? -24.694 17.152  -7.552  1.00 42.62  ? 213 HOH A O   1 
HETATM 1317 O  O   . HOH G 4 .  ? -13.149 20.274  -6.931  1.00 38.44  ? 214 HOH A O   1 
HETATM 1318 O  O   . HOH G 4 .  ? -2.977  -4.560  6.338   1.00 45.78  ? 215 HOH A O   1 
HETATM 1319 O  O   . HOH G 4 .  ? -10.268 -9.511  16.332  1.00 43.74  ? 216 HOH A O   1 
HETATM 1320 O  O   . HOH G 4 .  ? -18.687 12.631  9.424   1.00 43.17  ? 217 HOH A O   1 
HETATM 1321 O  O   . HOH G 4 .  ? -7.773  2.006   10.361  1.00 38.28  ? 218 HOH A O   1 
HETATM 1322 O  O   . HOH G 4 .  ? -10.236 3.672   10.588  1.00 40.71  ? 219 HOH A O   1 
HETATM 1323 O  O   . HOH G 4 .  ? -6.837  4.023   12.165  1.00 55.25  ? 220 HOH A O   1 
HETATM 1324 O  O   . HOH G 4 .  ? -5.721  17.136  8.940   1.00 52.26  ? 221 HOH A O   1 
HETATM 1325 O  O   . HOH G 4 .  ? -4.541  -6.850  6.329   1.00 30.85  ? 222 HOH A O   1 
HETATM 1326 O  O   . HOH G 4 .  ? -21.498 5.886   5.686   1.00 45.33  ? 223 HOH A O   1 
HETATM 1327 O  O   . HOH G 4 .  ? -11.350 10.212  12.197  1.00 20.63  ? 224 HOH A O   1 
HETATM 1328 O  O   . HOH G 4 .  ? -3.569  11.547  3.432   1.00 42.71  ? 225 HOH A O   1 
HETATM 1329 O  O   . HOH G 4 .  ? -20.675 3.505   8.652   1.00 57.19  ? 226 HOH A O   1 
HETATM 1330 O  O   . HOH G 4 .  ? -25.456 6.617   -0.492  1.00 37.51  ? 227 HOH A O   1 
HETATM 1331 O  O   . HOH G 4 .  ? -18.308 20.380  4.970   1.00 38.30  ? 228 HOH A O   1 
HETATM 1332 O  O   . HOH G 4 .  ? -6.393  -7.023  7.542   1.00 27.54  ? 229 HOH A O   1 
HETATM 1333 O  O   . HOH G 4 .  ? -2.418  -2.705  4.597   1.00 45.67  ? 230 HOH A O   1 
HETATM 1334 O  O   . HOH G 4 .  ? -4.205  -0.591  3.832   1.00 27.98  ? 231 HOH A O   1 
HETATM 1335 O  O   . HOH G 4 .  ? -21.642 21.304  -2.397  1.00 69.39  ? 232 HOH A O   1 
HETATM 1336 O  O   . HOH G 4 .  ? -0.046  6.415   8.025   1.00 53.53  ? 233 HOH A O   1 
HETATM 1337 O  O   . HOH G 4 .  ? -21.078 -1.174  7.294   1.00 38.38  ? 234 HOH A O   1 
HETATM 1338 O  O   . HOH G 4 .  ? -16.182 21.691  5.892   1.00 41.04  ? 235 HOH A O   1 
HETATM 1339 O  O   . HOH G 4 .  ? -26.062 0.078   1.299   1.00 46.32  ? 236 HOH A O   1 
HETATM 1340 O  O   . HOH G 4 .  ? -21.951 1.121   8.986   1.00 45.43  ? 237 HOH A O   1 
HETATM 1341 O  O   . HOH G 4 .  ? -11.704 17.733  -9.488  1.00 57.14  ? 238 HOH A O   1 
HETATM 1342 O  O   . HOH G 4 .  ? -7.649  10.895  13.216  1.00 41.77  ? 239 HOH A O   1 
HETATM 1343 O  O   . HOH G 4 .  ? -20.559 8.116   7.010   1.00 36.64  ? 240 HOH A O   1 
HETATM 1344 O  O   . HOH G 4 .  ? -20.669 -2.553  3.808   1.00 45.12  ? 241 HOH A O   1 
HETATM 1345 O  O   . HOH G 4 .  ? -20.432 14.317  -14.452 1.00 61.63  ? 242 HOH A O   1 
HETATM 1346 O  O   . HOH G 4 .  ? -8.640  18.106  10.277  1.00 39.25  ? 243 HOH A O   1 
HETATM 1347 O  O   . HOH G 4 .  ? -0.259  -6.365  7.555   1.00 65.95  ? 244 HOH A O   1 
HETATM 1348 O  O   . HOH G 4 .  ? -11.968 19.187  8.933   1.00 44.44  ? 245 HOH A O   1 
HETATM 1349 O  O   . HOH G 4 .  ? -14.265 18.882  9.965   1.00 34.86  ? 246 HOH A O   1 
HETATM 1350 O  O   . HOH G 4 .  ? -2.944  -0.633  -2.345  1.00 43.62  ? 247 HOH A O   1 
HETATM 1351 O  O   . HOH G 4 .  ? -17.135 -1.330  12.628  1.00 33.59  ? 248 HOH A O   1 
HETATM 1352 O  O   . HOH G 4 .  ? -19.926 7.063   9.867   1.00 45.41  ? 249 HOH A O   1 
HETATM 1353 O  O   . HOH G 4 .  ? 0.170   -2.662  3.131   1.00 48.91  ? 250 HOH A O   1 
HETATM 1354 O  O   . HOH G 4 .  ? -8.308  12.337  14.988  1.00 50.49  ? 251 HOH A O   1 
HETATM 1355 O  O   . HOH G 4 .  ? -23.069 0.702   10.993  1.00 54.67  ? 252 HOH A O   1 
HETATM 1356 O  O   . HOH G 4 .  ? -1.504  1.771   8.231   1.00 46.45  ? 253 HOH A O   1 
HETATM 1357 O  O   . HOH G 4 .  ? -23.441 18.233  -3.194  1.00 52.54  ? 254 HOH A O   1 
HETATM 1358 O  O   . HOH G 4 .  ? -22.059 -1.110  1.422   1.00 48.76  ? 255 HOH A O   1 
HETATM 1359 O  O   . HOH G 4 .  ? 0.514   -0.154  2.734   1.00 47.27  ? 256 HOH A O   1 
HETATM 1360 O  O   . HOH G 4 .  ? -18.665 -6.436  10.322  1.00 41.63  ? 257 HOH A O   1 
HETATM 1361 O  O   . HOH G 4 .  ? -4.709  -5.495  16.403  1.00 50.31  ? 258 HOH A O   1 
HETATM 1362 O  O   . HOH G 4 .  ? -15.945 0.820   13.170  1.00 56.95  ? 259 HOH A O   1 
HETATM 1363 O  O   . HOH G 4 .  ? -3.046  -9.027  7.399   1.00 50.44  ? 260 HOH A O   1 
HETATM 1364 O  O   . HOH G 4 .  ? -18.748 -3.316  13.831  1.00 51.29  ? 261 HOH A O   1 
HETATM 1365 O  O   . HOH G 4 .  ? -3.768  16.413  7.631   1.00 57.91  ? 262 HOH A O   1 
HETATM 1366 O  O   . HOH G 4 .  ? 15.575  -20.083 -2.895  1.00 42.10  ? 263 HOH A O   1 
HETATM 1367 O  O   . HOH G 4 .  ? -23.376 -4.386  4.746   1.00 44.17  ? 264 HOH A O   1 
HETATM 1368 O  O   . HOH G 4 .  ? -15.289 3.431   12.330  1.00 48.53  ? 265 HOH A O   1 
HETATM 1369 O  O   . HOH G 4 .  ? -22.659 4.478   10.152  1.00 35.37  ? 266 HOH A O   1 
HETATM 1370 O  O   . HOH G 4 .  ? 5.815   -14.630 5.803   1.00 40.04  ? 267 HOH A O   1 
HETATM 1371 O  O   . HOH G 4 .  ? -21.272 18.473  -9.346  1.00 41.30  ? 268 HOH A O   1 
HETATM 1372 O  O   . HOH G 4 .  ? 15.781  -24.573 -4.081  1.00 36.91  ? 269 HOH A O   1 
HETATM 1373 O  O   . HOH G 4 .  ? 0.484   -19.656 6.579   1.00 39.80  ? 270 HOH A O   1 
HETATM 1374 O  O   . HOH G 4 .  ? -5.677  14.983  10.383  1.00 37.70  ? 271 HOH A O   1 
HETATM 1375 O  O   . HOH G 4 .  ? -15.883 20.757  -5.864  1.00 32.70  ? 272 HOH A O   1 
HETATM 1376 O  O   . HOH G 4 .  ? -27.156 9.580   1.861   1.00 35.97  ? 273 HOH A O   1 
HETATM 1377 O  O   . HOH G 4 .  ? 9.949   -25.342 5.292   1.00 32.46  ? 274 HOH A O   1 
HETATM 1378 O  O   . HOH G 4 .  ? -8.592  -15.242 13.434  1.00 39.01  ? 275 HOH A O   1 
HETATM 1379 O  O   . HOH G 4 .  ? 6.128   -18.953 6.854   1.00 37.59  ? 276 HOH A O   1 
HETATM 1380 O  O   . HOH G 4 .  ? -1.368  12.783  4.772   1.00 38.04  ? 277 HOH A O   1 
HETATM 1381 O  O   . HOH G 4 .  ? -10.772 3.643   13.603  1.00 35.03  ? 278 HOH A O   1 
HETATM 1382 O  O   . HOH G 4 .  ? -4.212  8.217   10.667  1.00 34.09  ? 279 HOH A O   1 
HETATM 1383 O  O   . HOH G 4 .  ? 20.597  -24.991 -3.229  1.00 39.59  ? 280 HOH A O   1 
HETATM 1384 O  O   . HOH G 4 .  ? -5.606  6.341   12.887  1.00 36.06  ? 281 HOH A O   1 
HETATM 1385 O  O   . HOH G 4 .  ? -24.957 4.749   4.901   1.00 33.98  ? 282 HOH A O   1 
HETATM 1386 O  O   . HOH H 4 .  ? 11.938  -3.660  3.998   1.00 17.70  ? 803 HOH B O   1 
HETATM 1387 O  O   . HOH H 4 .  ? 12.764  -2.273  8.952   1.00 16.32  ? 804 HOH B O   1 
HETATM 1388 O  O   . HOH H 4 .  ? 11.497  -10.095 7.410   1.00 34.16  ? 805 HOH B O   1 
HETATM 1389 O  O   . HOH H 4 .  ? 17.323  -5.716  7.866   1.00 27.64  ? 806 HOH B O   1 
HETATM 1390 O  O   . HOH H 4 .  ? 4.300   13.098  -1.670  1.00 41.50  ? 807 HOH B O   1 
HETATM 1391 O  O   . HOH H 4 .  ? 13.392  -2.204  5.421   1.00 18.95  ? 808 HOH B O   1 
HETATM 1392 O  O   . HOH H 4 .  ? 16.024  -1.495  1.775   1.00 19.61  ? 809 HOH B O   1 
HETATM 1393 O  O   . HOH H 4 .  ? 2.653   2.612   7.959   1.00 44.86  ? 810 HOH B O   1 
HETATM 1394 O  O   . HOH H 4 .  ? 15.402  -0.183  4.049   1.00 18.22  ? 811 HOH B O   1 
HETATM 1395 O  O   . HOH H 4 .  ? 19.970  -3.919  0.559   1.00 28.26  ? 812 HOH B O   1 
HETATM 1396 O  O   . HOH H 4 .  ? 20.603  -4.266  3.296   1.00 45.42  ? 813 HOH B O   1 
HETATM 1397 O  O   . HOH H 4 .  ? 3.132   9.352   6.677   1.00 40.76  ? 814 HOH B O   1 
HETATM 1398 O  O   . HOH H 4 .  ? 22.016  -6.259  -2.707  1.00 54.77  ? 815 HOH B O   1 
HETATM 1399 O  O   . HOH H 4 .  ? 18.506  9.325   -0.712  1.00 37.10  ? 816 HOH B O   1 
HETATM 1400 O  O   . HOH H 4 .  ? 17.729  -17.404 -9.852  1.00 46.33  ? 817 HOH B O   1 
HETATM 1401 O  O   . HOH H 4 .  ? 4.802   2.736   2.306   1.00 40.20  ? 818 HOH B O   1 
HETATM 1402 O  O   . HOH H 4 .  ? 9.830   6.594   3.951   1.00 30.80  ? 819 HOH B O   1 
HETATM 1403 O  O   . HOH H 4 .  ? 2.783   10.883  0.244   1.00 30.98  ? 820 HOH B O   1 
HETATM 1404 O  O   . HOH H 4 .  ? 19.127  -13.160 3.565   1.00 42.00  ? 821 HOH B O   1 
HETATM 1405 O  O   . HOH H 4 .  ? 19.872  -0.800  -4.137  1.00 46.77  ? 822 HOH B O   1 
HETATM 1406 O  O   . HOH H 4 .  ? 6.423   14.086  5.446   1.00 42.34  ? 823 HOH B O   1 
HETATM 1407 O  O   . HOH H 4 .  ? 15.219  0.079   7.323   1.00 23.58  ? 824 HOH B O   1 
HETATM 1408 O  O   . HOH H 4 .  ? 20.254  -5.002  -10.620 1.00 33.79  ? 825 HOH B O   1 
HETATM 1409 O  O   . HOH H 4 .  ? 19.443  6.044   -6.471  1.00 41.71  ? 826 HOH B O   1 
HETATM 1410 O  O   . HOH H 4 .  ? 17.288  2.660   -11.082 1.00 36.25  ? 827 HOH B O   1 
HETATM 1411 O  O   . HOH H 4 .  ? 18.906  -15.959 -6.101  1.00 52.67  ? 828 HOH B O   1 
HETATM 1412 O  O   . HOH H 4 .  ? 1.844   8.204   -0.362  1.00 62.44  ? 829 HOH B O   1 
HETATM 1413 O  O   . HOH H 4 .  ? -1.246  8.210   0.508   1.00 47.59  ? 830 HOH B O   1 
HETATM 1414 O  O   . HOH H 4 .  ? 22.768  -0.405  -3.849  1.00 52.20  ? 831 HOH B O   1 
HETATM 1415 O  O   . HOH H 4 .  ? 20.223  2.852   -3.073  1.00 46.81  ? 832 HOH B O   1 
HETATM 1416 O  O   . HOH H 4 .  ? 4.320   -4.441  5.654   1.00 51.28  ? 833 HOH B O   1 
HETATM 1417 O  O   . HOH H 4 .  ? 3.706   6.960   5.901   1.00 46.85  ? 834 HOH B O   1 
HETATM 1418 O  O   . HOH H 4 .  ? 9.616   6.630   7.431   1.00 47.63  ? 835 HOH B O   1 
HETATM 1419 O  O   . HOH H 4 .  ? -0.858  3.402   -4.207  1.00 39.06  ? 836 HOH B O   1 
HETATM 1420 O  O   . HOH H 4 .  ? 16.919  5.522   -9.424  1.00 35.02  ? 837 HOH B O   1 
HETATM 1421 O  O   . HOH H 4 .  ? 13.302  -7.266  11.213  1.00 48.83  ? 838 HOH B O   1 
HETATM 1422 O  O   . HOH H 4 .  ? 18.034  7.993   1.024   1.00 41.97  ? 839 HOH B O   1 
HETATM 1423 O  O   . HOH H 4 .  ? 12.882  0.474   9.887   1.00 46.82  ? 840 HOH B O   1 
HETATM 1424 O  O   . HOH H 4 .  ? 14.461  -0.019  11.607  1.00 49.02  ? 841 HOH B O   1 
HETATM 1425 O  O   . HOH H 4 .  ? 14.926  -19.571 -10.791 1.00 42.70  ? 842 HOH B O   1 
HETATM 1426 O  O   . HOH H 4 .  ? -3.926  10.440  -8.253  1.00 47.68  ? 843 HOH B O   1 
HETATM 1427 O  O   . HOH H 4 .  ? 3.231   6.128   -0.207  1.00 43.02  ? 844 HOH B O   1 
HETATM 1428 O  O   . HOH H 4 .  ? 20.365  -1.851  -1.916  1.00 37.59  ? 845 HOH B O   1 
HETATM 1429 O  O   . HOH H 4 .  ? 20.430  3.524   -10.608 1.00 51.28  ? 846 HOH B O   1 
HETATM 1430 O  O   . HOH H 4 .  ? 14.962  15.306  -0.103  1.00 43.78  ? 847 HOH B O   1 
HETATM 1431 O  O   . HOH H 4 .  ? 7.923   2.083   9.030   1.00 42.18  ? 848 HOH B O   1 
HETATM 1432 O  O   . HOH H 4 .  ? -6.513  24.676  -6.956  1.00 52.51  ? 849 HOH B O   1 
HETATM 1433 O  O   . HOH H 4 .  ? 0.935   3.849   0.556   1.00 38.21  ? 850 HOH B O   1 
HETATM 1434 O  O   . HOH H 4 .  ? 18.155  12.184  -5.743  1.00 39.02  ? 851 HOH B O   1 
HETATM 1435 O  O   . HOH H 4 .  ? 21.371  -5.937  -6.795  1.00 54.63  ? 852 HOH B O   1 
HETATM 1436 O  O   . HOH H 4 .  ? 21.245  4.895   -4.852  1.00 45.09  ? 853 HOH B O   1 
HETATM 1437 O  O   . HOH H 4 .  ? 18.219  -18.372 -2.858  1.00 39.52  ? 854 HOH B O   1 
HETATM 1438 O  O   . HOH H 4 .  ? 17.969  -13.687 6.062   1.00 35.75  ? 855 HOH B O   1 
HETATM 1439 O  O   . HOH H 4 .  ? 19.593  15.630  -3.505  1.00 43.28  ? 856 HOH B O   1 
HETATM 1440 O  O   . HOH H 4 .  ? 7.205   -6.692  10.751  1.00 42.20  ? 857 HOH B O   1 
HETATM 1441 O  O   . HOH H 4 .  ? 22.501  2.887   -5.995  1.00 40.78  ? 858 HOH B O   1 
HETATM 1442 O  O   . HOH H 4 .  ? 1.559   21.806  -4.180  1.00 40.36  ? 859 HOH B O   1 
HETATM 1443 O  O   . HOH H 4 .  ? 10.459  -3.832  11.093  1.00 40.07  ? 860 HOH B O   1 
HETATM 1444 O  O   . HOH H 4 .  ? 22.462  -0.890  -6.992  1.00 38.90  ? 861 HOH B O   1 
HETATM 1445 O  O   . HOH H 4 .  ? 2.370   11.661  8.303   1.00 38.82  ? 862 HOH B O   1 
HETATM 1446 O  O   . HOH H 4 .  ? 14.242  -18.834 0.820   1.00 40.76  ? 863 HOH B O   1 
HETATM 1447 O  O   . HOH H 4 .  ? 1.926   3.083   3.369   1.00 38.64  ? 864 HOH B O   1 
HETATM 1448 O  O   . HOH H 4 .  ? 24.200  -9.864  0.388   1.00 39.99  ? 865 HOH B O   1 
HETATM 1449 O  O   . HOH H 4 .  ? 3.031   0.328   0.104   1.00 40.75  ? 866 HOH B O   1 
HETATM 1450 O  O   . HOH H 4 .  ? 2.558   15.402  -1.436  1.00 43.58  ? 867 HOH B O   1 
HETATM 1451 O  O   . HOH H 4 .  ? 23.641  -9.048  -3.030  1.00 39.48  ? 868 HOH B O   1 
HETATM 1452 O  O   . HOH H 4 .  ? 22.882  -0.692  -9.583  1.00 39.51  ? 869 HOH B O   1 
HETATM 1453 O  O   . HOH H 4 .  ? 19.528  -16.388 -3.263  1.00 36.56  ? 870 HOH B O   1 
HETATM 1454 O  O   . HOH H 4 .  ? 17.362  17.526  -3.198  1.00 40.88  ? 871 HOH B O   1 
HETATM 1455 O  O   . HOH H 4 .  ? 3.142   -0.991  12.713  1.00 36.72  ? 872 HOH B O   1 
# 
